data_3TD1
# 
_entry.id   3TD1 
# 
_audit_conform.dict_name       mmcif_pdbx.dic 
_audit_conform.dict_version    5.380 
_audit_conform.dict_location   http://mmcif.pdb.org/dictionaries/ascii/mmcif_pdbx.dic 
# 
loop_
_database_2.database_id 
_database_2.database_code 
_database_2.pdbx_database_accession 
_database_2.pdbx_DOI 
PDB   3TD1         pdb_00003td1 10.2210/pdb3td1/pdb 
NDB   NA1271       ?            ?                   
RCSB  RCSB067331   ?            ?                   
WWPDB D_1000067331 ?            ?                   
# 
loop_
_pdbx_database_related.db_name 
_pdbx_database_related.db_id 
_pdbx_database_related.details 
_pdbx_database_related.content_type 
PDB 1MWL 'Crystal structure of the bacterial wild-type ribosomal decoding site in complex with geneticin'        unspecified 
PDB 3TD0 'Crystal structure of the bacterial A1408G-mutant and the protozoa cytoplasmic ribosomal decoding site' unspecified 
# 
_pdbx_database_status.status_code                     REL 
_pdbx_database_status.entry_id                        3TD1 
_pdbx_database_status.recvd_initial_deposition_date   2011-08-10 
_pdbx_database_status.deposit_site                    RCSB 
_pdbx_database_status.process_site                    PDBJ 
_pdbx_database_status.status_code_sf                  REL 
_pdbx_database_status.status_code_mr                  ? 
_pdbx_database_status.SG_entry                        ? 
_pdbx_database_status.status_code_cs                  ? 
_pdbx_database_status.pdb_format_compatible           Y 
_pdbx_database_status.status_code_nmr_data            ? 
_pdbx_database_status.methods_development_category    ? 
# 
_audit_author.name           'Kondo, J.' 
_audit_author.pdbx_ordinal   1 
# 
_citation.id                        primary 
_citation.title                     
;A structural basis for the antibiotic resistance conferred by an A1408G mutation in 16S rRNA and for the antiprotozoal activity of aminoglycosides
;
_citation.journal_abbrev            Angew.Chem.Int.Ed.Engl. 
_citation.journal_volume            51 
_citation.page_first                465 
_citation.page_last                 468 
_citation.year                      2012 
_citation.journal_id_ASTM           ? 
_citation.country                   GE 
_citation.journal_id_ISSN           1433-7851 
_citation.journal_id_CSD            9999 
_citation.book_publisher            ? 
_citation.pdbx_database_id_PubMed   22110016 
_citation.pdbx_database_id_DOI      10.1002/anie.201106084 
# 
_citation_author.citation_id        primary 
_citation_author.name               'Kondo, J.' 
_citation_author.ordinal            1 
_citation_author.identifier_ORCID   ? 
# 
_cell.entry_id           3TD1 
_cell.length_a           33.470 
_cell.length_b           88.300 
_cell.length_c           46.210 
_cell.angle_alpha        90.00 
_cell.angle_beta         90.00 
_cell.angle_gamma        90.00 
_cell.Z_PDB              8 
_cell.pdbx_unique_axis   ? 
_cell.length_a_esd       ? 
_cell.length_b_esd       ? 
_cell.length_c_esd       ? 
_cell.angle_alpha_esd    ? 
_cell.angle_beta_esd     ? 
_cell.angle_gamma_esd    ? 
# 
_symmetry.entry_id                         3TD1 
_symmetry.space_group_name_H-M             'P 21 21 2' 
_symmetry.pdbx_full_space_group_name_H-M   ? 
_symmetry.cell_setting                     ? 
_symmetry.Int_Tables_number                18 
_symmetry.space_group_name_Hall            ? 
# 
loop_
_entity.id 
_entity.type 
_entity.src_method 
_entity.pdbx_description 
_entity.formula_weight 
_entity.pdbx_number_of_molecules 
_entity.pdbx_ec 
_entity.pdbx_mutation 
_entity.pdbx_fragment 
_entity.details 
1 polymer     syn 
;RNA (5'-R(*UP*UP*GP*CP*GP*UP*CP*GP*CP*GP*(5BU)P*CP*GP*AP*CP*GP*AP*AP*GP*UP*CP*GP*C)-3')
;
7450.304 2   ? ? ? ? 
2 non-polymer syn GENETICIN                                                                                 496.552  2   ? ? ? ? 
3 water       nat water                                                                                     18.015   189 ? ? ? ? 
# 
_entity_poly.entity_id                      1 
_entity_poly.type                           polyribonucleotide 
_entity_poly.nstd_linkage                   no 
_entity_poly.nstd_monomer                   yes 
_entity_poly.pdbx_seq_one_letter_code       'UUGCGUCGCG(5BU)CGACGAAGUCGC' 
_entity_poly.pdbx_seq_one_letter_code_can   UUGCGUCGCGUCGACGAAGUCGC 
_entity_poly.pdbx_strand_id                 A,B 
_entity_poly.pdbx_target_identifier         ? 
# 
loop_
_entity_poly_seq.entity_id 
_entity_poly_seq.num 
_entity_poly_seq.mon_id 
_entity_poly_seq.hetero 
1 1  U   n 
1 2  U   n 
1 3  G   n 
1 4  C   n 
1 5  G   n 
1 6  U   n 
1 7  C   n 
1 8  G   n 
1 9  C   n 
1 10 G   n 
1 11 5BU n 
1 12 C   n 
1 13 G   n 
1 14 A   n 
1 15 C   n 
1 16 G   n 
1 17 A   n 
1 18 A   n 
1 19 G   n 
1 20 U   n 
1 21 C   n 
1 22 G   n 
1 23 C   n 
# 
_pdbx_entity_src_syn.entity_id              1 
_pdbx_entity_src_syn.pdbx_src_id            1 
_pdbx_entity_src_syn.pdbx_alt_source_flag   sample 
_pdbx_entity_src_syn.pdbx_beg_seq_num       ? 
_pdbx_entity_src_syn.pdbx_end_seq_num       ? 
_pdbx_entity_src_syn.organism_scientific    ? 
_pdbx_entity_src_syn.organism_common_name   ? 
_pdbx_entity_src_syn.ncbi_taxonomy_id       ? 
_pdbx_entity_src_syn.details                'Synthetic RNA' 
# 
_struct_ref.id                         1 
_struct_ref.db_name                    PDB 
_struct_ref.db_code                    3TD1 
_struct_ref.pdbx_db_accession          3TD1 
_struct_ref.entity_id                  1 
_struct_ref.pdbx_align_begin           ? 
_struct_ref.pdbx_seq_one_letter_code   ? 
_struct_ref.pdbx_db_isoform            ? 
# 
loop_
_struct_ref_seq.align_id 
_struct_ref_seq.ref_id 
_struct_ref_seq.pdbx_PDB_id_code 
_struct_ref_seq.pdbx_strand_id 
_struct_ref_seq.seq_align_beg 
_struct_ref_seq.pdbx_seq_align_beg_ins_code 
_struct_ref_seq.seq_align_end 
_struct_ref_seq.pdbx_seq_align_end_ins_code 
_struct_ref_seq.pdbx_db_accession 
_struct_ref_seq.db_align_beg 
_struct_ref_seq.pdbx_db_align_beg_ins_code 
_struct_ref_seq.db_align_end 
_struct_ref_seq.pdbx_db_align_end_ins_code 
_struct_ref_seq.pdbx_auth_seq_align_beg 
_struct_ref_seq.pdbx_auth_seq_align_end 
1 1 3TD1 A 1 ? 23 ? 3TD1 1  ? 23 ? 1  23 
2 1 3TD1 B 1 ? 23 ? 3TD1 24 ? 46 ? 24 46 
# 
loop_
_chem_comp.id 
_chem_comp.type 
_chem_comp.mon_nstd_flag 
_chem_comp.name 
_chem_comp.pdbx_synonyms 
_chem_comp.formula 
_chem_comp.formula_weight 
5BU 'RNA linking' n "5-BROMO-URIDINE-5'-MONOPHOSPHATE" ?    'C9 H12 Br N2 O9 P' 403.077 
A   'RNA linking' y "ADENOSINE-5'-MONOPHOSPHATE"       ?    'C10 H14 N5 O7 P'   347.221 
C   'RNA linking' y "CYTIDINE-5'-MONOPHOSPHATE"        ?    'C9 H14 N3 O8 P'    323.197 
G   'RNA linking' y "GUANOSINE-5'-MONOPHOSPHATE"       ?    'C10 H14 N5 O8 P'   363.221 
GET non-polymer   . GENETICIN                          G418 'C20 H40 N4 O10'    496.552 
HOH non-polymer   . WATER                              ?    'H2 O'              18.015  
U   'RNA linking' y "URIDINE-5'-MONOPHOSPHATE"         ?    'C9 H13 N2 O9 P'    324.181 
# 
_exptl.entry_id          3TD1 
_exptl.method            'X-RAY DIFFRACTION' 
_exptl.crystals_number   1 
# 
_exptl_crystal.id                    1 
_exptl_crystal.density_meas          ? 
_exptl_crystal.density_Matthews      2.29 
_exptl_crystal.density_percent_sol   46.32 
_exptl_crystal.description           ? 
_exptl_crystal.F_000                 ? 
_exptl_crystal.preparation           ? 
# 
_exptl_crystal_grow.crystal_id      1 
_exptl_crystal_grow.method          'VAPOR DIFFUSION, HANGING DROP' 
_exptl_crystal_grow.temp            293 
_exptl_crystal_grow.temp_details    ? 
_exptl_crystal_grow.pH              7.0 
_exptl_crystal_grow.pdbx_details    
;Sodium Cacodylate, Spermine tetrahydrochloride, Ammonium chloride, 2-methyl-2,4-pentanediol , pH 7.0, VAPOR DIFFUSION, HANGING DROP, temperature 293K
;
_exptl_crystal_grow.pdbx_pH_range   ? 
# 
_diffrn.id                     1 
_diffrn.ambient_temp           100 
_diffrn.ambient_temp_details   ? 
_diffrn.crystal_id             1 
# 
_diffrn_detector.diffrn_id              1 
_diffrn_detector.detector               CCD 
_diffrn_detector.type                   'ADSC QUANTUM 315r' 
_diffrn_detector.pdbx_collection_date   2011-02-26 
_diffrn_detector.details                ? 
# 
_diffrn_radiation.diffrn_id                        1 
_diffrn_radiation.wavelength_id                    1 
_diffrn_radiation.pdbx_monochromatic_or_laue_m_l   M 
_diffrn_radiation.monochromator                    ? 
_diffrn_radiation.pdbx_diffrn_protocol             'SINGLE WAVELENGTH' 
_diffrn_radiation.pdbx_scattering_type             x-ray 
# 
_diffrn_radiation_wavelength.id           1 
_diffrn_radiation_wavelength.wavelength   1.0 
_diffrn_radiation_wavelength.wt           1.0 
# 
_diffrn_source.diffrn_id                   1 
_diffrn_source.source                      SYNCHROTRON 
_diffrn_source.type                        'PHOTON FACTORY BEAMLINE BL-17A' 
_diffrn_source.pdbx_synchrotron_site       'Photon Factory' 
_diffrn_source.pdbx_synchrotron_beamline   BL-17A 
_diffrn_source.pdbx_wavelength             ? 
_diffrn_source.pdbx_wavelength_list        1.0 
# 
_reflns.entry_id                     3TD1 
_reflns.observed_criterion_sigma_I   ? 
_reflns.observed_criterion_sigma_F   ? 
_reflns.d_resolution_low             31.9 
_reflns.d_resolution_high            2.1 
_reflns.number_obs                   8461 
_reflns.number_all                   ? 
_reflns.percent_possible_obs         99.9 
_reflns.pdbx_Rmerge_I_obs            0.065 
_reflns.pdbx_Rsym_value              ? 
_reflns.pdbx_netI_over_sigmaI        ? 
_reflns.B_iso_Wilson_estimate        ? 
_reflns.pdbx_redundancy              6.9 
_reflns.R_free_details               ? 
_reflns.limit_h_max                  ? 
_reflns.limit_h_min                  ? 
_reflns.limit_k_max                  ? 
_reflns.limit_k_min                  ? 
_reflns.limit_l_max                  ? 
_reflns.limit_l_min                  ? 
_reflns.observed_criterion_F_max     ? 
_reflns.observed_criterion_F_min     ? 
_reflns.pdbx_chi_squared             ? 
_reflns.pdbx_scaling_rejects         ? 
_reflns.pdbx_ordinal                 1 
_reflns.pdbx_diffrn_id               1 
# 
_reflns_shell.d_res_high                  2.1 
_reflns_shell.d_res_low                   2.2 
_reflns_shell.percent_possible_all        100.0 
_reflns_shell.Rmerge_I_obs                0.359 
_reflns_shell.pdbx_Rsym_value             ? 
_reflns_shell.meanI_over_sigI_obs         ? 
_reflns_shell.pdbx_redundancy             7.0 
_reflns_shell.percent_possible_obs        ? 
_reflns_shell.number_unique_all           ? 
_reflns_shell.number_measured_all         ? 
_reflns_shell.number_measured_obs         ? 
_reflns_shell.number_unique_obs           ? 
_reflns_shell.pdbx_chi_squared            ? 
_reflns_shell.pdbx_rejects                ? 
_reflns_shell.pdbx_netI_over_sigmaI_obs   ? 
_reflns_shell.number_possible             ? 
_reflns_shell.Rmerge_F_all                ? 
_reflns_shell.Rmerge_F_obs                ? 
_reflns_shell.Rmerge_I_all                ? 
_reflns_shell.meanI_over_sigI_all         ? 
_reflns_shell.pdbx_Rrim_I_all             ? 
_reflns_shell.pdbx_Rpim_I_all             ? 
_reflns_shell.pdbx_ordinal                1 
_reflns_shell.pdbx_diffrn_id              1 
# 
_refine.entry_id                                 3TD1 
_refine.ls_number_reflns_obs                     8457 
_refine.ls_number_reflns_all                     ? 
_refine.pdbx_ls_sigma_I                          ? 
_refine.pdbx_ls_sigma_F                          ? 
_refine.pdbx_data_cutoff_high_absF               ? 
_refine.pdbx_data_cutoff_low_absF                ? 
_refine.pdbx_data_cutoff_high_rms_absF           ? 
_refine.ls_d_res_low                             31.9 
_refine.ls_d_res_high                            2.1 
_refine.ls_percent_reflns_obs                    ? 
_refine.ls_R_factor_obs                          ? 
_refine.ls_R_factor_all                          ? 
_refine.ls_R_factor_R_work                       0.196 
_refine.ls_R_factor_R_free                       0.243 
_refine.ls_R_factor_R_free_error                 ? 
_refine.ls_R_factor_R_free_error_details         ? 
_refine.ls_percent_reflns_R_free                 ? 
_refine.ls_number_reflns_R_free                  ? 
_refine.ls_number_parameters                     ? 
_refine.ls_number_restraints                     ? 
_refine.occupancy_min                            ? 
_refine.occupancy_max                            ? 
_refine.correlation_coeff_Fo_to_Fc               ? 
_refine.correlation_coeff_Fo_to_Fc_free          ? 
_refine.B_iso_mean                               ? 
_refine.aniso_B[1][1]                            ? 
_refine.aniso_B[2][2]                            ? 
_refine.aniso_B[3][3]                            ? 
_refine.aniso_B[1][2]                            ? 
_refine.aniso_B[1][3]                            ? 
_refine.aniso_B[2][3]                            ? 
_refine.solvent_model_details                    ? 
_refine.solvent_model_param_ksol                 ? 
_refine.solvent_model_param_bsol                 ? 
_refine.pdbx_solvent_vdw_probe_radii             ? 
_refine.pdbx_solvent_ion_probe_radii             ? 
_refine.pdbx_solvent_shrinkage_radii             ? 
_refine.pdbx_ls_cross_valid_method               ? 
_refine.details                                  ? 
_refine.pdbx_starting_model                      'PDB entry 1MWL' 
_refine.pdbx_method_to_determine_struct          'MOLECULAR REPLACEMENT' 
_refine.pdbx_isotropic_thermal_model             ? 
_refine.pdbx_stereochemistry_target_values       ? 
_refine.pdbx_stereochem_target_val_spec_case     ? 
_refine.pdbx_R_Free_selection_details            Random 
_refine.pdbx_overall_ESU_R_Free                  ? 
_refine.overall_SU_ML                            ? 
_refine.pdbx_overall_phase_error                 ? 
_refine.overall_SU_B                             ? 
_refine.overall_SU_R_Cruickshank_DPI             ? 
_refine.ls_redundancy_reflns_obs                 ? 
_refine.B_iso_min                                ? 
_refine.B_iso_max                                ? 
_refine.overall_SU_R_free                        ? 
_refine.ls_wR_factor_R_free                      ? 
_refine.ls_wR_factor_R_work                      ? 
_refine.overall_FOM_free_R_set                   ? 
_refine.overall_FOM_work_R_set                   ? 
_refine.pdbx_diffrn_id                           1 
_refine.pdbx_refine_id                           'X-RAY DIFFRACTION' 
_refine.pdbx_overall_ESU_R                       ? 
_refine.pdbx_TLS_residual_ADP_flag               ? 
_refine.pdbx_overall_SU_R_free_Cruickshank_DPI   ? 
_refine.pdbx_overall_SU_R_Blow_DPI               ? 
_refine.pdbx_overall_SU_R_free_Blow_DPI          ? 
# 
_refine_hist.pdbx_refine_id                   'X-RAY DIFFRACTION' 
_refine_hist.cycle_id                         LAST 
_refine_hist.pdbx_number_atoms_protein        0 
_refine_hist.pdbx_number_atoms_nucleic_acid   959 
_refine_hist.pdbx_number_atoms_ligand         68 
_refine_hist.number_atoms_solvent             189 
_refine_hist.number_atoms_total               1216 
_refine_hist.d_res_high                       2.1 
_refine_hist.d_res_low                        31.9 
# 
loop_
_refine_ls_restr.type 
_refine_ls_restr.dev_ideal 
_refine_ls_restr.dev_ideal_target 
_refine_ls_restr.weight 
_refine_ls_restr.number 
_refine_ls_restr.pdbx_restraint_function 
_refine_ls_restr.pdbx_refine_id 
c_bond_d    0.005 ? ? ? ? 'X-RAY DIFFRACTION' 
c_angle_deg 0.8   ? ? ? ? 'X-RAY DIFFRACTION' 
# 
_struct.entry_id                  3TD1 
_struct.title                     
'Crystal structure of the bacterial A1408G-mutant and the protozoa cytoplasmic ribosomal decoding site in complex with geneticin' 
_struct.pdbx_model_details        ? 
_struct.pdbx_CASP_flag            ? 
_struct.pdbx_model_type_details   ? 
# 
_struct_keywords.entry_id        3TD1 
_struct_keywords.pdbx_keywords   RNA/ANTIBIOTIC 
_struct_keywords.text            'decoding, ribosome, RNA-ANTIBIOTIC complex' 
# 
loop_
_struct_asym.id 
_struct_asym.pdbx_blank_PDB_chainid_flag 
_struct_asym.pdbx_modified 
_struct_asym.entity_id 
_struct_asym.details 
A N N 1 ? 
B N N 1 ? 
C N N 2 ? 
D N N 2 ? 
E N N 3 ? 
F N N 3 ? 
# 
_struct_biol.id        1 
_struct_biol.details   ? 
# 
loop_
_struct_conn.id 
_struct_conn.conn_type_id 
_struct_conn.pdbx_leaving_atom_flag 
_struct_conn.pdbx_PDB_id 
_struct_conn.ptnr1_label_asym_id 
_struct_conn.ptnr1_label_comp_id 
_struct_conn.ptnr1_label_seq_id 
_struct_conn.ptnr1_label_atom_id 
_struct_conn.pdbx_ptnr1_label_alt_id 
_struct_conn.pdbx_ptnr1_PDB_ins_code 
_struct_conn.pdbx_ptnr1_standard_comp_id 
_struct_conn.ptnr1_symmetry 
_struct_conn.ptnr2_label_asym_id 
_struct_conn.ptnr2_label_comp_id 
_struct_conn.ptnr2_label_seq_id 
_struct_conn.ptnr2_label_atom_id 
_struct_conn.pdbx_ptnr2_label_alt_id 
_struct_conn.pdbx_ptnr2_PDB_ins_code 
_struct_conn.ptnr1_auth_asym_id 
_struct_conn.ptnr1_auth_comp_id 
_struct_conn.ptnr1_auth_seq_id 
_struct_conn.ptnr2_auth_asym_id 
_struct_conn.ptnr2_auth_comp_id 
_struct_conn.ptnr2_auth_seq_id 
_struct_conn.ptnr2_symmetry 
_struct_conn.pdbx_ptnr3_label_atom_id 
_struct_conn.pdbx_ptnr3_label_seq_id 
_struct_conn.pdbx_ptnr3_label_comp_id 
_struct_conn.pdbx_ptnr3_label_asym_id 
_struct_conn.pdbx_ptnr3_label_alt_id 
_struct_conn.pdbx_ptnr3_PDB_ins_code 
_struct_conn.details 
_struct_conn.pdbx_dist_value 
_struct_conn.pdbx_value_order 
_struct_conn.pdbx_role 
covale1  covale both ? A G   10 "O3'" ? ? ? 1_555 A 5BU 11 P  ? ? A G   10 A 5BU 11 1_555 ? ? ? ? ? ? ?             1.605 ? ? 
covale2  covale both ? A 5BU 11 "O3'" ? ? ? 1_555 A C   12 P  ? ? A 5BU 11 A C   12 1_555 ? ? ? ? ? ? ?             1.608 ? ? 
covale3  covale both ? B G   10 "O3'" ? ? ? 1_555 B 5BU 11 P  ? ? B G   33 B 5BU 34 1_555 ? ? ? ? ? ? ?             1.605 ? ? 
covale4  covale both ? B 5BU 11 "O3'" ? ? ? 1_555 B C   12 P  ? ? B 5BU 34 B C   35 1_555 ? ? ? ? ? ? ?             1.608 ? ? 
hydrog1  hydrog ?    ? A G   3  N1    ? ? ? 1_555 B C   23 N3 ? ? A G   3  B C   46 1_555 ? ? ? ? ? ? WATSON-CRICK  ?     ? ? 
hydrog2  hydrog ?    ? A G   3  N2    ? ? ? 1_555 B C   23 O2 ? ? A G   3  B C   46 1_555 ? ? ? ? ? ? WATSON-CRICK  ?     ? ? 
hydrog3  hydrog ?    ? A G   3  O6    ? ? ? 1_555 B C   23 N4 ? ? A G   3  B C   46 1_555 ? ? ? ? ? ? WATSON-CRICK  ?     ? ? 
hydrog4  hydrog ?    ? A C   4  N3    ? ? ? 1_555 B G   22 N1 ? ? A C   4  B G   45 1_555 ? ? ? ? ? ? WATSON-CRICK  ?     ? ? 
hydrog5  hydrog ?    ? A C   4  N4    ? ? ? 1_555 B G   22 O6 ? ? A C   4  B G   45 1_555 ? ? ? ? ? ? WATSON-CRICK  ?     ? ? 
hydrog6  hydrog ?    ? A C   4  O2    ? ? ? 1_555 B G   22 N2 ? ? A C   4  B G   45 1_555 ? ? ? ? ? ? WATSON-CRICK  ?     ? ? 
hydrog7  hydrog ?    ? A G   5  N1    ? ? ? 1_555 B C   21 N3 ? ? A G   5  B C   44 1_555 ? ? ? ? ? ? WATSON-CRICK  ?     ? ? 
hydrog8  hydrog ?    ? A G   5  N2    ? ? ? 1_555 B C   21 O2 ? ? A G   5  B C   44 1_555 ? ? ? ? ? ? WATSON-CRICK  ?     ? ? 
hydrog9  hydrog ?    ? A G   5  O6    ? ? ? 1_555 B C   21 N4 ? ? A G   5  B C   44 1_555 ? ? ? ? ? ? WATSON-CRICK  ?     ? ? 
hydrog10 hydrog ?    ? A U   6  O4    ? ? ? 1_555 B U   20 N3 ? ? A U   6  B U   43 1_555 ? ? ? ? ? ? 'U-U MISPAIR' ?     ? ? 
hydrog11 hydrog ?    ? A C   7  N3    ? ? ? 1_555 B G   19 N1 ? ? A C   7  B G   42 1_555 ? ? ? ? ? ? WATSON-CRICK  ?     ? ? 
hydrog12 hydrog ?    ? A C   7  N4    ? ? ? 1_555 B G   19 O6 ? ? A C   7  B G   42 1_555 ? ? ? ? ? ? WATSON-CRICK  ?     ? ? 
hydrog13 hydrog ?    ? A C   7  O2    ? ? ? 1_555 B G   19 N2 ? ? A C   7  B G   42 1_555 ? ? ? ? ? ? WATSON-CRICK  ?     ? ? 
hydrog14 hydrog ?    ? A C   9  N3    ? ? ? 1_555 B G   16 N1 ? ? A C   9  B G   39 1_555 ? ? ? ? ? ? WATSON-CRICK  ?     ? ? 
hydrog15 hydrog ?    ? A C   9  N4    ? ? ? 1_555 B G   16 O6 ? ? A C   9  B G   39 1_555 ? ? ? ? ? ? WATSON-CRICK  ?     ? ? 
hydrog16 hydrog ?    ? A C   9  O2    ? ? ? 1_555 B G   16 N2 ? ? A C   9  B G   39 1_555 ? ? ? ? ? ? WATSON-CRICK  ?     ? ? 
hydrog17 hydrog ?    ? A G   10 N1    ? ? ? 1_555 B C   15 N3 ? ? A G   10 B C   38 1_555 ? ? ? ? ? ? WATSON-CRICK  ?     ? ? 
hydrog18 hydrog ?    ? A G   10 N2    ? ? ? 1_555 B C   15 O2 ? ? A G   10 B C   38 1_555 ? ? ? ? ? ? WATSON-CRICK  ?     ? ? 
hydrog19 hydrog ?    ? A G   10 O6    ? ? ? 1_555 B C   15 N4 ? ? A G   10 B C   38 1_555 ? ? ? ? ? ? WATSON-CRICK  ?     ? ? 
hydrog20 hydrog ?    ? A 5BU 11 N3    ? ? ? 1_555 B A   14 N1 ? ? A 5BU 11 B A   37 1_555 ? ? ? ? ? ? WATSON-CRICK  ?     ? ? 
hydrog21 hydrog ?    ? A 5BU 11 O4    ? ? ? 1_555 B A   14 N6 ? ? A 5BU 11 B A   37 1_555 ? ? ? ? ? ? WATSON-CRICK  ?     ? ? 
hydrog22 hydrog ?    ? A C   12 N3    ? ? ? 1_555 B G   13 N1 ? ? A C   12 B G   36 1_555 ? ? ? ? ? ? WATSON-CRICK  ?     ? ? 
hydrog23 hydrog ?    ? A C   12 N4    ? ? ? 1_555 B G   13 O6 ? ? A C   12 B G   36 1_555 ? ? ? ? ? ? WATSON-CRICK  ?     ? ? 
hydrog24 hydrog ?    ? A C   12 O2    ? ? ? 1_555 B G   13 N2 ? ? A C   12 B G   36 1_555 ? ? ? ? ? ? WATSON-CRICK  ?     ? ? 
hydrog25 hydrog ?    ? A G   13 N1    ? ? ? 1_555 B C   12 N3 ? ? A G   13 B C   35 1_555 ? ? ? ? ? ? WATSON-CRICK  ?     ? ? 
hydrog26 hydrog ?    ? A G   13 N2    ? ? ? 1_555 B C   12 O2 ? ? A G   13 B C   35 1_555 ? ? ? ? ? ? WATSON-CRICK  ?     ? ? 
hydrog27 hydrog ?    ? A G   13 O6    ? ? ? 1_555 B C   12 N4 ? ? A G   13 B C   35 1_555 ? ? ? ? ? ? WATSON-CRICK  ?     ? ? 
hydrog28 hydrog ?    ? A A   14 N1    ? ? ? 1_555 B 5BU 11 N3 ? ? A A   14 B 5BU 34 1_555 ? ? ? ? ? ? WATSON-CRICK  ?     ? ? 
hydrog29 hydrog ?    ? A A   14 N6    ? ? ? 1_555 B 5BU 11 O4 ? ? A A   14 B 5BU 34 1_555 ? ? ? ? ? ? WATSON-CRICK  ?     ? ? 
hydrog30 hydrog ?    ? A C   15 N3    ? ? ? 1_555 B G   10 N1 ? ? A C   15 B G   33 1_555 ? ? ? ? ? ? WATSON-CRICK  ?     ? ? 
hydrog31 hydrog ?    ? A C   15 N4    ? ? ? 1_555 B G   10 O6 ? ? A C   15 B G   33 1_555 ? ? ? ? ? ? WATSON-CRICK  ?     ? ? 
hydrog32 hydrog ?    ? A C   15 O2    ? ? ? 1_555 B G   10 N2 ? ? A C   15 B G   33 1_555 ? ? ? ? ? ? WATSON-CRICK  ?     ? ? 
hydrog33 hydrog ?    ? A G   16 N1    ? ? ? 1_555 B C   9  N3 ? ? A G   16 B C   32 1_555 ? ? ? ? ? ? WATSON-CRICK  ?     ? ? 
hydrog34 hydrog ?    ? A G   16 N2    ? ? ? 1_555 B C   9  O2 ? ? A G   16 B C   32 1_555 ? ? ? ? ? ? WATSON-CRICK  ?     ? ? 
hydrog35 hydrog ?    ? A G   16 O6    ? ? ? 1_555 B C   9  N4 ? ? A G   16 B C   32 1_555 ? ? ? ? ? ? WATSON-CRICK  ?     ? ? 
hydrog36 hydrog ?    ? A G   19 N1    ? ? ? 1_555 B C   7  N3 ? ? A G   19 B C   30 1_555 ? ? ? ? ? ? WATSON-CRICK  ?     ? ? 
hydrog37 hydrog ?    ? A G   19 N2    ? ? ? 1_555 B C   7  O2 ? ? A G   19 B C   30 1_555 ? ? ? ? ? ? WATSON-CRICK  ?     ? ? 
hydrog38 hydrog ?    ? A G   19 O6    ? ? ? 1_555 B C   7  N4 ? ? A G   19 B C   30 1_555 ? ? ? ? ? ? WATSON-CRICK  ?     ? ? 
hydrog39 hydrog ?    ? A U   20 N3    ? ? ? 1_555 B U   6  O4 ? ? A U   20 B U   29 1_555 ? ? ? ? ? ? 'U-U MISPAIR' ?     ? ? 
hydrog40 hydrog ?    ? A C   21 N3    ? ? ? 1_555 B G   5  N1 ? ? A C   21 B G   28 1_555 ? ? ? ? ? ? WATSON-CRICK  ?     ? ? 
hydrog41 hydrog ?    ? A C   21 N4    ? ? ? 1_555 B G   5  O6 ? ? A C   21 B G   28 1_555 ? ? ? ? ? ? WATSON-CRICK  ?     ? ? 
hydrog42 hydrog ?    ? A C   21 O2    ? ? ? 1_555 B G   5  N2 ? ? A C   21 B G   28 1_555 ? ? ? ? ? ? WATSON-CRICK  ?     ? ? 
hydrog43 hydrog ?    ? A G   22 N1    ? ? ? 1_555 B C   4  N3 ? ? A G   22 B C   27 1_555 ? ? ? ? ? ? WATSON-CRICK  ?     ? ? 
hydrog44 hydrog ?    ? A G   22 N2    ? ? ? 1_555 B C   4  O2 ? ? A G   22 B C   27 1_555 ? ? ? ? ? ? WATSON-CRICK  ?     ? ? 
hydrog45 hydrog ?    ? A G   22 O6    ? ? ? 1_555 B C   4  N4 ? ? A G   22 B C   27 1_555 ? ? ? ? ? ? WATSON-CRICK  ?     ? ? 
hydrog46 hydrog ?    ? A C   23 N3    ? ? ? 1_555 B G   3  N1 ? ? A C   23 B G   26 1_555 ? ? ? ? ? ? WATSON-CRICK  ?     ? ? 
hydrog47 hydrog ?    ? A C   23 N4    ? ? ? 1_555 B G   3  O6 ? ? A C   23 B G   26 1_555 ? ? ? ? ? ? WATSON-CRICK  ?     ? ? 
hydrog48 hydrog ?    ? A C   23 O2    ? ? ? 1_555 B G   3  N2 ? ? A C   23 B G   26 1_555 ? ? ? ? ? ? WATSON-CRICK  ?     ? ? 
# 
loop_
_struct_conn_type.id 
_struct_conn_type.criteria 
_struct_conn_type.reference 
covale ? ? 
hydrog ? ? 
# 
loop_
_struct_site.id 
_struct_site.pdbx_evidence_code 
_struct_site.pdbx_auth_asym_id 
_struct_site.pdbx_auth_comp_id 
_struct_site.pdbx_auth_seq_id 
_struct_site.pdbx_auth_ins_code 
_struct_site.pdbx_num_residues 
_struct_site.details 
AC1 Software B GET 50 ? 19 'BINDING SITE FOR RESIDUE GET B 50' 
AC2 Software B GET 51 ? 18 'BINDING SITE FOR RESIDUE GET B 51' 
1   ?        ? ?   ?  ? ?  ?                                   
# 
loop_
_struct_site_gen.id 
_struct_site_gen.site_id 
_struct_site_gen.pdbx_num_res 
_struct_site_gen.label_comp_id 
_struct_site_gen.label_asym_id 
_struct_site_gen.label_seq_id 
_struct_site_gen.pdbx_auth_ins_code 
_struct_site_gen.auth_comp_id 
_struct_site_gen.auth_asym_id 
_struct_site_gen.auth_seq_id 
_struct_site_gen.label_atom_id 
_struct_site_gen.label_alt_id 
_struct_site_gen.symmetry 
_struct_site_gen.details 
1  AC1 19 G   A 16 ? G   A 16  . ? 1_555 ? 
2  AC1 19 A   A 17 ? A   A 17  . ? 1_555 ? 
3  AC1 19 A   A 18 ? A   A 18  . ? 1_555 ? 
4  AC1 19 G   A 19 ? G   A 19  . ? 1_555 ? 
5  AC1 19 U   A 20 ? U   A 20  . ? 1_555 ? 
6  AC1 19 HOH E .  ? HOH A 114 . ? 1_555 ? 
7  AC1 19 HOH E .  ? HOH A 135 . ? 1_555 ? 
8  AC1 19 C   B 4  ? C   B 27  . ? 1_555 ? 
9  AC1 19 G   B 5  ? G   B 28  . ? 1_555 ? 
10 AC1 19 U   B 6  ? U   B 29  . ? 1_555 ? 
11 AC1 19 C   B 7  ? C   B 30  . ? 1_555 ? 
12 AC1 19 G   B 8  ? G   B 31  . ? 1_555 ? 
13 AC1 19 C   B 9  ? C   B 32  . ? 1_555 ? 
14 AC1 19 HOH F .  ? HOH B 105 . ? 1_555 ? 
15 AC1 19 HOH F .  ? HOH B 127 . ? 1_555 ? 
16 AC1 19 HOH F .  ? HOH B 147 . ? 1_555 ? 
17 AC1 19 HOH F .  ? HOH B 178 . ? 1_555 ? 
18 AC1 19 HOH F .  ? HOH B 195 . ? 1_555 ? 
19 AC1 19 HOH F .  ? HOH B 222 . ? 1_555 ? 
20 AC2 18 C   A 4  ? C   A 4   . ? 1_555 ? 
21 AC2 18 G   A 5  ? G   A 5   . ? 1_555 ? 
22 AC2 18 U   A 6  ? U   A 6   . ? 1_555 ? 
23 AC2 18 C   A 7  ? C   A 7   . ? 1_555 ? 
24 AC2 18 G   A 8  ? G   A 8   . ? 1_555 ? 
25 AC2 18 C   A 9  ? C   A 9   . ? 1_555 ? 
26 AC2 18 HOH E .  ? HOH A 172 . ? 1_555 ? 
27 AC2 18 G   B 16 ? G   B 39  . ? 1_555 ? 
28 AC2 18 A   B 17 ? A   B 40  . ? 1_555 ? 
29 AC2 18 A   B 18 ? A   B 41  . ? 1_555 ? 
30 AC2 18 G   B 19 ? G   B 42  . ? 1_555 ? 
31 AC2 18 U   B 20 ? U   B 43  . ? 1_555 ? 
32 AC2 18 HOH F .  ? HOH B 110 . ? 1_555 ? 
33 AC2 18 HOH F .  ? HOH B 115 . ? 1_555 ? 
34 AC2 18 HOH F .  ? HOH B 121 . ? 1_555 ? 
35 AC2 18 HOH F .  ? HOH B 130 . ? 1_555 ? 
36 AC2 18 HOH F .  ? HOH B 149 . ? 1_555 ? 
37 AC2 18 HOH F .  ? HOH B 157 . ? 1_555 ? 
# 
_atom_sites.entry_id                    3TD1 
_atom_sites.fract_transf_matrix[1][1]   -0.01654935 
_atom_sites.fract_transf_matrix[1][2]   0.02450374 
_atom_sites.fract_transf_matrix[1][3]   0.00428726 
_atom_sites.fract_transf_matrix[2][1]   -0.00315546 
_atom_sites.fract_transf_matrix[2][2]   -0.00022857 
_atom_sites.fract_transf_matrix[2][3]   -0.01087412 
_atom_sites.fract_transf_matrix[3][1]   -0.01697829 
_atom_sites.fract_transf_matrix[3][2]   -0.01237432 
_atom_sites.fract_transf_matrix[3][3]   0.00518688 
_atom_sites.fract_transf_vector[1]      0.067026 
_atom_sites.fract_transf_vector[2]      0.124177 
_atom_sites.fract_transf_vector[3]      0.465107 
# 
loop_
_atom_type.symbol 
BR 
C  
N  
O  
P  
# 
loop_
_atom_site.group_PDB 
_atom_site.id 
_atom_site.type_symbol 
_atom_site.label_atom_id 
_atom_site.label_alt_id 
_atom_site.label_comp_id 
_atom_site.label_asym_id 
_atom_site.label_entity_id 
_atom_site.label_seq_id 
_atom_site.pdbx_PDB_ins_code 
_atom_site.Cartn_x 
_atom_site.Cartn_y 
_atom_site.Cartn_z 
_atom_site.occupancy 
_atom_site.B_iso_or_equiv 
_atom_site.pdbx_formal_charge 
_atom_site.auth_seq_id 
_atom_site.auth_comp_id 
_atom_site.auth_asym_id 
_atom_site.auth_atom_id 
_atom_site.pdbx_PDB_model_num 
ATOM   1    P  P     . U   A 1 2  ? -19.727 -23.613 6.039   1.00 88.77 ? 2   U   A P     1 
ATOM   2    O  OP1   . U   A 1 2  ? -19.903 -22.109 5.881   1.00 88.97 ? 2   U   A OP1   1 
ATOM   3    O  OP2   . U   A 1 2  ? -21.054 -24.358 6.090   1.00 89.01 ? 2   U   A OP2   1 
ATOM   4    O  "O5'" . U   A 1 2  ? -18.987 -24.130 4.681   1.00 87.10 ? 2   U   A "O5'" 1 
ATOM   5    C  "C5'" . U   A 1 2  ? -17.554 -24.054 4.546   1.00 82.71 ? 2   U   A "C5'" 1 
ATOM   6    C  "C4'" . U   A 1 2  ? -17.176 -23.712 3.126   1.00 78.98 ? 2   U   A "C4'" 1 
ATOM   7    O  "O4'" . U   A 1 2  ? -17.422 -24.837 2.244   1.00 79.37 ? 2   U   A "O4'" 1 
ATOM   8    C  "C3'" . U   A 1 2  ? -17.884 -22.509 2.500   1.00 76.52 ? 2   U   A "C3'" 1 
ATOM   9    O  "O3'" . U   A 1 2  ? -16.919 -21.601 1.978   1.00 71.22 ? 2   U   A "O3'" 1 
ATOM   10   C  "C2'" . U   A 1 2  ? -18.696 -23.127 1.356   1.00 77.46 ? 2   U   A "C2'" 1 
ATOM   11   O  "O2'" . U   A 1 2  ? -18.830 -22.266 0.242   1.00 76.89 ? 2   U   A "O2'" 1 
ATOM   12   C  "C1'" . U   A 1 2  ? -17.839 -24.338 0.996   1.00 78.31 ? 2   U   A "C1'" 1 
ATOM   13   N  N1    . U   A 1 2  ? -18.540 -25.407 0.270   1.00 78.58 ? 2   U   A N1    1 
ATOM   14   C  C2    . U   A 1 2  ? -18.199 -25.604 -1.057  1.00 78.50 ? 2   U   A C2    1 
ATOM   15   O  O2    . U   A 1 2  ? -17.352 -24.936 -1.628  1.00 78.20 ? 2   U   A O2    1 
ATOM   16   N  N3    . U   A 1 2  ? -18.885 -26.611 -1.691  1.00 78.25 ? 2   U   A N3    1 
ATOM   17   C  C4    . U   A 1 2  ? -19.857 -27.423 -1.147  1.00 78.31 ? 2   U   A C4    1 
ATOM   18   O  O4    . U   A 1 2  ? -20.407 -28.264 -1.859  1.00 78.21 ? 2   U   A O4    1 
ATOM   19   C  C5    . U   A 1 2  ? -20.152 -27.164 0.232   1.00 78.29 ? 2   U   A C5    1 
ATOM   20   C  C6    . U   A 1 2  ? -19.499 -26.188 0.877   1.00 78.72 ? 2   U   A C6    1 
ATOM   21   P  P     . G   A 1 3  ? -16.830 -20.103 2.558   1.00 67.58 ? 3   G   A P     1 
ATOM   22   O  OP1   . G   A 1 3  ? -18.208 -19.681 2.923   1.00 67.60 ? 3   G   A OP1   1 
ATOM   23   O  OP2   . G   A 1 3  ? -16.043 -19.290 1.595   1.00 67.14 ? 3   G   A OP2   1 
ATOM   24   O  "O5'" . G   A 1 3  ? -15.974 -20.254 3.894   1.00 62.44 ? 3   G   A "O5'" 1 
ATOM   25   C  "C5'" . G   A 1 3  ? -16.605 -20.356 5.170   1.00 54.94 ? 3   G   A "C5'" 1 
ATOM   26   C  "C4'" . G   A 1 3  ? -15.658 -20.979 6.169   1.00 49.56 ? 3   G   A "C4'" 1 
ATOM   27   O  "O4'" . G   A 1 3  ? -15.457 -22.381 5.849   1.00 46.93 ? 3   G   A "O4'" 1 
ATOM   28   C  "C3'" . G   A 1 3  ? -14.261 -20.381 6.203   1.00 47.33 ? 3   G   A "C3'" 1 
ATOM   29   O  "O3'" . G   A 1 3  ? -14.231 -19.243 7.054   1.00 46.73 ? 3   G   A "O3'" 1 
ATOM   30   C  "C2'" . G   A 1 3  ? -13.422 -21.537 6.740   1.00 46.80 ? 3   G   A "C2'" 1 
ATOM   31   O  "O2'" . G   A 1 3  ? -13.445 -21.665 8.147   1.00 46.08 ? 3   G   A "O2'" 1 
ATOM   32   C  "C1'" . G   A 1 3  ? -14.104 -22.739 6.087   1.00 45.49 ? 3   G   A "C1'" 1 
ATOM   33   N  N9    . G   A 1 3  ? -13.496 -23.116 4.815   1.00 44.38 ? 3   G   A N9    1 
ATOM   34   C  C8    . G   A 1 3  ? -14.047 -23.008 3.559   1.00 42.70 ? 3   G   A C8    1 
ATOM   35   N  N7    . G   A 1 3  ? -13.255 -23.432 2.613   1.00 42.56 ? 3   G   A N7    1 
ATOM   36   C  C5    . G   A 1 3  ? -12.110 -23.843 3.284   1.00 43.06 ? 3   G   A C5    1 
ATOM   37   C  C6    . G   A 1 3  ? -10.901 -24.398 2.789   1.00 41.52 ? 3   G   A C6    1 
ATOM   38   O  O6    . G   A 1 3  ? -10.594 -24.654 1.619   1.00 41.00 ? 3   G   A O6    1 
ATOM   39   N  N1    . G   A 1 3  ? -10.002 -24.666 3.818   1.00 40.37 ? 3   G   A N1    1 
ATOM   40   C  C2    . G   A 1 3  ? -10.235 -24.434 5.152   1.00 41.65 ? 3   G   A C2    1 
ATOM   41   N  N2    . G   A 1 3  ? -9.242  -24.750 5.996   1.00 40.58 ? 3   G   A N2    1 
ATOM   42   N  N3    . G   A 1 3  ? -11.359 -23.925 5.626   1.00 43.45 ? 3   G   A N3    1 
ATOM   43   C  C4    . G   A 1 3  ? -12.244 -23.653 4.644   1.00 42.87 ? 3   G   A C4    1 
ATOM   44   P  P     . C   A 1 4  ? -13.182 -18.057 6.769   1.00 45.11 ? 4   C   A P     1 
ATOM   45   O  OP1   . C   A 1 4  ? -13.500 -16.956 7.717   1.00 46.41 ? 4   C   A OP1   1 
ATOM   46   O  OP2   . C   A 1 4  ? -13.143 -17.780 5.313   1.00 42.01 ? 4   C   A OP2   1 
ATOM   47   O  "O5'" . C   A 1 4  ? -11.784 -18.685 7.194   1.00 45.02 ? 4   C   A "O5'" 1 
ATOM   48   C  "C5'" . C   A 1 4  ? -11.515 -19.007 8.552   1.00 43.82 ? 4   C   A "C5'" 1 
ATOM   49   C  "C4'" . C   A 1 4  ? -10.131 -19.588 8.680   1.00 41.39 ? 4   C   A "C4'" 1 
ATOM   50   O  "O4'" . C   A 1 4  ? -10.084 -20.902 8.059   1.00 40.43 ? 4   C   A "O4'" 1 
ATOM   51   C  "C3'" . C   A 1 4  ? -9.040  -18.825 7.955   1.00 41.83 ? 4   C   A "C3'" 1 
ATOM   52   O  "O3'" . C   A 1 4  ? -8.619  -17.669 8.660   1.00 40.06 ? 4   C   A "O3'" 1 
ATOM   53   C  "C2'" . C   A 1 4  ? -7.962  -19.889 7.847   1.00 40.87 ? 4   C   A "C2'" 1 
ATOM   54   O  "O2'" . C   A 1 4  ? -7.312  -20.118 9.074   1.00 41.93 ? 4   C   A "O2'" 1 
ATOM   55   C  "C1'" . C   A 1 4  ? -8.808  -21.104 7.467   1.00 40.38 ? 4   C   A "C1'" 1 
ATOM   56   N  N1    . C   A 1 4  ? -8.984  -21.214 6.011   1.00 40.15 ? 4   C   A N1    1 
ATOM   57   C  C2    . C   A 1 4  ? -7.937  -21.737 5.250   1.00 40.00 ? 4   C   A C2    1 
ATOM   58   O  O2    . C   A 1 4  ? -6.909  -22.115 5.831   1.00 41.74 ? 4   C   A O2    1 
ATOM   59   N  N3    . C   A 1 4  ? -8.070  -21.819 3.904   1.00 38.03 ? 4   C   A N3    1 
ATOM   60   C  C4    . C   A 1 4  ? -9.197  -21.408 3.320   1.00 37.48 ? 4   C   A C4    1 
ATOM   61   N  N4    . C   A 1 4  ? -9.279  -21.498 1.987   1.00 36.31 ? 4   C   A N4    1 
ATOM   62   C  C5    . C   A 1 4  ? -10.288 -20.883 4.071   1.00 38.93 ? 4   C   A C5    1 
ATOM   63   C  C6    . C   A 1 4  ? -10.140 -20.804 5.403   1.00 40.34 ? 4   C   A C6    1 
ATOM   64   P  P     . G   A 1 5  ? -8.158  -16.369 7.832   1.00 42.48 ? 5   G   A P     1 
ATOM   65   O  OP1   . G   A 1 5  ? -8.127  -15.212 8.766   1.00 41.09 ? 5   G   A OP1   1 
ATOM   66   O  OP2   . G   A 1 5  ? -8.994  -16.292 6.602   1.00 40.19 ? 5   G   A OP2   1 
ATOM   67   O  "O5'" . G   A 1 5  ? -6.665  -16.704 7.383   1.00 41.40 ? 5   G   A "O5'" 1 
ATOM   68   C  "C5'" . G   A 1 5  ? -5.633  -16.878 8.345   1.00 40.84 ? 5   G   A "C5'" 1 
ATOM   69   C  "C4'" . G   A 1 5  ? -4.415  -17.505 7.706   1.00 41.00 ? 5   G   A "C4'" 1 
ATOM   70   O  "O4'" . G   A 1 5  ? -4.725  -18.851 7.243   1.00 41.53 ? 5   G   A "O4'" 1 
ATOM   71   C  "C3'" . G   A 1 5  ? -3.849  -16.830 6.469   1.00 41.83 ? 5   G   A "C3'" 1 
ATOM   72   O  "O3'" . G   A 1 5  ? -3.056  -15.693 6.789   1.00 43.51 ? 5   G   A "O3'" 1 
ATOM   73   C  "C2'" . G   A 1 5  ? -3.018  -17.961 5.882   1.00 42.25 ? 5   G   A "C2'" 1 
ATOM   74   O  "O2'" . G   A 1 5  ? -1.810  -18.212 6.571   1.00 45.11 ? 5   G   A "O2'" 1 
ATOM   75   C  "C1'" . G   A 1 5  ? -3.973  -19.137 6.069   1.00 40.17 ? 5   G   A "C1'" 1 
ATOM   76   N  N9    . G   A 1 5  ? -4.893  -19.217 4.940   1.00 37.87 ? 5   G   A N9    1 
ATOM   77   C  C8    . G   A 1 5  ? -6.226  -18.888 4.932   1.00 36.15 ? 5   G   A C8    1 
ATOM   78   N  N7    . G   A 1 5  ? -6.777  -19.011 3.755   1.00 35.77 ? 5   G   A N7    1 
ATOM   79   C  C5    . G   A 1 5  ? -5.746  -19.456 2.936   1.00 35.08 ? 5   G   A C5    1 
ATOM   80   C  C6    . G   A 1 5  ? -5.739  -19.747 1.548   1.00 33.83 ? 5   G   A C6    1 
ATOM   81   O  O6    . G   A 1 5  ? -6.673  -19.667 0.740   1.00 32.73 ? 5   G   A O6    1 
ATOM   82   N  N1    . G   A 1 5  ? -4.485  -20.166 1.120   1.00 32.21 ? 5   G   A N1    1 
ATOM   83   C  C2    . G   A 1 5  ? -3.378  -20.293 1.922   1.00 35.43 ? 5   G   A C2    1 
ATOM   84   N  N2    . G   A 1 5  ? -2.256  -20.724 1.316   1.00 33.43 ? 5   G   A N2    1 
ATOM   85   N  N3    . G   A 1 5  ? -3.370  -20.020 3.220   1.00 34.25 ? 5   G   A N3    1 
ATOM   86   C  C4    . G   A 1 5  ? -4.580  -19.605 3.654   1.00 35.68 ? 5   G   A C4    1 
ATOM   87   P  P     . U   A 1 6  ? -2.784  -14.569 5.669   1.00 45.61 ? 6   U   A P     1 
ATOM   88   O  OP1   . U   A 1 6  ? -2.068  -13.445 6.319   1.00 47.08 ? 6   U   A OP1   1 
ATOM   89   O  OP2   . U   A 1 6  ? -4.057  -14.306 4.954   1.00 46.03 ? 6   U   A OP2   1 
ATOM   90   O  "O5'" . U   A 1 6  ? -1.774  -15.257 4.648   1.00 44.95 ? 6   U   A "O5'" 1 
ATOM   91   C  "C5'" . U   A 1 6  ? -0.448  -15.592 5.046   1.00 46.32 ? 6   U   A "C5'" 1 
ATOM   92   C  "C4'" . U   A 1 6  ? 0.327   -16.158 3.878   1.00 46.14 ? 6   U   A "C4'" 1 
ATOM   93   O  "O4'" . U   A 1 6  ? -0.335  -17.358 3.386   1.00 45.61 ? 6   U   A "O4'" 1 
ATOM   94   C  "C3'" . U   A 1 6  ? 0.410   -15.297 2.631   1.00 46.02 ? 6   U   A "C3'" 1 
ATOM   95   O  "O3'" . U   A 1 6  ? 1.369   -14.256 2.733   1.00 45.22 ? 6   U   A "O3'" 1 
ATOM   96   C  "C2'" . U   A 1 6  ? 0.810   -16.329 1.589   1.00 45.64 ? 6   U   A "C2'" 1 
ATOM   97   O  "O2'" . U   A 1 6  ? 2.175   -16.680 1.652   1.00 46.89 ? 6   U   A "O2'" 1 
ATOM   98   C  "C1'" . U   A 1 6  ? -0.078  -17.506 1.995   1.00 44.64 ? 6   U   A "C1'" 1 
ATOM   99   N  N1    . U   A 1 6  ? -1.360  -17.474 1.275   1.00 43.49 ? 6   U   A N1    1 
ATOM   100  C  C2    . U   A 1 6  ? -1.353  -17.873 -0.045  1.00 41.62 ? 6   U   A C2    1 
ATOM   101  O  O2    . U   A 1 6  ? -0.356  -18.298 -0.594  1.00 43.54 ? 6   U   A O2    1 
ATOM   102  N  N3    . U   A 1 6  ? -2.557  -17.760 -0.696  1.00 40.78 ? 6   U   A N3    1 
ATOM   103  C  C4    . U   A 1 6  ? -3.751  -17.310 -0.165  1.00 40.48 ? 6   U   A C4    1 
ATOM   104  O  O4    . U   A 1 6  ? -4.731  -17.188 -0.901  1.00 39.44 ? 6   U   A O4    1 
ATOM   105  C  C5    . U   A 1 6  ? -3.689  -16.947 1.222   1.00 41.29 ? 6   U   A C5    1 
ATOM   106  C  C6    . U   A 1 6  ? -2.524  -17.041 1.879   1.00 42.47 ? 6   U   A C6    1 
ATOM   107  P  P     . C   A 1 7  ? 1.098   -12.862 1.976   1.00 45.19 ? 7   C   A P     1 
ATOM   108  O  OP1   . C   A 1 7  ? 2.262   -11.973 2.197   1.00 46.75 ? 7   C   A OP1   1 
ATOM   109  O  OP2   . C   A 1 7  ? -0.261  -12.408 2.374   1.00 44.78 ? 7   C   A OP2   1 
ATOM   110  O  "O5'" . C   A 1 7  ? 1.075   -13.251 0.432   1.00 41.99 ? 7   C   A "O5'" 1 
ATOM   111  C  "C5'" . C   A 1 7  ? 2.213   -13.842 -0.188  1.00 39.96 ? 7   C   A "C5'" 1 
ATOM   112  C  "C4'" . C   A 1 7  ? 1.901   -14.210 -1.622  1.00 38.43 ? 7   C   A "C4'" 1 
ATOM   113  O  "O4'" . C   A 1 7  ? 0.823   -15.189 -1.670  1.00 37.00 ? 7   C   A "O4'" 1 
ATOM   114  C  "C3'" . C   A 1 7  ? 1.379   -13.093 -2.503  1.00 36.80 ? 7   C   A "C3'" 1 
ATOM   115  O  "O3'" . C   A 1 7  ? 2.415   -12.232 -2.940  1.00 37.23 ? 7   C   A "O3'" 1 
ATOM   116  C  "C2'" . C   A 1 7  ? 0.749   -13.876 -3.646  1.00 35.00 ? 7   C   A "C2'" 1 
ATOM   117  O  "O2'" . C   A 1 7  ? 1.681   -14.356 -4.597  1.00 33.34 ? 7   C   A "O2'" 1 
ATOM   118  C  "C1'" . C   A 1 7  ? 0.092   -15.027 -2.880  1.00 34.32 ? 7   C   A "C1'" 1 
ATOM   119  N  N1    . C   A 1 7  ? -1.306  -14.717 -2.546  1.00 31.66 ? 7   C   A N1    1 
ATOM   120  C  C2    . C   A 1 7  ? -2.234  -14.650 -3.581  1.00 31.71 ? 7   C   A C2    1 
ATOM   121  O  O2    . C   A 1 7  ? -1.854  -14.900 -4.739  1.00 30.27 ? 7   C   A O2    1 
ATOM   122  N  N3    . C   A 1 7  ? -3.519  -14.318 -3.304  1.00 30.06 ? 7   C   A N3    1 
ATOM   123  C  C4    . C   A 1 7  ? -3.886  -14.066 -2.049  1.00 31.01 ? 7   C   A C4    1 
ATOM   124  N  N4    . C   A 1 7  ? -5.164  -13.719 -1.827  1.00 29.03 ? 7   C   A N4    1 
ATOM   125  C  C5    . C   A 1 7  ? -2.961  -14.151 -0.964  1.00 30.56 ? 7   C   A C5    1 
ATOM   126  C  C6    . C   A 1 7  ? -1.693  -14.479 -1.256  1.00 30.34 ? 7   C   A C6    1 
ATOM   127  P  P     . G   A 1 8  ? 2.094   -10.679 -3.166  1.00 39.25 ? 8   G   A P     1 
ATOM   128  O  OP1   . G   A 1 8  ? 3.357   -9.973  -3.494  1.00 40.63 ? 8   G   A OP1   1 
ATOM   129  O  OP2   . G   A 1 8  ? 1.274   -10.225 -2.014  1.00 37.25 ? 8   G   A OP2   1 
ATOM   130  O  "O5'" . G   A 1 8  ? 1.194   -10.676 -4.477  1.00 38.62 ? 8   G   A "O5'" 1 
ATOM   131  C  "C5'" . G   A 1 8  ? 1.685   -11.229 -5.690  1.00 36.70 ? 8   G   A "C5'" 1 
ATOM   132  C  "C4'" . G   A 1 8  ? 0.615   -11.187 -6.746  1.00 35.36 ? 8   G   A "C4'" 1 
ATOM   133  O  "O4'" . G   A 1 8  ? -0.457  -12.100 -6.405  1.00 33.77 ? 8   G   A "O4'" 1 
ATOM   134  C  "C3'" . G   A 1 8  ? -0.091  -9.854  -6.889  1.00 35.34 ? 8   G   A "C3'" 1 
ATOM   135  O  "O3'" . G   A 1 8  ? 0.679   -8.953  -7.668  1.00 37.34 ? 8   G   A "O3'" 1 
ATOM   136  C  "C2'" . G   A 1 8  ? -1.372  -10.264 -7.596  1.00 34.57 ? 8   G   A "C2'" 1 
ATOM   137  O  "O2'" . G   A 1 8  ? -1.195  -10.464 -8.983  1.00 37.74 ? 8   G   A "O2'" 1 
ATOM   138  C  "C1'" . G   A 1 8  ? -1.684  -11.588 -6.899  1.00 32.73 ? 8   G   A "C1'" 1 
ATOM   139  N  N9    . G   A 1 8  ? -2.594  -11.405 -5.773  1.00 30.75 ? 8   G   A N9    1 
ATOM   140  C  C8    . G   A 1 8  ? -2.269  -11.324 -4.438  1.00 29.52 ? 8   G   A C8    1 
ATOM   141  N  N7    . G   A 1 8  ? -3.309  -11.136 -3.667  1.00 30.36 ? 8   G   A N7    1 
ATOM   142  C  C5    . G   A 1 8  ? -4.385  -11.098 -4.548  1.00 29.66 ? 8   G   A C5    1 
ATOM   143  C  C6    . G   A 1 8  ? -5.772  -10.922 -4.302  1.00 28.88 ? 8   G   A C6    1 
ATOM   144  O  O6    . G   A 1 8  ? -6.351  -10.756 -3.218  1.00 27.31 ? 8   G   A O6    1 
ATOM   145  N  N1    . G   A 1 8  ? -6.510  -10.948 -5.485  1.00 27.38 ? 8   G   A N1    1 
ATOM   146  C  C2    . G   A 1 8  ? -5.983  -11.115 -6.743  1.00 27.99 ? 8   G   A C2    1 
ATOM   147  N  N2    . G   A 1 8  ? -6.863  -11.089 -7.761  1.00 24.89 ? 8   G   A N2    1 
ATOM   148  N  N3    . G   A 1 8  ? -4.692  -11.288 -6.986  1.00 26.11 ? 8   G   A N3    1 
ATOM   149  C  C4    . G   A 1 8  ? -3.958  -11.266 -5.852  1.00 29.53 ? 8   G   A C4    1 
ATOM   150  P  P     . C   A 1 9  ? 0.672   -7.389  -7.305  1.00 40.00 ? 9   C   A P     1 
ATOM   151  O  OP1   . C   A 1 9  ? 1.701   -6.743  -8.156  1.00 40.40 ? 9   C   A OP1   1 
ATOM   152  O  OP2   . C   A 1 9  ? 0.735   -7.237  -5.827  1.00 37.78 ? 9   C   A OP2   1 
ATOM   153  O  "O5'" . C   A 1 9  ? -0.757  -6.889  -7.799  1.00 38.20 ? 9   C   A "O5'" 1 
ATOM   154  C  "C5'" . C   A 1 9  ? -1.060  -6.823  -9.185  1.00 36.67 ? 9   C   A "C5'" 1 
ATOM   155  C  "C4'" . C   A 1 9  ? -2.478  -6.362  -9.382  1.00 35.48 ? 9   C   A "C4'" 1 
ATOM   156  O  "O4'" . C   A 1 9  ? -3.392  -7.353  -8.841  1.00 35.05 ? 9   C   A "O4'" 1 
ATOM   157  C  "C3'" . C   A 1 9  ? -2.867  -5.097  -8.640  1.00 35.13 ? 9   C   A "C3'" 1 
ATOM   158  O  "O3'" . C   A 1 9  ? -2.424  -3.928  -9.315  1.00 37.95 ? 9   C   A "O3'" 1 
ATOM   159  C  "C2'" . C   A 1 9  ? -4.379  -5.212  -8.648  1.00 34.13 ? 9   C   A "C2'" 1 
ATOM   160  O  "O2'" . C   A 1 9  ? -4.917  -4.935  -9.922  1.00 35.88 ? 9   C   A "O2'" 1 
ATOM   161  C  "C1'" . C   A 1 9  ? -4.547  -6.700  -8.336  1.00 32.88 ? 9   C   A "C1'" 1 
ATOM   162  N  N1    . C   A 1 9  ? -4.631  -6.957  -6.892  1.00 30.24 ? 9   C   A N1    1 
ATOM   163  C  C2    . C   A 1 9  ? -5.820  -6.646  -6.232  1.00 26.99 ? 9   C   A C2    1 
ATOM   164  O  O2    . C   A 1 9  ? -6.747  -6.140  -6.882  1.00 25.65 ? 9   C   A O2    1 
ATOM   165  N  N3    . C   A 1 9  ? -5.929  -6.898  -4.909  1.00 23.14 ? 9   C   A N3    1 
ATOM   166  C  C4    . C   A 1 9  ? -4.901  -7.427  -4.243  1.00 25.16 ? 9   C   A C4    1 
ATOM   167  N  N4    . C   A 1 9  ? -5.059  -7.662  -2.936  1.00 25.53 ? 9   C   A N4    1 
ATOM   168  C  C5    . C   A 1 9  ? -3.664  -7.739  -4.887  1.00 27.43 ? 9   C   A C5    1 
ATOM   169  C  C6    . C   A 1 9  ? -3.575  -7.490  -6.203  1.00 28.56 ? 9   C   A C6    1 
ATOM   170  P  P     . G   A 1 10 ? -1.914  -2.665  -8.461  1.00 39.52 ? 10  G   A P     1 
ATOM   171  O  OP1   . G   A 1 10 ? -1.134  -1.808  -9.384  1.00 40.78 ? 10  G   A OP1   1 
ATOM   172  O  OP2   . G   A 1 10 ? -1.296  -3.148  -7.200  1.00 36.69 ? 10  G   A OP2   1 
ATOM   173  O  "O5'" . G   A 1 10 ? -3.245  -1.888  -8.063  1.00 37.95 ? 10  G   A "O5'" 1 
ATOM   174  C  "C5'" . G   A 1 10 ? -4.203  -1.523  -9.048  1.00 37.94 ? 10  G   A "C5'" 1 
ATOM   175  C  "C4'" . G   A 1 10 ? -5.528  -1.234  -8.390  1.00 35.97 ? 10  G   A "C4'" 1 
ATOM   176  O  "O4'" . G   A 1 10 ? -5.961  -2.418  -7.673  1.00 36.18 ? 10  G   A "O4'" 1 
ATOM   177  C  "C3'" . G   A 1 10 ? -5.501  -0.181  -7.298  1.00 34.96 ? 10  G   A "C3'" 1 
ATOM   178  O  "O3'" . G   A 1 10 ? -5.570  1.123   -7.856  1.00 37.38 ? 10  G   A "O3'" 1 
ATOM   179  C  "C2'" . G   A 1 10 ? -6.770  -0.507  -6.522  1.00 34.13 ? 10  G   A "C2'" 1 
ATOM   180  O  "O2'" . G   A 1 10 ? -7.929  -0.015  -7.154  1.00 31.99 ? 10  G   A "O2'" 1 
ATOM   181  C  "C1'" . G   A 1 10 ? -6.779  -2.032  -6.582  1.00 33.07 ? 10  G   A "C1'" 1 
ATOM   182  N  N9    . G   A 1 10 ? -6.278  -2.681  -5.376  1.00 32.32 ? 10  G   A N9    1 
ATOM   183  C  C8    . G   A 1 10 ? -5.117  -3.404  -5.239  1.00 31.95 ? 10  G   A C8    1 
ATOM   184  N  N7    . G   A 1 10 ? -4.966  -3.908  -4.043  1.00 32.06 ? 10  G   A N7    1 
ATOM   185  C  C5    . G   A 1 10 ? -6.093  -3.486  -3.347  1.00 30.94 ? 10  G   A C5    1 
ATOM   186  C  C6    . G   A 1 10 ? -6.498  -3.739  -2.011  1.00 29.63 ? 10  G   A C6    1 
ATOM   187  O  O6    . G   A 1 10 ? -5.937  -4.423  -1.157  1.00 28.77 ? 10  G   A O6    1 
ATOM   188  N  N1    . G   A 1 10 ? -7.699  -3.107  -1.711  1.00 30.45 ? 10  G   A N1    1 
ATOM   189  C  C2    . G   A 1 10 ? -8.427  -2.338  -2.584  1.00 29.97 ? 10  G   A C2    1 
ATOM   190  N  N2    . G   A 1 10 ? -9.554  -1.800  -2.098  1.00 28.79 ? 10  G   A N2    1 
ATOM   191  N  N3    . G   A 1 10 ? -8.074  -2.110  -3.838  1.00 31.13 ? 10  G   A N3    1 
ATOM   192  C  C4    . G   A 1 10 ? -6.902  -2.712  -4.150  1.00 31.34 ? 10  G   A C4    1 
HETATM 193  P  P     . 5BU A 1 11 ? -5.088  2.384   -6.987  1.00 37.25 ? 11  5BU A P     1 
HETATM 194  O  OP1   . 5BU A 1 11 ? -5.206  3.579   -7.862  1.00 37.94 ? 11  5BU A OP1   1 
HETATM 195  O  OP2   . 5BU A 1 11 ? -3.777  2.045   -6.371  1.00 37.42 ? 11  5BU A OP2   1 
HETATM 196  O  "O5'" . 5BU A 1 11 ? -6.184  2.519   -5.837  1.00 37.21 ? 11  5BU A "O5'" 1 
HETATM 197  C  "C5'" . 5BU A 1 11 ? -7.489  3.007   -6.143  1.00 37.46 ? 11  5BU A "C5'" 1 
HETATM 198  C  "C4'" . 5BU A 1 11 ? -8.322  3.123   -4.891  1.00 36.77 ? 11  5BU A "C4'" 1 
HETATM 199  O  "O4'" . 5BU A 1 11 ? -8.590  1.810   -4.327  1.00 36.45 ? 11  5BU A "O4'" 1 
HETATM 200  C  "C3'" . 5BU A 1 11 ? -7.709  3.878   -3.728  1.00 37.21 ? 11  5BU A "C3'" 1 
HETATM 201  O  "O3'" . 5BU A 1 11 ? -7.767  5.285   -3.915  1.00 38.33 ? 11  5BU A "O3'" 1 
HETATM 202  C  "C2'" . 5BU A 1 11 ? -8.594  3.410   -2.584  1.00 36.81 ? 11  5BU A "C2'" 1 
HETATM 203  O  "O2'" . 5BU A 1 11 ? -9.880  3.996   -2.608  1.00 36.08 ? 11  5BU A "O2'" 1 
HETATM 204  C  "C1'" . 5BU A 1 11 ? -8.711  1.922   -2.914  1.00 36.42 ? 11  5BU A "C1'" 1 
HETATM 205  N  N1    . 5BU A 1 11 ? -7.643  1.128   -2.288  1.00 35.67 ? 11  5BU A N1    1 
HETATM 206  C  C2    . 5BU A 1 11 ? -7.805  0.775   -0.964  1.00 36.08 ? 11  5BU A C2    1 
HETATM 207  O  O2    . 5BU A 1 11 ? -8.769  1.124   -0.302  1.00 33.96 ? 11  5BU A O2    1 
HETATM 208  N  N3    . 5BU A 1 11 ? -6.792  0.007   -0.439  1.00 35.34 ? 11  5BU A N3    1 
HETATM 209  C  C4    . 5BU A 1 11 ? -5.659  -0.425  -1.091  1.00 36.99 ? 11  5BU A C4    1 
HETATM 210  O  O4    . 5BU A 1 11 ? -4.875  -1.176  -0.508  1.00 36.75 ? 11  5BU A O4    1 
HETATM 211  C  C5    . 5BU A 1 11 ? -5.554  0.010   -2.452  1.00 37.66 ? 11  5BU A C5    1 
HETATM 212  C  C6    . 5BU A 1 11 ? -6.529  0.746   -2.992  1.00 36.42 ? 11  5BU A C6    1 
HETATM 213  BR BR    . 5BU A 1 11 ? -4.021  -0.375  -3.447  1.00 44.13 ? 11  5BU A BR    1 
ATOM   214  P  P     . C   A 1 12 ? -6.674  6.223   -3.199  1.00 38.70 ? 12  C   A P     1 
ATOM   215  O  OP1   . C   A 1 12 ? -6.926  7.607   -3.659  1.00 40.14 ? 12  C   A OP1   1 
ATOM   216  O  OP2   . C   A 1 12 ? -5.332  5.623   -3.391  1.00 40.21 ? 12  C   A OP2   1 
ATOM   217  O  "O5'" . C   A 1 12 ? -7.047  6.125   -1.654  1.00 38.40 ? 12  C   A "O5'" 1 
ATOM   218  C  "C5'" . C   A 1 12 ? -8.305  6.591   -1.180  1.00 38.67 ? 12  C   A "C5'" 1 
ATOM   219  C  "C4'" . C   A 1 12 ? -8.476  6.254   0.281   1.00 38.91 ? 12  C   A "C4'" 1 
ATOM   220  O  "O4'" . C   A 1 12 ? -8.592  4.816   0.457   1.00 38.23 ? 12  C   A "O4'" 1 
ATOM   221  C  "C3'" . C   A 1 12 ? -7.336  6.635   1.210   1.00 39.04 ? 12  C   A "C3'" 1 
ATOM   222  O  "O3'" . C   A 1 12 ? -7.342  8.020   1.546   1.00 39.96 ? 12  C   A "O3'" 1 
ATOM   223  C  "C2'" . C   A 1 12 ? -7.632  5.747   2.405   1.00 37.90 ? 12  C   A "C2'" 1 
ATOM   224  O  "O2'" . C   A 1 12 ? -8.723  6.205   3.172   1.00 39.99 ? 12  C   A "O2'" 1 
ATOM   225  C  "C1'" . C   A 1 12 ? -8.015  4.446   1.700   1.00 36.98 ? 12  C   A "C1'" 1 
ATOM   226  N  N1    . C   A 1 12 ? -6.835  3.605   1.445   1.00 33.47 ? 12  C   A N1    1 
ATOM   227  C  C2    . C   A 1 12 ? -6.382  2.776   2.470   1.00 32.33 ? 12  C   A C2    1 
ATOM   228  O  O2    . C   A 1 12 ? -7.008  2.753   3.541   1.00 30.47 ? 12  C   A O2    1 
ATOM   229  N  N3    . C   A 1 12 ? -5.276  2.023   2.276   1.00 31.62 ? 12  C   A N3    1 
ATOM   230  C  C4    . C   A 1 12 ? -4.634  2.073   1.109   1.00 30.29 ? 12  C   A C4    1 
ATOM   231  N  N4    . C   A 1 12 ? -3.536  1.323   0.974   1.00 27.85 ? 12  C   A N4    1 
ATOM   232  C  C5    . C   A 1 12 ? -5.085  2.896   0.035   1.00 30.74 ? 12  C   A C5    1 
ATOM   233  C  C6    . C   A 1 12 ? -6.182  3.639   0.245   1.00 31.78 ? 12  C   A C6    1 
ATOM   234  P  P     . G   A 1 13 ? -5.958  8.752   1.935   1.00 40.64 ? 13  G   A P     1 
ATOM   235  O  OP1   . G   A 1 13 ? -6.276  10.194  2.120   1.00 42.13 ? 13  G   A OP1   1 
ATOM   236  O  OP2   . G   A 1 13 ? -4.892  8.352   0.989   1.00 38.65 ? 13  G   A OP2   1 
ATOM   237  O  "O5'" . G   A 1 13 ? -5.601  8.148   3.364   1.00 36.62 ? 13  G   A "O5'" 1 
ATOM   238  C  "C5'" . G   A 1 13 ? -6.532  8.241   4.433   1.00 34.59 ? 13  G   A "C5'" 1 
ATOM   239  C  "C4'" . G   A 1 13 ? -6.094  7.374   5.584   1.00 32.99 ? 13  G   A "C4'" 1 
ATOM   240  O  "O4'" . G   A 1 13 ? -6.135  5.969   5.212   1.00 33.70 ? 13  G   A "O4'" 1 
ATOM   241  C  "C3'" . G   A 1 13 ? -4.666  7.559   6.056   1.00 31.74 ? 13  G   A "C3'" 1 
ATOM   242  O  "O3'" . G   A 1 13 ? -4.528  8.725   6.853   1.00 34.21 ? 13  G   A "O3'" 1 
ATOM   243  C  "C2'" . G   A 1 13 ? -4.471  6.288   6.865   1.00 31.68 ? 13  G   A "C2'" 1 
ATOM   244  O  "O2'" . G   A 1 13 ? -5.167  6.319   8.093   1.00 29.87 ? 13  G   A "O2'" 1 
ATOM   245  C  "C1'" . G   A 1 13 ? -5.135  5.267   5.942   1.00 32.44 ? 13  G   A "C1'" 1 
ATOM   246  N  N9    . G   A 1 13 ? -4.186  4.685   5.002   1.00 30.59 ? 13  G   A N9    1 
ATOM   247  C  C8    . G   A 1 13 ? -4.015  4.992   3.672   1.00 30.05 ? 13  G   A C8    1 
ATOM   248  N  N7    . G   A 1 13 ? -3.088  4.274   3.097   1.00 27.61 ? 13  G   A N7    1 
ATOM   249  C  C5    . G   A 1 13 ? -2.617  3.448   4.112   1.00 28.21 ? 13  G   A C5    1 
ATOM   250  C  C6    . G   A 1 13 ? -1.608  2.451   4.096   1.00 26.53 ? 13  G   A C6    1 
ATOM   251  O  O6    . G   A 1 13 ? -0.909  2.080   3.147   1.00 25.57 ? 13  G   A O6    1 
ATOM   252  N  N1    . G   A 1 13 ? -1.447  1.865   5.349   1.00 26.56 ? 13  G   A N1    1 
ATOM   253  C  C2    . G   A 1 13 ? -2.160  2.201   6.476   1.00 28.07 ? 13  G   A C2    1 
ATOM   254  N  N2    . G   A 1 13 ? -1.848  1.538   7.605   1.00 28.27 ? 13  G   A N2    1 
ATOM   255  N  N3    . G   A 1 13 ? -3.106  3.122   6.500   1.00 27.51 ? 13  G   A N3    1 
ATOM   256  C  C4    . G   A 1 13 ? -3.279  3.699   5.293   1.00 29.10 ? 13  G   A C4    1 
ATOM   257  P  P     . A   A 1 14 ? -3.077  9.390   7.043   1.00 32.58 ? 14  A   A P     1 
ATOM   258  O  OP1   . A   A 1 14 ? -3.291  10.699  7.703   1.00 34.24 ? 14  A   A OP1   1 
ATOM   259  O  OP2   . A   A 1 14 ? -2.337  9.327   5.758   1.00 33.32 ? 14  A   A OP2   1 
ATOM   260  O  "O5'" . A   A 1 14 ? -2.341  8.417   8.067   1.00 31.69 ? 14  A   A "O5'" 1 
ATOM   261  C  "C5'" . A   A 1 14 ? -2.788  8.300   9.411   1.00 32.39 ? 14  A   A "C5'" 1 
ATOM   262  C  "C4'" . A   A 1 14 ? -1.919  7.321   10.161  1.00 30.55 ? 14  A   A "C4'" 1 
ATOM   263  O  "O4'" . A   A 1 14 ? -2.070  5.982   9.604   1.00 31.01 ? 14  A   A "O4'" 1 
ATOM   264  C  "C3'" . A   A 1 14 ? -0.422  7.575   10.100  1.00 29.26 ? 14  A   A "C3'" 1 
ATOM   265  O  "O3'" . A   A 1 14 ? -0.043  8.555   11.057  1.00 27.78 ? 14  A   A "O3'" 1 
ATOM   266  C  "C2'" . A   A 1 14 ? 0.111   6.200   10.469  1.00 29.64 ? 14  A   A "C2'" 1 
ATOM   267  O  "O2'" . A   A 1 14 ? -0.097  5.921   11.840  1.00 30.04 ? 14  A   A "O2'" 1 
ATOM   268  C  "C1'" . A   A 1 14 ? -0.816  5.309   9.640   1.00 29.70 ? 14  A   A "C1'" 1 
ATOM   269  N  N9    . A   A 1 14 ? -0.354  5.114   8.262   1.00 28.03 ? 14  A   A N9    1 
ATOM   270  C  C8    . A   A 1 14 ? -0.708  5.835   7.150   1.00 27.41 ? 14  A   A C8    1 
ATOM   271  N  N7    . A   A 1 14 ? -0.140  5.419   6.046   1.00 26.70 ? 14  A   A N7    1 
ATOM   272  C  C5    . A   A 1 14 ? 0.643   4.350   6.458   1.00 27.88 ? 14  A   A C5    1 
ATOM   273  C  C6    . A   A 1 14 ? 1.493   3.470   5.755   1.00 27.16 ? 14  A   A C6    1 
ATOM   274  N  N6    . A   A 1 14 ? 1.682   3.523   4.433   1.00 24.64 ? 14  A   A N6    1 
ATOM   275  N  N1    . A   A 1 14 ? 2.140   2.517   6.466   1.00 26.12 ? 14  A   A N1    1 
ATOM   276  C  C2    . A   A 1 14 ? 1.928   2.453   7.783   1.00 26.55 ? 14  A   A C2    1 
ATOM   277  N  N3    . A   A 1 14 ? 1.147   3.215   8.552   1.00 25.63 ? 14  A   A N3    1 
ATOM   278  C  C4    . A   A 1 14 ? 0.527   4.155   7.820   1.00 26.03 ? 14  A   A C4    1 
ATOM   279  P  P     . C   A 1 15 ? 1.243   9.481   10.794  1.00 28.18 ? 15  C   A P     1 
ATOM   280  O  OP1   . C   A 1 15 ? 1.406   10.352  11.981  1.00 31.68 ? 15  C   A OP1   1 
ATOM   281  O  OP2   . C   A 1 15 ? 1.185   10.093  9.445   1.00 28.45 ? 15  C   A OP2   1 
ATOM   282  O  "O5'" . C   A 1 15 ? 2.460   8.458   10.814  1.00 28.12 ? 15  C   A "O5'" 1 
ATOM   283  C  "C5'" . C   A 1 15 ? 2.781   7.748   11.999  1.00 27.91 ? 15  C   A "C5'" 1 
ATOM   284  C  "C4'" . C   A 1 15 ? 3.878   6.753   11.726  1.00 26.88 ? 15  C   A "C4'" 1 
ATOM   285  O  "O4'" . C   A 1 15 ? 3.384   5.660   10.901  1.00 27.29 ? 15  C   A "O4'" 1 
ATOM   286  C  "C3'" . C   A 1 15 ? 5.083   7.275   10.960  1.00 26.36 ? 15  C   A "C3'" 1 
ATOM   287  O  "O3'" . C   A 1 15 ? 5.961   8.001   11.818  1.00 26.82 ? 15  C   A "O3'" 1 
ATOM   288  C  "C2'" . C   A 1 15 ? 5.694   5.970   10.471  1.00 26.12 ? 15  C   A "C2'" 1 
ATOM   289  O  "O2'" . C   A 1 15 ? 6.397   5.284   11.487  1.00 24.32 ? 15  C   A "O2'" 1 
ATOM   290  C  "C1'" . C   A 1 15 ? 4.435   5.186   10.071  1.00 25.99 ? 15  C   A "C1'" 1 
ATOM   291  N  N1    . C   A 1 15 ? 4.077   5.448   8.669   1.00 26.74 ? 15  C   A N1    1 
ATOM   292  C  C2    . C   A 1 15 ? 4.674   4.676   7.669   1.00 27.32 ? 15  C   A C2    1 
ATOM   293  O  O2    . C   A 1 15 ? 5.422   3.752   7.999   1.00 23.29 ? 15  C   A O2    1 
ATOM   294  N  N3    . C   A 1 15 ? 4.420   4.963   6.369   1.00 25.33 ? 15  C   A N3    1 
ATOM   295  C  C4    . C   A 1 15 ? 3.605   5.978   6.058   1.00 27.76 ? 15  C   A C4    1 
ATOM   296  N  N4    . C   A 1 15 ? 3.425   6.271   4.760   1.00 26.16 ? 15  C   A N4    1 
ATOM   297  C  C5    . C   A 1 15 ? 2.949   6.748   7.059   1.00 27.23 ? 15  C   A C5    1 
ATOM   298  C  C6    . C   A 1 15 ? 3.207   6.448   8.340   1.00 27.58 ? 15  C   A C6    1 
ATOM   299  P  P     . G   A 1 16 ? 6.881   9.173   11.214  1.00 28.34 ? 16  G   A P     1 
ATOM   300  O  OP1   . G   A 1 16 ? 7.577   9.821   12.347  1.00 30.80 ? 16  G   A OP1   1 
ATOM   301  O  OP2   . G   A 1 16 ? 6.054   9.991   10.297  1.00 29.01 ? 16  G   A OP2   1 
ATOM   302  O  "O5'" . G   A 1 16 ? 7.984   8.400   10.364  1.00 27.99 ? 16  G   A "O5'" 1 
ATOM   303  C  "C5'" . G   A 1 16 ? 8.767   7.372   10.962  1.00 26.81 ? 16  G   A "C5'" 1 
ATOM   304  C  "C4'" . G   A 1 16 ? 9.553   6.632   9.903   1.00 25.73 ? 16  G   A "C4'" 1 
ATOM   305  O  "O4'" . G   A 1 16 ? 8.701   5.786   9.085   1.00 24.10 ? 16  G   A "O4'" 1 
ATOM   306  C  "C3'" . G   A 1 16 ? 10.235  7.523   8.888   1.00 25.39 ? 16  G   A "C3'" 1 
ATOM   307  O  "O3'" . G   A 1 16 ? 11.394  8.077   9.469   1.00 29.60 ? 16  G   A "O3'" 1 
ATOM   308  C  "C2'" . G   A 1 16 ? 10.546  6.527   7.783   1.00 24.31 ? 16  G   A "C2'" 1 
ATOM   309  O  "O2'" . G   A 1 16 ? 11.701  5.752   8.030   1.00 23.53 ? 16  G   A "O2'" 1 
ATOM   310  C  "C1'" . G   A 1 16 ? 9.264   5.684   7.784   1.00 23.57 ? 16  G   A "C1'" 1 
ATOM   311  N  N9    . G   A 1 16 ? 8.310   6.210   6.809   1.00 24.16 ? 16  G   A N9    1 
ATOM   312  C  C8    . G   A 1 16 ? 7.314   7.136   7.016   1.00 21.08 ? 16  G   A C8    1 
ATOM   313  N  N7    . G   A 1 16 ? 6.706   7.486   5.912   1.00 25.00 ? 16  G   A N7    1 
ATOM   314  C  C5    . G   A 1 16 ? 7.319   6.729   4.922   1.00 20.21 ? 16  G   A C5    1 
ATOM   315  C  C6    . G   A 1 16 ? 7.096   6.689   3.521   1.00 21.71 ? 16  G   A C6    1 
ATOM   316  O  O6    . G   A 1 16 ? 6.305   7.360   2.848   1.00 19.49 ? 16  G   A O6    1 
ATOM   317  N  N1    . G   A 1 16 ? 7.929   5.757   2.895   1.00 20.04 ? 16  G   A N1    1 
ATOM   318  C  C2    . G   A 1 16 ? 8.870   4.980   3.538   1.00 21.71 ? 16  G   A C2    1 
ATOM   319  N  N2    . G   A 1 16 ? 9.586   4.137   2.774   1.00 17.26 ? 16  G   A N2    1 
ATOM   320  N  N3    . G   A 1 16 ? 9.095   5.027   4.840   1.00 18.07 ? 16  G   A N3    1 
ATOM   321  C  C4    . G   A 1 16 ? 8.290   5.913   5.463   1.00 21.61 ? 16  G   A C4    1 
ATOM   322  P  P     . A   A 1 17 ? 11.816  9.589   9.136   1.00 32.67 ? 17  A   A P     1 
ATOM   323  O  OP1   . A   A 1 17 ? 11.898  10.298  10.423  1.00 32.62 ? 17  A   A OP1   1 
ATOM   324  O  OP2   . A   A 1 17 ? 10.968  10.152  8.056   1.00 29.95 ? 17  A   A OP2   1 
ATOM   325  O  "O5'" . A   A 1 17 ? 13.262  9.355   8.513   1.00 35.45 ? 17  A   A "O5'" 1 
ATOM   326  C  "C5'" . A   A 1 17 ? 14.331  10.218  8.794   1.00 34.15 ? 17  A   A "C5'" 1 
ATOM   327  C  "C4'" . A   A 1 17 ? 14.583  11.128  7.623   1.00 30.74 ? 17  A   A "C4'" 1 
ATOM   328  O  "O4'" . A   A 1 17 ? 15.572  12.075  8.086   1.00 30.45 ? 17  A   A "O4'" 1 
ATOM   329  C  "C3'" . A   A 1 17 ? 15.168  10.533  6.334   1.00 29.90 ? 17  A   A "C3'" 1 
ATOM   330  O  "O3'" . A   A 1 17 ? 14.945  11.466  5.263   1.00 28.19 ? 17  A   A "O3'" 1 
ATOM   331  C  "C2'" . A   A 1 17 ? 16.654  10.516  6.674   1.00 29.25 ? 17  A   A "C2'" 1 
ATOM   332  O  "O2'" . A   A 1 17 ? 17.502  10.559  5.550   1.00 28.81 ? 17  A   A "O2'" 1 
ATOM   333  C  "C1'" . A   A 1 17 ? 16.793  11.835  7.431   1.00 30.46 ? 17  A   A "C1'" 1 
ATOM   334  N  N9    . A   A 1 17 ? 17.855  11.852  8.429   1.00 31.20 ? 17  A   A N9    1 
ATOM   335  C  C8    . A   A 1 17 ? 18.126  10.940  9.419   1.00 33.09 ? 17  A   A C8    1 
ATOM   336  N  N7    . A   A 1 17 ? 19.187  11.233  10.130  1.00 33.76 ? 17  A   A N7    1 
ATOM   337  C  C5    . A   A 1 17 ? 19.639  12.423  9.574   1.00 33.03 ? 17  A   A C5    1 
ATOM   338  C  C6    . A   A 1 17 ? 20.738  13.248  9.868   1.00 32.43 ? 17  A   A C6    1 
ATOM   339  N  N6    . A   A 1 17 ? 21.628  12.981  10.829  1.00 32.34 ? 17  A   A N6    1 
ATOM   340  N  N1    . A   A 1 17 ? 20.898  14.366  9.125   1.00 33.20 ? 17  A   A N1    1 
ATOM   341  C  C2    . A   A 1 17 ? 20.011  14.626  8.155   1.00 32.86 ? 17  A   A C2    1 
ATOM   342  N  N3    . A   A 1 17 ? 18.942  13.924  7.779   1.00 32.36 ? 17  A   A N3    1 
ATOM   343  C  C4    . A   A 1 17 ? 18.815  12.822  8.536   1.00 31.55 ? 17  A   A C4    1 
ATOM   344  P  P     . A   A 1 18 ? 14.782  10.966  3.723   1.00 27.38 ? 18  A   A P     1 
ATOM   345  O  OP1   . A   A 1 18 ? 13.631  11.750  3.198   1.00 23.40 ? 18  A   A OP1   1 
ATOM   346  O  OP2   . A   A 1 18 ? 14.786  9.490   3.572   1.00 27.34 ? 18  A   A OP2   1 
ATOM   347  O  "O5'" . A   A 1 18 ? 16.087  11.517  3.003   1.00 28.22 ? 18  A   A "O5'" 1 
ATOM   348  C  "C5'" . A   A 1 18 ? 16.262  12.913  2.801   1.00 30.62 ? 18  A   A "C5'" 1 
ATOM   349  C  "C4'" . A   A 1 18 ? 17.310  13.151  1.751   1.00 30.66 ? 18  A   A "C4'" 1 
ATOM   350  O  "O4'" . A   A 1 18 ? 18.611  12.792  2.279   1.00 31.33 ? 18  A   A "O4'" 1 
ATOM   351  C  "C3'" . A   A 1 18 ? 17.140  12.339  0.474   1.00 32.77 ? 18  A   A "C3'" 1 
ATOM   352  O  "O3'" . A   A 1 18 ? 17.624  13.085  -0.632  1.00 32.78 ? 18  A   A "O3'" 1 
ATOM   353  C  "C2'" . A   A 1 18 ? 18.025  11.127  0.727   1.00 33.13 ? 18  A   A "C2'" 1 
ATOM   354  O  "O2'" . A   A 1 18 ? 18.485  10.534  -0.469  1.00 32.15 ? 18  A   A "O2'" 1 
ATOM   355  C  "C1'" . A   A 1 18 ? 19.179  11.763  1.498   1.00 32.51 ? 18  A   A "C1'" 1 
ATOM   356  N  N9    . A   A 1 18 ? 19.861  10.848  2.409   1.00 35.55 ? 18  A   A N9    1 
ATOM   357  C  C8    . A   A 1 18 ? 19.314  9.844   3.167   1.00 34.19 ? 18  A   A C8    1 
ATOM   358  N  N7    . A   A 1 18 ? 20.187  9.209   3.911   1.00 34.82 ? 18  A   A N7    1 
ATOM   359  C  C5    . A   A 1 18 ? 21.390  9.839   3.622   1.00 35.29 ? 18  A   A C5    1 
ATOM   360  C  C6    . A   A 1 18 ? 22.703  9.639   4.089   1.00 36.02 ? 18  A   A C6    1 
ATOM   361  N  N6    . A   A 1 18 ? 23.038  8.712   4.990   1.00 35.54 ? 18  A   A N6    1 
ATOM   362  N  N1    . A   A 1 18 ? 23.675  10.437  3.593   1.00 35.80 ? 18  A   A N1    1 
ATOM   363  C  C2    . A   A 1 18 ? 23.341  11.367  2.691   1.00 35.47 ? 18  A   A C2    1 
ATOM   364  N  N3    . A   A 1 18 ? 22.146  11.652  2.177   1.00 35.59 ? 18  A   A N3    1 
ATOM   365  C  C4    . A   A 1 18 ? 21.203  10.842  2.690   1.00 34.74 ? 18  A   A C4    1 
ATOM   366  P  P     . G   A 1 19 ? 16.581  13.667  -1.701  1.00 35.46 ? 19  G   A P     1 
ATOM   367  O  OP1   . G   A 1 19 ? 17.338  14.556  -2.611  1.00 36.92 ? 19  G   A OP1   1 
ATOM   368  O  OP2   . G   A 1 19 ? 15.416  14.193  -0.946  1.00 36.55 ? 19  G   A OP2   1 
ATOM   369  O  "O5'" . G   A 1 19 ? 16.087  12.384  -2.508  1.00 34.52 ? 19  G   A "O5'" 1 
ATOM   370  C  "C5'" . G   A 1 19 ? 16.950  11.714  -3.427  1.00 32.20 ? 19  G   A "C5'" 1 
ATOM   371  C  "C4'" . G   A 1 19 ? 16.134  11.015  -4.499  1.00 30.26 ? 19  G   A "C4'" 1 
ATOM   372  O  "O4'" . G   A 1 19 ? 15.301  9.975   -3.906  1.00 28.93 ? 19  G   A "O4'" 1 
ATOM   373  C  "C3'" . G   A 1 19 ? 15.141  11.886  -5.256  1.00 30.30 ? 19  G   A "C3'" 1 
ATOM   374  O  "O3'" . G   A 1 19 ? 15.772  12.619  -6.297  1.00 29.92 ? 19  G   A "O3'" 1 
ATOM   375  C  "C2'" . G   A 1 19 ? 14.168  10.842  -5.781  1.00 28.95 ? 19  G   A "C2'" 1 
ATOM   376  O  "O2'" . G   A 1 19 ? 14.685  10.073  -6.845  1.00 28.34 ? 19  G   A "O2'" 1 
ATOM   377  C  "C1'" . G   A 1 19 ? 14.028  9.952   -4.548  1.00 27.86 ? 19  G   A "C1'" 1 
ATOM   378  N  N9    . G   A 1 19 ? 13.033  10.485  -3.625  1.00 25.49 ? 19  G   A N9    1 
ATOM   379  C  C8    . G   A 1 19 ? 13.225  10.859  -2.317  1.00 24.73 ? 19  G   A C8    1 
ATOM   380  N  N7    . G   A 1 19 ? 12.140  11.313  -1.752  1.00 24.87 ? 19  G   A N7    1 
ATOM   381  C  C5    . G   A 1 19 ? 11.174  11.235  -2.746  1.00 24.45 ? 19  G   A C5    1 
ATOM   382  C  C6    . G   A 1 19 ? 9.798   11.587  -2.723  1.00 24.69 ? 19  G   A C6    1 
ATOM   383  O  O6    . G   A 1 19 ? 9.138   12.049  -1.789  1.00 24.29 ? 19  G   A O6    1 
ATOM   384  N  N1    . G   A 1 19 ? 9.184   11.343  -3.952  1.00 25.97 ? 19  G   A N1    1 
ATOM   385  C  C2    . G   A 1 19 ? 9.811   10.819  -5.056  1.00 24.70 ? 19  G   A C2    1 
ATOM   386  N  N2    . G   A 1 19 ? 9.048   10.643  -6.146  1.00 23.50 ? 19  G   A N2    1 
ATOM   387  N  N3    . G   A 1 19 ? 11.094  10.487  -5.087  1.00 26.35 ? 19  G   A N3    1 
ATOM   388  C  C4    . G   A 1 19 ? 11.708  10.721  -3.907  1.00 24.83 ? 19  G   A C4    1 
ATOM   389  P  P     . U   A 1 20 ? 15.230  14.082  -6.679  1.00 31.57 ? 20  U   A P     1 
ATOM   390  O  OP1   . U   A 1 20 ? 16.055  14.553  -7.813  1.00 33.07 ? 20  U   A OP1   1 
ATOM   391  O  OP2   . U   A 1 20 ? 15.125  14.909  -5.452  1.00 30.69 ? 20  U   A OP2   1 
ATOM   392  O  "O5'" . U   A 1 20 ? 13.745  13.829  -7.201  1.00 31.35 ? 20  U   A "O5'" 1 
ATOM   393  C  "C5'" . U   A 1 20 ? 13.505  13.109  -8.402  1.00 28.79 ? 20  U   A "C5'" 1 
ATOM   394  C  "C4'" . U   A 1 20 ? 12.069  13.284  -8.839  1.00 27.70 ? 20  U   A "C4'" 1 
ATOM   395  O  "O4'" . U   A 1 20 ? 11.166  12.672  -7.879  1.00 24.28 ? 20  U   A "O4'" 1 
ATOM   396  C  "C3'" . U   A 1 20 ? 11.560  14.713  -8.953  1.00 27.12 ? 20  U   A "C3'" 1 
ATOM   397  O  "O3'" . U   A 1 20 ? 11.948  15.285  -10.194 1.00 26.90 ? 20  U   A "O3'" 1 
ATOM   398  C  "C2'" . U   A 1 20 ? 10.059  14.491  -8.905  1.00 26.55 ? 20  U   A "C2'" 1 
ATOM   399  O  "O2'" . U   A 1 20 ? 9.570   13.963  -10.118 1.00 26.23 ? 20  U   A "O2'" 1 
ATOM   400  C  "C1'" . U   A 1 20 ? 9.963   13.419  -7.820  1.00 26.40 ? 20  U   A "C1'" 1 
ATOM   401  N  N1    . U   A 1 20 ? 9.840   13.984  -6.472  1.00 24.21 ? 20  U   A N1    1 
ATOM   402  C  C2    . U   A 1 20 ? 8.609   14.472  -6.095  1.00 24.13 ? 20  U   A C2    1 
ATOM   403  O  O2    . U   A 1 20 ? 7.652   14.513  -6.854  1.00 23.01 ? 20  U   A O2    1 
ATOM   404  N  N3    . U   A 1 20 ? 8.541   14.925  -4.801  1.00 22.17 ? 20  U   A N3    1 
ATOM   405  C  C4    . U   A 1 20 ? 9.564   14.956  -3.880  1.00 21.44 ? 20  U   A C4    1 
ATOM   406  O  O4    . U   A 1 20 ? 9.322   15.307  -2.726  1.00 22.70 ? 20  U   A O4    1 
ATOM   407  C  C5    . U   A 1 20 ? 10.818  14.476  -4.362  1.00 22.00 ? 20  U   A C5    1 
ATOM   408  C  C6    . U   A 1 20 ? 10.911  14.014  -5.610  1.00 24.44 ? 20  U   A C6    1 
ATOM   409  P  P     . C   A 1 21 ? 12.348  16.838  -10.266 1.00 28.78 ? 21  C   A P     1 
ATOM   410  O  OP1   . C   A 1 21 ? 13.254  16.967  -11.429 1.00 29.88 ? 21  C   A OP1   1 
ATOM   411  O  OP2   . C   A 1 21 ? 12.791  17.319  -8.927  1.00 28.00 ? 21  C   A OP2   1 
ATOM   412  O  "O5'" . C   A 1 21 ? 10.987  17.579  -10.612 1.00 27.75 ? 21  C   A "O5'" 1 
ATOM   413  C  "C5'" . C   A 1 21 ? 10.168  17.129  -11.682 1.00 27.77 ? 21  C   A "C5'" 1 
ATOM   414  C  "C4'" . C   A 1 21 ? 8.723   17.416  -11.373 1.00 28.42 ? 21  C   A "C4'" 1 
ATOM   415  O  "O4'" . C   A 1 21 ? 8.348   16.669  -10.189 1.00 27.79 ? 21  C   A "O4'" 1 
ATOM   416  C  "C3'" . C   A 1 21 ? 8.404   18.851  -10.988 1.00 28.44 ? 21  C   A "C3'" 1 
ATOM   417  O  "O3'" . C   A 1 21 ? 8.271   19.678  -12.134 1.00 29.75 ? 21  C   A "O3'" 1 
ATOM   418  C  "C2'" . C   A 1 21 ? 7.092   18.678  -10.241 1.00 27.38 ? 21  C   A "C2'" 1 
ATOM   419  O  "O2'" . C   A 1 21 ? 5.992   18.481  -11.106 1.00 29.57 ? 21  C   A "O2'" 1 
ATOM   420  C  "C1'" . C   A 1 21 ? 7.368   17.390  -9.464  1.00 26.88 ? 21  C   A "C1'" 1 
ATOM   421  N  N1    . C   A 1 21 ? 7.883   17.620  -8.110  1.00 24.50 ? 21  C   A N1    1 
ATOM   422  C  C2    . C   A 1 21 ? 6.978   17.875  -7.093  1.00 25.08 ? 21  C   A C2    1 
ATOM   423  O  O2    . C   A 1 21 ? 5.770   17.922  -7.369  1.00 23.75 ? 21  C   A O2    1 
ATOM   424  N  N3    . C   A 1 21 ? 7.432   18.070  -5.828  1.00 25.41 ? 21  C   A N3    1 
ATOM   425  C  C4    . C   A 1 21 ? 8.738   18.024  -5.576  1.00 23.35 ? 21  C   A C4    1 
ATOM   426  N  N4    . C   A 1 21 ? 9.133   18.218  -4.317  1.00 24.13 ? 21  C   A N4    1 
ATOM   427  C  C5    . C   A 1 21 ? 9.694   17.774  -6.605  1.00 25.97 ? 21  C   A C5    1 
ATOM   428  C  C6    . C   A 1 21 ? 9.226   17.580  -7.848  1.00 25.36 ? 21  C   A C6    1 
ATOM   429  P  P     . G   A 1 22 ? 8.229   21.279  -11.966 1.00 32.46 ? 22  G   A P     1 
ATOM   430  O  OP1   . G   A 1 22 ? 8.170   21.843  -13.333 1.00 33.30 ? 22  G   A OP1   1 
ATOM   431  O  OP2   . G   A 1 22 ? 9.310   21.713  -11.046 1.00 34.46 ? 22  G   A OP2   1 
ATOM   432  O  "O5'" . G   A 1 22 ? 6.844   21.558  -11.234 1.00 33.22 ? 22  G   A "O5'" 1 
ATOM   433  C  "C5'" . G   A 1 22 ? 5.603   21.342  -11.895 1.00 32.06 ? 22  G   A "C5'" 1 
ATOM   434  C  "C4'" . G   A 1 22 ? 4.474   21.902  -11.063 1.00 33.20 ? 22  G   A "C4'" 1 
ATOM   435  O  "O4'" . G   A 1 22 ? 4.304   21.123  -9.847  1.00 31.89 ? 22  G   A "O4'" 1 
ATOM   436  C  "C3'" . G   A 1 22 ? 4.686   23.316  -10.556 1.00 33.16 ? 22  G   A "C3'" 1 
ATOM   437  O  "O3'" . G   A 1 22 ? 4.372   24.278  -11.546 1.00 35.69 ? 22  G   A "O3'" 1 
ATOM   438  C  "C2'" . G   A 1 22 ? 3.712   23.364  -9.392  1.00 32.52 ? 22  G   A "C2'" 1 
ATOM   439  O  "O2'" . G   A 1 22 ? 2.373   23.482  -9.820  1.00 31.28 ? 22  G   A "O2'" 1 
ATOM   440  C  "C1'" . G   A 1 22 ? 3.950   21.987  -8.772  1.00 30.90 ? 22  G   A "C1'" 1 
ATOM   441  N  N9    . G   A 1 22 ? 5.040   21.976  -7.797  1.00 29.00 ? 22  G   A N9    1 
ATOM   442  C  C8    . G   A 1 22 ? 6.345   21.610  -8.028  1.00 27.54 ? 22  G   A C8    1 
ATOM   443  N  N7    . G   A 1 22 ? 7.084   21.649  -6.951  1.00 27.79 ? 22  G   A N7    1 
ATOM   444  C  C5    . G   A 1 22 ? 6.220   22.078  -5.954  1.00 25.77 ? 22  G   A C5    1 
ATOM   445  C  C6    . G   A 1 22 ? 6.451   22.289  -4.572  1.00 26.91 ? 22  G   A C6    1 
ATOM   446  O  O6    . G   A 1 22 ? 7.491   22.102  -3.931  1.00 29.14 ? 22  G   A O6    1 
ATOM   447  N  N1    . G   A 1 22 ? 5.310   22.749  -3.923  1.00 25.96 ? 22  G   A N1    1 
ATOM   448  C  C2    . G   A 1 22 ? 4.095   22.958  -4.524  1.00 28.03 ? 22  G   A C2    1 
ATOM   449  N  N2    . G   A 1 22 ? 3.111   23.407  -3.724  1.00 25.24 ? 22  G   A N2    1 
ATOM   450  N  N3    . G   A 1 22 ? 3.859   22.740  -5.814  1.00 27.06 ? 22  G   A N3    1 
ATOM   451  C  C4    . G   A 1 22 ? 4.960   22.304  -6.462  1.00 26.09 ? 22  G   A C4    1 
ATOM   452  P  P     . C   A 1 23 ? 5.115   25.699  -11.529 1.00 36.23 ? 23  C   A P     1 
ATOM   453  O  OP1   . C   A 1 23 ? 4.595   26.476  -12.688 1.00 37.73 ? 23  C   A OP1   1 
ATOM   454  O  OP2   . C   A 1 23 ? 6.576   25.459  -11.405 1.00 36.07 ? 23  C   A OP2   1 
ATOM   455  O  "O5'" . C   A 1 23 ? 4.612   26.384  -10.181 1.00 33.19 ? 23  C   A "O5'" 1 
ATOM   456  C  "C5'" . C   A 1 23 ? 3.232   26.651  -9.960  1.00 34.74 ? 23  C   A "C5'" 1 
ATOM   457  C  "C4'" . C   A 1 23 ? 3.017   27.096  -8.535  1.00 36.25 ? 23  C   A "C4'" 1 
ATOM   458  O  "O4'" . C   A 1 23 ? 3.451   26.047  -7.629  1.00 35.60 ? 23  C   A "O4'" 1 
ATOM   459  C  "C3'" . C   A 1 23 ? 3.836   28.298  -8.096  1.00 37.49 ? 23  C   A "C3'" 1 
ATOM   460  O  "O3'" . C   A 1 23 ? 3.361   29.557  -8.574  1.00 39.12 ? 23  C   A "O3'" 1 
ATOM   461  C  "C2'" . C   A 1 23 ? 3.830   28.154  -6.582  1.00 37.07 ? 23  C   A "C2'" 1 
ATOM   462  O  "O2'" . C   A 1 23 ? 2.630   28.623  -6.000  1.00 38.91 ? 23  C   A "O2'" 1 
ATOM   463  C  "C1'" . C   A 1 23 ? 3.932   26.631  -6.426  1.00 36.59 ? 23  C   A "C1'" 1 
ATOM   464  N  N1    . C   A 1 23 ? 5.304   26.142  -6.187  1.00 32.57 ? 23  C   A N1    1 
ATOM   465  C  C2    . C   A 1 23 ? 5.795   26.137  -4.881  1.00 33.00 ? 23  C   A C2    1 
ATOM   466  O  O2    . C   A 1 23 ? 5.062   26.544  -3.967  1.00 33.12 ? 23  C   A O2    1 
ATOM   467  N  N3    . C   A 1 23 ? 7.051   25.684  -4.645  1.00 30.49 ? 23  C   A N3    1 
ATOM   468  C  C4    . C   A 1 23 ? 7.800   25.243  -5.660  1.00 32.91 ? 23  C   A C4    1 
ATOM   469  N  N4    . C   A 1 23 ? 9.034   24.793  -5.389  1.00 32.94 ? 23  C   A N4    1 
ATOM   470  C  C5    . C   A 1 23 ? 7.320   25.241  -7.005  1.00 33.49 ? 23  C   A C5    1 
ATOM   471  C  C6    . C   A 1 23 ? 6.080   25.697  -7.219  1.00 33.36 ? 23  C   A C6    1 
ATOM   472  O  "O5'" . U   B 1 1  ? 12.022  18.693  9.452   1.00 90.03 ? 24  U   B "O5'" 1 
ATOM   473  C  "C5'" . U   B 1 1  ? 12.156  17.822  8.331   1.00 90.10 ? 24  U   B "C5'" 1 
ATOM   474  C  "C4'" . U   B 1 1  ? 13.598  17.615  7.933   1.00 90.53 ? 24  U   B "C4'" 1 
ATOM   475  O  "O4'" . U   B 1 1  ? 14.312  16.948  9.016   1.00 90.76 ? 24  U   B "O4'" 1 
ATOM   476  C  "C3'" . U   B 1 1  ? 13.811  16.743  6.698   1.00 90.15 ? 24  U   B "C3'" 1 
ATOM   477  O  "O3'" . U   B 1 1  ? 14.952  17.188  5.979   1.00 90.00 ? 24  U   B "O3'" 1 
ATOM   478  C  "C2'" . U   B 1 1  ? 14.101  15.379  7.304   1.00 89.99 ? 24  U   B "C2'" 1 
ATOM   479  O  "O2'" . U   B 1 1  ? 14.839  14.537  6.443   1.00 89.45 ? 24  U   B "O2'" 1 
ATOM   480  C  "C1'" . U   B 1 1  ? 14.937  15.783  8.516   1.00 90.37 ? 24  U   B "C1'" 1 
ATOM   481  N  N1    . U   B 1 1  ? 14.969  14.772  9.580   1.00 90.77 ? 24  U   B N1    1 
ATOM   482  C  C2    . U   B 1 1  ? 16.142  14.637  10.297  1.00 90.63 ? 24  U   B C2    1 
ATOM   483  O  O2    . U   B 1 1  ? 17.121  15.339  10.101  1.00 90.35 ? 24  U   B O2    1 
ATOM   484  N  N3    . U   B 1 1  ? 16.125  13.651  11.251  1.00 90.48 ? 24  U   B N3    1 
ATOM   485  C  C4    . U   B 1 1  ? 15.075  12.811  11.560  1.00 90.87 ? 24  U   B C4    1 
ATOM   486  O  O4    . U   B 1 1  ? 15.231  11.938  12.416  1.00 91.63 ? 24  U   B O4    1 
ATOM   487  C  C5    . U   B 1 1  ? 13.889  13.028  10.790  1.00 90.69 ? 24  U   B C5    1 
ATOM   488  C  C6    . U   B 1 1  ? 13.877  13.977  9.849   1.00 90.57 ? 24  U   B C6    1 
ATOM   489  P  P     . U   B 1 2  ? 14.798  17.639  4.448   1.00 89.84 ? 25  U   B P     1 
ATOM   490  O  OP1   . U   B 1 2  ? 13.860  16.696  3.786   1.00 89.84 ? 25  U   B OP1   1 
ATOM   491  O  OP2   . U   B 1 2  ? 16.160  17.834  3.887   1.00 90.41 ? 25  U   B OP2   1 
ATOM   492  O  "O5'" . U   B 1 2  ? 14.091  19.062  4.553   1.00 88.27 ? 25  U   B "O5'" 1 
ATOM   493  C  "C5'" . U   B 1 2  ? 14.802  20.251  4.231   1.00 86.63 ? 25  U   B "C5'" 1 
ATOM   494  C  "C4'" . U   B 1 2  ? 14.225  21.426  4.982   1.00 84.85 ? 25  U   B "C4'" 1 
ATOM   495  O  "O4'" . U   B 1 2  ? 14.347  21.204  6.420   1.00 85.10 ? 25  U   B "O4'" 1 
ATOM   496  C  "C3'" . U   B 1 2  ? 14.907  22.762  4.718   1.00 83.03 ? 25  U   B "C3'" 1 
ATOM   497  O  "O3'" . U   B 1 2  ? 13.949  23.799  4.896   1.00 79.40 ? 25  U   B "O3'" 1 
ATOM   498  C  "C2'" . U   B 1 2  ? 15.940  22.810  5.837   1.00 83.61 ? 25  U   B "C2'" 1 
ATOM   499  O  "O2'" . U   B 1 2  ? 16.397  24.120  6.113   1.00 83.16 ? 25  U   B "O2'" 1 
ATOM   500  C  "C1'" . U   B 1 2  ? 15.118  22.247  6.995   1.00 84.55 ? 25  U   B "C1'" 1 
ATOM   501  N  N1    . U   B 1 2  ? 15.884  21.693  8.125   1.00 85.03 ? 25  U   B N1    1 
ATOM   502  C  C2    . U   B 1 2  ? 16.658  22.563  8.884   1.00 85.09 ? 25  U   B C2    1 
ATOM   503  O  O2    . U   B 1 2  ? 16.754  23.754  8.641   1.00 84.93 ? 25  U   B O2    1 
ATOM   504  N  N3    . U   B 1 2  ? 17.316  21.982  9.941   1.00 85.41 ? 25  U   B N3    1 
ATOM   505  C  C4    . U   B 1 2  ? 17.289  20.651  10.309  1.00 85.22 ? 25  U   B C4    1 
ATOM   506  O  O4    . U   B 1 2  ? 17.902  20.288  11.315  1.00 85.04 ? 25  U   B O4    1 
ATOM   507  C  C5    . U   B 1 2  ? 16.483  19.816  9.470   1.00 85.47 ? 25  U   B C5    1 
ATOM   508  C  C6    . U   B 1 2  ? 15.827  20.350  8.433   1.00 85.39 ? 25  U   B C6    1 
ATOM   509  P  P     . G   B 1 3  ? 13.128  24.360  3.632   1.00 76.49 ? 26  G   B P     1 
ATOM   510  O  OP1   . G   B 1 3  ? 12.785  23.190  2.780   1.00 76.25 ? 26  G   B OP1   1 
ATOM   511  O  OP2   . G   B 1 3  ? 13.879  25.500  3.044   1.00 76.19 ? 26  G   B OP2   1 
ATOM   512  O  "O5'" . G   B 1 3  ? 11.784  24.923  4.282   1.00 71.79 ? 26  G   B "O5'" 1 
ATOM   513  C  "C5'" . G   B 1 3  ? 10.631  24.097  4.398   1.00 64.70 ? 26  G   B "C5'" 1 
ATOM   514  C  "C4'" . G   B 1 3  ? 9.429   24.912  4.806   1.00 59.19 ? 26  G   B "C4'" 1 
ATOM   515  O  "O4'" . G   B 1 3  ? 9.448   26.176  4.099   1.00 56.82 ? 26  G   B "O4'" 1 
ATOM   516  C  "C3'" . G   B 1 3  ? 8.097   24.244  4.477   1.00 56.78 ? 26  G   B "C3'" 1 
ATOM   517  O  "O3'" . G   B 1 3  ? 7.451   23.793  5.659   1.00 55.59 ? 26  G   B "O3'" 1 
ATOM   518  C  "C2'" . G   B 1 3  ? 7.289   25.337  3.776   1.00 54.45 ? 26  G   B "C2'" 1 
ATOM   519  O  "O2'" . G   B 1 3  ? 6.496   26.096  4.664   1.00 53.83 ? 26  G   B "O2'" 1 
ATOM   520  C  "C1'" . G   B 1 3  ? 8.386   26.210  3.176   1.00 53.06 ? 26  G   B "C1'" 1 
ATOM   521  N  N9    . G   B 1 3  ? 8.895   25.777  1.877   1.00 49.73 ? 26  G   B N9    1 
ATOM   522  C  C8    . G   B 1 3  ? 10.141  25.258  1.605   1.00 48.17 ? 26  G   B C8    1 
ATOM   523  N  N7    . G   B 1 3  ? 10.328  25.003  0.339   1.00 45.25 ? 26  G   B N7    1 
ATOM   524  C  C5    . G   B 1 3  ? 9.134   25.369  -0.264  1.00 44.50 ? 26  G   B C5    1 
ATOM   525  C  C6    . G   B 1 3  ? 8.750   25.331  -1.623  1.00 42.89 ? 26  G   B C6    1 
ATOM   526  O  O6    . G   B 1 3  ? 9.414   24.955  -2.598  1.00 40.40 ? 26  G   B O6    1 
ATOM   527  N  N1    . G   B 1 3  ? 7.446   25.794  -1.799  1.00 40.54 ? 26  G   B N1    1 
ATOM   528  C  C2    . G   B 1 3  ? 6.618   26.230  -0.793  1.00 41.88 ? 26  G   B C2    1 
ATOM   529  N  N2    . G   B 1 3  ? 5.387   26.624  -1.160  1.00 39.90 ? 26  G   B N2    1 
ATOM   530  N  N3    . G   B 1 3  ? 6.969   26.275  0.483   1.00 44.43 ? 26  G   B N3    1 
ATOM   531  C  C4    . G   B 1 3  ? 8.232   25.835  0.674   1.00 46.23 ? 26  G   B C4    1 
ATOM   532  P  P     . C   B 1 4  ? 6.622   22.420  5.631   1.00 55.54 ? 27  C   B P     1 
ATOM   533  O  OP1   . C   B 1 4  ? 6.055   22.190  6.984   1.00 55.37 ? 27  C   B OP1   1 
ATOM   534  O  OP2   . C   B 1 4  ? 7.485   21.386  5.007   1.00 55.79 ? 27  C   B OP2   1 
ATOM   535  O  "O5'" . C   B 1 4  ? 5.401   22.730  4.657   1.00 52.79 ? 27  C   B "O5'" 1 
ATOM   536  C  "C5'" . C   B 1 4  ? 4.276   23.469  5.114   1.00 47.64 ? 27  C   B "C5'" 1 
ATOM   537  C  "C4'" . C   B 1 4  ? 3.286   23.652  3.995   1.00 44.02 ? 27  C   B "C4'" 1 
ATOM   538  O  "O4'" . C   B 1 4  ? 3.863   24.501  2.965   1.00 43.50 ? 27  C   B "O4'" 1 
ATOM   539  C  "C3'" . C   B 1 4  ? 2.919   22.390  3.239   1.00 42.01 ? 27  C   B "C3'" 1 
ATOM   540  O  "O3'" . C   B 1 4  ? 1.960   21.613  3.924   1.00 41.69 ? 27  C   B "O3'" 1 
ATOM   541  C  "C2'" . C   B 1 4  ? 2.389   22.969  1.940   1.00 41.83 ? 27  C   B "C2'" 1 
ATOM   542  O  "O2'" . C   B 1 4  ? 1.106   23.552  2.071   1.00 42.47 ? 27  C   B "O2'" 1 
ATOM   543  C  "C1'" . C   B 1 4  ? 3.436   24.049  1.685   1.00 40.79 ? 27  C   B "C1'" 1 
ATOM   544  N  N1    . C   B 1 4  ? 4.607   23.529  0.960   1.00 39.17 ? 27  C   B N1    1 
ATOM   545  C  C2    . C   B 1 4  ? 4.566   23.506  -0.438  1.00 37.37 ? 27  C   B C2    1 
ATOM   546  O  O2    . C   B 1 4  ? 3.535   23.896  -1.011  1.00 39.76 ? 27  C   B O2    1 
ATOM   547  N  N3    . C   B 1 4  ? 5.643   23.059  -1.125  1.00 33.68 ? 27  C   B N3    1 
ATOM   548  C  C4    . C   B 1 4  ? 6.727   22.636  -0.467  1.00 34.42 ? 27  C   B C4    1 
ATOM   549  N  N4    . C   B 1 4  ? 7.772   22.218  -1.185  1.00 31.60 ? 27  C   B N4    1 
ATOM   550  C  C5    . C   B 1 4  ? 6.789   22.630  0.958   1.00 35.56 ? 27  C   B C5    1 
ATOM   551  C  C6    . C   B 1 4  ? 5.716   23.082  1.625   1.00 36.80 ? 27  C   B C6    1 
ATOM   552  P  P     . G   B 1 5  ? 1.902   20.028  3.670   1.00 41.45 ? 28  G   B P     1 
ATOM   553  O  OP1   . G   B 1 5  ? 0.825   19.490  4.535   1.00 37.38 ? 28  G   B OP1   1 
ATOM   554  O  OP2   . G   B 1 5  ? 3.277   19.483  3.774   1.00 41.47 ? 28  G   B OP2   1 
ATOM   555  O  "O5'" . G   B 1 5  ? 1.445   19.909  2.149   1.00 39.46 ? 28  G   B "O5'" 1 
ATOM   556  C  "C5'" . G   B 1 5  ? 0.134   20.288  1.756   1.00 35.42 ? 28  G   B "C5'" 1 
ATOM   557  C  "C4'" . G   B 1 5  ? 0.004   20.225  0.258   1.00 32.89 ? 28  G   B "C4'" 1 
ATOM   558  O  "O4'" . G   B 1 5  ? 0.937   21.154  -0.359  1.00 31.84 ? 28  G   B "O4'" 1 
ATOM   559  C  "C3'" . G   B 1 5  ? 0.358   18.902  -0.396  1.00 31.01 ? 28  G   B "C3'" 1 
ATOM   560  O  "O3'" . G   B 1 5  ? -0.700  17.962  -0.263  1.00 32.92 ? 28  G   B "O3'" 1 
ATOM   561  C  "C2'" . G   B 1 5  ? 0.549   19.358  -1.832  1.00 30.85 ? 28  G   B "C2'" 1 
ATOM   562  O  "O2'" . G   B 1 5  ? -0.680  19.672  -2.460  1.00 30.58 ? 28  G   B "O2'" 1 
ATOM   563  C  "C1'" . G   B 1 5  ? 1.371   20.627  -1.608  1.00 30.10 ? 28  G   B "C1'" 1 
ATOM   564  N  N9    . G   B 1 5  ? 2.794   20.321  -1.510  1.00 27.66 ? 28  G   B N9    1 
ATOM   565  C  C8    . G   B 1 5  ? 3.564   20.299  -0.373  1.00 28.69 ? 28  G   B C8    1 
ATOM   566  N  N7    . G   B 1 5  ? 4.795   19.926  -0.593  1.00 28.92 ? 28  G   B N7    1 
ATOM   567  C  C5    . G   B 1 5  ? 4.845   19.701  -1.961  1.00 26.77 ? 28  G   B C5    1 
ATOM   568  C  C6    . G   B 1 5  ? 5.922   19.268  -2.790  1.00 27.08 ? 28  G   B C6    1 
ATOM   569  O  O6    . G   B 1 5  ? 7.084   18.984  -2.465  1.00 23.93 ? 28  G   B O6    1 
ATOM   570  N  N1    . G   B 1 5  ? 5.532   19.175  -4.127  1.00 23.22 ? 28  G   B N1    1 
ATOM   571  C  C2    . G   B 1 5  ? 4.271   19.452  -4.603  1.00 25.82 ? 28  G   B C2    1 
ATOM   572  N  N2    . G   B 1 5  ? 4.077   19.276  -5.927  1.00 26.11 ? 28  G   B N2    1 
ATOM   573  N  N3    . G   B 1 5  ? 3.269   19.859  -3.845  1.00 26.23 ? 28  G   B N3    1 
ATOM   574  C  C4    . G   B 1 5  ? 3.621   19.957  -2.544  1.00 28.45 ? 28  G   B C4    1 
ATOM   575  P  P     . U   B 1 6  ? -0.399  16.385  -0.406  1.00 34.45 ? 29  U   B P     1 
ATOM   576  O  OP1   . U   B 1 6  ? -1.652  15.683  -0.051  1.00 34.50 ? 29  U   B OP1   1 
ATOM   577  O  OP2   . U   B 1 6  ? 0.863   16.032  0.294   1.00 36.49 ? 29  U   B OP2   1 
ATOM   578  O  "O5'" . U   B 1 6  ? -0.160  16.188  -1.968  1.00 33.67 ? 29  U   B "O5'" 1 
ATOM   579  C  "C5'" . U   B 1 6  ? -1.207  16.456  -2.893  1.00 31.87 ? 29  U   B "C5'" 1 
ATOM   580  C  "C4'" . U   B 1 6  ? -0.730  16.205  -4.298  1.00 31.52 ? 29  U   B "C4'" 1 
ATOM   581  O  "O4'" . U   B 1 6  ? 0.368   17.106  -4.602  1.00 28.28 ? 29  U   B "O4'" 1 
ATOM   582  C  "C3'" . U   B 1 6  ? -0.103  14.846  -4.546  1.00 31.09 ? 29  U   B "C3'" 1 
ATOM   583  O  "O3'" . U   B 1 6  ? -1.065  13.812  -4.668  1.00 31.85 ? 29  U   B "O3'" 1 
ATOM   584  C  "C2'" . U   B 1 6  ? 0.639   15.116  -5.842  1.00 31.12 ? 29  U   B "C2'" 1 
ATOM   585  O  "O2'" . U   B 1 6  ? -0.225  15.218  -6.958  1.00 32.31 ? 29  U   B "O2'" 1 
ATOM   586  C  "C1'" . U   B 1 6  ? 1.240   16.485  -5.530  1.00 28.56 ? 29  U   B "C1'" 1 
ATOM   587  N  N1    . U   B 1 6  ? 2.567   16.357  -4.915  1.00 26.90 ? 29  U   B N1    1 
ATOM   588  C  C2    . U   B 1 6  ? 3.624   16.158  -5.766  1.00 27.27 ? 29  U   B C2    1 
ATOM   589  O  O2    . U   B 1 6  ? 3.494   16.116  -6.978  1.00 28.74 ? 29  U   B O2    1 
ATOM   590  N  N3    . U   B 1 6  ? 4.841   16.013  -5.153  1.00 26.85 ? 29  U   B N3    1 
ATOM   591  C  C4    . U   B 1 6  ? 5.102   16.052  -3.800  1.00 25.46 ? 29  U   B C4    1 
ATOM   592  O  O4    . U   B 1 6  ? 6.258   15.897  -3.408  1.00 25.78 ? 29  U   B O4    1 
ATOM   593  C  C5    . U   B 1 6  ? 3.954   16.274  -2.976  1.00 25.39 ? 29  U   B C5    1 
ATOM   594  C  C6    . U   B 1 6  ? 2.751   16.416  -3.548  1.00 28.23 ? 29  U   B C6    1 
ATOM   595  P  P     . C   B 1 7  ? -0.725  12.343  -4.102  1.00 33.03 ? 30  C   B P     1 
ATOM   596  O  OP1   . C   B 1 7  ? -1.915  11.501  -4.373  1.00 30.71 ? 30  C   B OP1   1 
ATOM   597  O  OP2   . C   B 1 7  ? -0.208  12.468  -2.714  1.00 33.63 ? 30  C   B OP2   1 
ATOM   598  O  "O5'" . C   B 1 7  ? 0.471   11.828  -5.017  1.00 30.62 ? 30  C   B "O5'" 1 
ATOM   599  C  "C5'" . C   B 1 7  ? 0.301   11.685  -6.417  1.00 28.70 ? 30  C   B "C5'" 1 
ATOM   600  C  "C4'" . C   B 1 7  ? 1.624   11.402  -7.071  1.00 28.76 ? 30  C   B "C4'" 1 
ATOM   601  O  "O4'" . C   B 1 7  ? 2.550   12.484  -6.785  1.00 27.67 ? 30  C   B "O4'" 1 
ATOM   602  C  "C3'" . C   B 1 7  ? 2.376   10.177  -6.575  1.00 28.62 ? 30  C   B "C3'" 1 
ATOM   603  O  "O3'" . C   B 1 7  ? 1.863   8.991   -7.165  1.00 27.76 ? 30  C   B "O3'" 1 
ATOM   604  C  "C2'" . C   B 1 7  ? 3.779   10.480  -7.077  1.00 27.20 ? 30  C   B "C2'" 1 
ATOM   605  O  "O2'" . C   B 1 7  ? 3.918   10.268  -8.466  1.00 30.55 ? 30  C   B "O2'" 1 
ATOM   606  C  "C1'" . C   B 1 7  ? 3.878   11.976  -6.782  1.00 27.33 ? 30  C   B "C1'" 1 
ATOM   607  N  N1    . C   B 1 7  ? 4.477   12.213  -5.463  1.00 25.91 ? 30  C   B N1    1 
ATOM   608  C  C2    . C   B 1 7  ? 5.849   11.991  -5.312  1.00 27.76 ? 30  C   B C2    1 
ATOM   609  O  O2    . C   B 1 7  ? 6.508   11.610  -6.304  1.00 27.12 ? 30  C   B O2    1 
ATOM   610  N  N3    . C   B 1 7  ? 6.425   12.187  -4.099  1.00 25.78 ? 30  C   B N3    1 
ATOM   611  C  C4    . C   B 1 7  ? 5.680   12.581  -3.065  1.00 24.98 ? 30  C   B C4    1 
ATOM   612  N  N4    . C   B 1 7  ? 6.289   12.741  -1.886  1.00 23.33 ? 30  C   B N4    1 
ATOM   613  C  C5    . C   B 1 7  ? 4.278   12.825  -3.192  1.00 27.12 ? 30  C   B C5    1 
ATOM   614  C  C6    . C   B 1 7  ? 3.722   12.631  -4.400  1.00 25.51 ? 30  C   B C6    1 
ATOM   615  P  P     . G   B 1 8  ? 2.068   7.572   -6.425  1.00 29.84 ? 31  G   B P     1 
ATOM   616  O  OP1   . G   B 1 8  ? 1.433   6.563   -7.303  1.00 28.69 ? 31  G   B OP1   1 
ATOM   617  O  OP2   . G   B 1 8  ? 1.653   7.690   -5.009  1.00 27.93 ? 31  G   B OP2   1 
ATOM   618  O  "O5'" . G   B 1 8  ? 3.636   7.324   -6.448  1.00 26.71 ? 31  G   B "O5'" 1 
ATOM   619  C  "C5'" . G   B 1 8  ? 4.327   7.185   -7.678  1.00 26.53 ? 31  G   B "C5'" 1 
ATOM   620  C  "C4'" . G   B 1 8  ? 5.786   6.948   -7.421  1.00 26.29 ? 31  G   B "C4'" 1 
ATOM   621  O  "O4'" . G   B 1 8  ? 6.361   8.126   -6.796  1.00 27.38 ? 31  G   B "O4'" 1 
ATOM   622  C  "C3'" . G   B 1 8  ? 6.097   5.834   -6.437  1.00 27.28 ? 31  G   B "C3'" 1 
ATOM   623  O  "O3'" . G   B 1 8  ? 6.056   4.562   -7.076  1.00 27.62 ? 31  G   B "O3'" 1 
ATOM   624  C  "C2'" . G   B 1 8  ? 7.505   6.204   -5.997  1.00 26.82 ? 31  G   B "C2'" 1 
ATOM   625  O  "O2'" . G   B 1 8  ? 8.506   5.836   -6.919  1.00 26.78 ? 31  G   B "O2'" 1 
ATOM   626  C  "C1'" . G   B 1 8  ? 7.407   7.730   -5.923  1.00 26.71 ? 31  G   B "C1'" 1 
ATOM   627  N  N9    . G   B 1 8  ? 7.093   8.209   -4.580  1.00 25.99 ? 31  G   B N9    1 
ATOM   628  C  C8    . G   B 1 8  ? 5.885   8.676   -4.126  1.00 25.15 ? 31  G   B C8    1 
ATOM   629  N  N7    . G   B 1 8  ? 5.923   9.062   -2.879  1.00 25.55 ? 31  G   B N7    1 
ATOM   630  C  C5    . G   B 1 8  ? 7.234   8.833   -2.485  1.00 23.82 ? 31  G   B C5    1 
ATOM   631  C  C6    . G   B 1 8  ? 7.879   9.083   -1.242  1.00 24.77 ? 31  G   B C6    1 
ATOM   632  O  O6    . G   B 1 8  ? 7.403   9.594   -0.218  1.00 23.87 ? 31  G   B O6    1 
ATOM   633  N  N1    . G   B 1 8  ? 9.215   8.685   -1.271  1.00 22.96 ? 31  G   B N1    1 
ATOM   634  C  C2    . G   B 1 8  ? 9.849   8.129   -2.361  1.00 24.43 ? 31  G   B C2    1 
ATOM   635  N  N2    . G   B 1 8  ? 11.126  7.773   -2.194  1.00 22.44 ? 31  G   B N2    1 
ATOM   636  N  N3    . G   B 1 8  ? 9.264   7.924   -3.532  1.00 25.42 ? 31  G   B N3    1 
ATOM   637  C  C4    . G   B 1 8  ? 7.965   8.292   -3.520  1.00 24.44 ? 31  G   B C4    1 
ATOM   638  P  P     . C   B 1 9  ? 5.562   3.272   -6.253  1.00 27.97 ? 32  C   B P     1 
ATOM   639  O  OP1   . C   B 1 9  ? 5.426   2.167   -7.236  1.00 30.33 ? 32  C   B OP1   1 
ATOM   640  O  OP2   . C   B 1 9  ? 4.403   3.637   -5.409  1.00 26.71 ? 32  C   B OP2   1 
ATOM   641  O  "O5'" . C   B 1 9  ? 6.786   2.950   -5.288  1.00 26.87 ? 32  C   B "O5'" 1 
ATOM   642  C  "C5'" . C   B 1 9  ? 8.081   2.674   -5.811  1.00 26.14 ? 32  C   B "C5'" 1 
ATOM   643  C  "C4'" . C   B 1 9  ? 9.075   2.553   -4.681  1.00 24.61 ? 32  C   B "C4'" 1 
ATOM   644  O  "O4'" . C   B 1 9  ? 9.284   3.854   -4.068  1.00 25.28 ? 32  C   B "O4'" 1 
ATOM   645  C  "C3'" . C   B 1 9  ? 8.628   1.689   -3.512  1.00 26.13 ? 32  C   B "C3'" 1 
ATOM   646  O  "O3'" . C   B 1 9  ? 8.789   0.302   -3.773  1.00 27.26 ? 32  C   B "O3'" 1 
ATOM   647  C  "C2'" . C   B 1 9  ? 9.546   2.187   -2.410  1.00 25.99 ? 32  C   B "C2'" 1 
ATOM   648  O  "O2'" . C   B 1 9  ? 10.875  1.744   -2.592  1.00 24.85 ? 32  C   B "O2'" 1 
ATOM   649  C  "C1'" . C   B 1 9  ? 9.502   3.692   -2.670  1.00 24.42 ? 32  C   B "C1'" 1 
ATOM   650  N  N1    . C   B 1 9  ? 8.434   4.401   -1.941  1.00 23.94 ? 32  C   B N1    1 
ATOM   651  C  C2    . C   B 1 9  ? 8.608   4.655   -0.572  1.00 26.59 ? 32  C   B C2    1 
ATOM   652  O  O2    . C   B 1 9  ? 9.612   4.198   0.001   1.00 21.48 ? 32  C   B O2    1 
ATOM   653  N  N3    . C   B 1 9  ? 7.675   5.382   0.090   1.00 24.90 ? 32  C   B N3    1 
ATOM   654  C  C4    . C   B 1 9  ? 6.592   5.829   -0.558  1.00 25.03 ? 32  C   B C4    1 
ATOM   655  N  N4    . C   B 1 9  ? 5.712   6.568   0.125   1.00 23.71 ? 32  C   B N4    1 
ATOM   656  C  C5    . C   B 1 9  ? 6.369   5.542   -1.937  1.00 21.73 ? 32  C   B C5    1 
ATOM   657  C  C6    . C   B 1 9  ? 7.304   4.832   -2.582  1.00 23.72 ? 32  C   B C6    1 
ATOM   658  P  P     . G   B 1 10 ? 7.728   -0.745  -3.179  1.00 27.55 ? 33  G   B P     1 
ATOM   659  O  OP1   . G   B 1 10 ? 7.970   -2.038  -3.864  1.00 28.20 ? 33  G   B OP1   1 
ATOM   660  O  OP2   . G   B 1 10 ? 6.372   -0.137  -3.210  1.00 26.92 ? 33  G   B OP2   1 
ATOM   661  O  "O5'" . G   B 1 10 ? 8.146   -0.904  -1.649  1.00 27.30 ? 33  G   B "O5'" 1 
ATOM   662  C  "C5'" . G   B 1 10 ? 9.453   -1.337  -1.288  1.00 27.12 ? 33  G   B "C5'" 1 
ATOM   663  C  "C4'" . G   B 1 10 ? 9.659   -1.181  0.197   1.00 24.40 ? 33  G   B "C4'" 1 
ATOM   664  O  "O4'" . G   B 1 10 ? 9.621   0.228   0.550   1.00 25.07 ? 33  G   B "O4'" 1 
ATOM   665  C  "C3'" . G   B 1 10 ? 8.587   -1.802  1.076   1.00 24.66 ? 33  G   B "C3'" 1 
ATOM   666  O  "O3'" . G   B 1 10 ? 8.828   -3.191  1.243   1.00 25.93 ? 33  G   B "O3'" 1 
ATOM   667  C  "C2'" . G   B 1 10 ? 8.761   -1.026  2.376   1.00 24.65 ? 33  G   B "C2'" 1 
ATOM   668  O  "O2'" . G   B 1 10 ? 9.873   -1.465  3.123   1.00 24.20 ? 33  G   B "O2'" 1 
ATOM   669  C  "C1'" . G   B 1 10 ? 9.077   0.372   1.849   1.00 24.94 ? 33  G   B "C1'" 1 
ATOM   670  N  N9    . G   B 1 10 ? 7.919   1.256   1.777   1.00 25.58 ? 33  G   B N9    1 
ATOM   671  C  C8    . G   B 1 10 ? 7.253   1.679   0.651   1.00 26.61 ? 33  G   B C8    1 
ATOM   672  N  N7    . G   B 1 10 ? 6.294   2.530   0.912   1.00 26.36 ? 33  G   B N7    1 
ATOM   673  C  C5    . G   B 1 10 ? 6.323   2.667   2.295   1.00 26.21 ? 33  G   B C5    1 
ATOM   674  C  C6    . G   B 1 10 ? 5.536   3.474   3.161   1.00 25.35 ? 33  G   B C6    1 
ATOM   675  O  O6    . G   B 1 10 ? 4.650   4.278   2.868   1.00 25.35 ? 33  G   B O6    1 
ATOM   676  N  N1    . G   B 1 10 ? 5.884   3.284   4.495   1.00 25.18 ? 33  G   B N1    1 
ATOM   677  C  C2    . G   B 1 10 ? 6.875   2.444   4.942   1.00 26.20 ? 33  G   B C2    1 
ATOM   678  N  N2    . G   B 1 10 ? 7.062   2.404   6.272   1.00 25.89 ? 33  G   B N2    1 
ATOM   679  N  N3    . G   B 1 10 ? 7.629   1.701   4.145   1.00 24.38 ? 33  G   B N3    1 
ATOM   680  C  C4    . G   B 1 10 ? 7.302   1.862   2.845   1.00 26.12 ? 33  G   B C4    1 
HETATM 681  P  P     . 5BU B 1 11 ? 7.597   -4.176  1.543   1.00 29.13 ? 34  5BU B P     1 
HETATM 682  O  OP1   . 5BU B 1 11 ? 8.100   -5.560  1.468   1.00 29.83 ? 34  5BU B OP1   1 
HETATM 683  O  OP2   . 5BU B 1 11 ? 6.456   -3.766  0.698   1.00 29.59 ? 34  5BU B OP2   1 
HETATM 684  O  "O5'" . 5BU B 1 11 ? 7.217   -3.863  3.062   1.00 28.69 ? 34  5BU B "O5'" 1 
HETATM 685  C  "C5'" . 5BU B 1 11 ? 8.087   -4.231  4.127   1.00 27.95 ? 34  5BU B "C5'" 1 
HETATM 686  C  "C4'" . 5BU B 1 11 ? 7.527   -3.753  5.451   1.00 29.49 ? 34  5BU B "C4'" 1 
HETATM 687  O  "O4'" . 5BU B 1 11 ? 7.543   -2.297  5.516   1.00 27.71 ? 34  5BU B "O4'" 1 
HETATM 688  C  "C3'" . 5BU B 1 11 ? 6.074   -4.086  5.744   1.00 29.57 ? 34  5BU B "C3'" 1 
HETATM 689  O  "O3'" . 5BU B 1 11 ? 5.897   -5.429  6.168   1.00 30.41 ? 34  5BU B "O3'" 1 
HETATM 690  C  "C2'" . 5BU B 1 11 ? 5.772   -3.100  6.859   1.00 28.57 ? 34  5BU B "C2'" 1 
HETATM 691  O  "O2'" . 5BU B 1 11 ? 6.374   -3.479  8.081   1.00 29.20 ? 34  5BU B "O2'" 1 
HETATM 692  C  "C1'" . 5BU B 1 11 ? 6.458   -1.846  6.318   1.00 27.79 ? 34  5BU B "C1'" 1 
HETATM 693  N  N1    . 5BU B 1 11 ? 5.559   -1.027  5.488   1.00 28.57 ? 34  5BU B N1    1 
HETATM 694  C  C2    . 5BU B 1 11 ? 4.723   -0.136  6.143   1.00 29.60 ? 34  5BU B C2    1 
HETATM 695  O  O2    . 5BU B 1 11 ? 4.702   -0.019  7.363   1.00 27.57 ? 34  5BU B O2    1 
HETATM 696  N  N3    . 5BU B 1 11 ? 3.910   0.611   5.321   1.00 30.04 ? 34  5BU B N3    1 
HETATM 697  C  C4    . 5BU B 1 11 ? 3.848   0.557   3.938   1.00 31.08 ? 34  5BU B C4    1 
HETATM 698  O  O4    . 5BU B 1 11 ? 3.116   1.343   3.331   1.00 29.85 ? 34  5BU B O4    1 
HETATM 699  C  C5    . 5BU B 1 11 ? 4.726   -0.402  3.337   1.00 32.32 ? 34  5BU B C5    1 
HETATM 700  C  C6    . 5BU B 1 11 ? 5.539   -1.138  4.112   1.00 28.27 ? 34  5BU B C6    1 
HETATM 701  BR BR    . 5BU B 1 11 ? 4.667   -0.672  1.476   1.00 36.59 ? 34  5BU B BR    1 
ATOM   702  P  P     . C   B 1 12 ? 4.539   -6.202  5.788   1.00 32.60 ? 35  C   B P     1 
ATOM   703  O  OP1   . C   B 1 12 ? 4.734   -7.620  6.170   1.00 32.94 ? 35  C   B OP1   1 
ATOM   704  O  OP2   . C   B 1 12 ? 4.190   -5.863  4.388   1.00 31.42 ? 35  C   B OP2   1 
ATOM   705  O  "O5'" . C   B 1 12 ? 3.447   -5.538  6.736   1.00 30.43 ? 35  C   B "O5'" 1 
ATOM   706  C  "C5'" . C   B 1 12 ? 3.619   -5.520  8.152   1.00 30.58 ? 35  C   B "C5'" 1 
ATOM   707  C  "C4'" . C   B 1 12 ? 2.663   -4.536  8.786   1.00 29.30 ? 35  C   B "C4'" 1 
ATOM   708  O  "O4'" . C   B 1 12 ? 2.942   -3.188  8.316   1.00 29.30 ? 35  C   B "O4'" 1 
ATOM   709  C  "C3'" . C   B 1 12 ? 1.192   -4.712  8.452   1.00 30.18 ? 35  C   B "C3'" 1 
ATOM   710  O  "O3'" . C   B 1 12 ? 0.610   -5.739  9.243   1.00 32.34 ? 35  C   B "O3'" 1 
ATOM   711  C  "C2'" . C   B 1 12 ? 0.631   -3.347  8.830   1.00 29.14 ? 35  C   B "C2'" 1 
ATOM   712  O  "O2'" . C   B 1 12 ? 0.459   -3.206  10.229  1.00 30.96 ? 35  C   B "O2'" 1 
ATOM   713  C  "C1'" . C   B 1 12 ? 1.743   -2.422  8.329   1.00 27.86 ? 35  C   B "C1'" 1 
ATOM   714  N  N1    . C   B 1 12 ? 1.479   -1.937  6.965   1.00 27.21 ? 35  C   B N1    1 
ATOM   715  C  C2    . C   B 1 12 ? 0.589   -0.872  6.796   1.00 25.87 ? 35  C   B C2    1 
ATOM   716  O  O2    . C   B 1 12 ? 0.094   -0.347  7.798   1.00 28.19 ? 35  C   B O2    1 
ATOM   717  N  N3    . C   B 1 12 ? 0.294   -0.444  5.548   1.00 26.25 ? 35  C   B N3    1 
ATOM   718  C  C4    . C   B 1 12 ? 0.862   -1.030  4.490   1.00 26.09 ? 35  C   B C4    1 
ATOM   719  N  N4    . C   B 1 12 ? 0.529   -0.588  3.276   1.00 24.43 ? 35  C   B N4    1 
ATOM   720  C  C5    . C   B 1 12 ? 1.795   -2.102  4.633   1.00 26.63 ? 35  C   B C5    1 
ATOM   721  C  C6    . C   B 1 12 ? 2.071   -2.520  5.879   1.00 25.18 ? 35  C   B C6    1 
ATOM   722  P  P     . G   B 1 13 ? -0.711  -6.487  8.720   1.00 32.77 ? 36  G   B P     1 
ATOM   723  O  OP1   . G   B 1 13 ? -0.958  -7.622  9.643   1.00 34.42 ? 36  G   B OP1   1 
ATOM   724  O  OP2   . G   B 1 13 ? -0.549  -6.736  7.269   1.00 31.47 ? 36  G   B OP2   1 
ATOM   725  O  "O5'" . G   B 1 13 ? -1.876  -5.418  8.922   1.00 32.15 ? 36  G   B "O5'" 1 
ATOM   726  C  "C5'" . G   B 1 13 ? -2.231  -4.970  10.220  1.00 31.21 ? 36  G   B "C5'" 1 
ATOM   727  C  "C4'" . G   B 1 13 ? -3.261  -3.868  10.133  1.00 33.32 ? 36  G   B "C4'" 1 
ATOM   728  O  "O4'" . G   B 1 13 ? -2.698  -2.691  9.492   1.00 30.99 ? 36  G   B "O4'" 1 
ATOM   729  C  "C3'" . G   B 1 13 ? -4.493  -4.162  9.296   1.00 33.78 ? 36  G   B "C3'" 1 
ATOM   730  O  "O3'" . G   B 1 13 ? -5.433  -4.942  10.011  1.00 35.41 ? 36  G   B "O3'" 1 
ATOM   731  C  "C2'" . G   B 1 13 ? -5.026  -2.761  9.050   1.00 31.73 ? 36  G   B "C2'" 1 
ATOM   732  O  "O2'" . G   B 1 13 ? -5.679  -2.224  10.180  1.00 32.83 ? 36  G   B "O2'" 1 
ATOM   733  C  "C1'" . G   B 1 13 ? -3.724  -2.006  8.791   1.00 31.73 ? 36  G   B "C1'" 1 
ATOM   734  N  N9    . G   B 1 13 ? -3.370  -1.967  7.376   1.00 29.39 ? 36  G   B N9    1 
ATOM   735  C  C8    . G   B 1 13 ? -2.457  -2.754  6.716   1.00 27.26 ? 36  G   B C8    1 
ATOM   736  N  N7    . G   B 1 13 ? -2.319  -2.429  5.458   1.00 27.85 ? 36  G   B N7    1 
ATOM   737  C  C5    . G   B 1 13 ? -3.204  -1.373  5.277   1.00 27.14 ? 36  G   B C5    1 
ATOM   738  C  C6    . G   B 1 13 ? -3.480  -0.590  4.129   1.00 27.04 ? 36  G   B C6    1 
ATOM   739  O  O6    . G   B 1 13 ? -2.963  -0.658  3.012   1.00 26.40 ? 36  G   B O6    1 
ATOM   740  N  N1    . G   B 1 13 ? -4.462  0.366   4.382   1.00 26.93 ? 36  G   B N1    1 
ATOM   741  C  C2    . G   B 1 13 ? -5.090  0.549   5.585   1.00 27.76 ? 36  G   B C2    1 
ATOM   742  N  N2    . G   B 1 13 ? -6.018  1.510   5.629   1.00 28.75 ? 36  G   B N2    1 
ATOM   743  N  N3    . G   B 1 13 ? -4.829  -0.162  6.670   1.00 29.26 ? 36  G   B N3    1 
ATOM   744  C  C4    . G   B 1 13 ? -3.881  -1.098  6.444   1.00 28.37 ? 36  G   B C4    1 
ATOM   745  P  P     . A   B 1 14 ? -6.485  -5.839  9.204   1.00 37.73 ? 37  A   B P     1 
ATOM   746  O  OP1   . A   B 1 14 ? -7.172  -6.665  10.225  1.00 39.13 ? 37  A   B OP1   1 
ATOM   747  O  OP2   . A   B 1 14 ? -5.813  -6.493  8.056   1.00 36.50 ? 37  A   B OP2   1 
ATOM   748  O  "O5'" . A   B 1 14 ? -7.523  -4.782  8.621   1.00 38.00 ? 37  A   B "O5'" 1 
ATOM   749  C  "C5'" . A   B 1 14 ? -8.335  -4.007  9.498   1.00 37.46 ? 37  A   B "C5'" 1 
ATOM   750  C  "C4'" . A   B 1 14 ? -9.075  -2.945  8.723   1.00 36.26 ? 37  A   B "C4'" 1 
ATOM   751  O  "O4'" . A   B 1 14 ? -8.131  -2.009  8.137   1.00 35.19 ? 37  A   B "O4'" 1 
ATOM   752  C  "C3'" . A   B 1 14 ? -9.871  -3.435  7.529   1.00 35.16 ? 37  A   B "C3'" 1 
ATOM   753  O  "O3'" . A   B 1 14 ? -11.126 -3.953  7.932   1.00 37.09 ? 37  A   B "O3'" 1 
ATOM   754  C  "C2'" . A   B 1 14 ? -10.020 -2.159  6.718   1.00 33.96 ? 37  A   B "C2'" 1 
ATOM   755  O  "O2'" . A   B 1 14 ? -11.007 -1.290  7.227   1.00 35.63 ? 37  A   B "O2'" 1 
ATOM   756  C  "C1'" . A   B 1 14 ? -8.628  -1.553  6.888   1.00 33.43 ? 37  A   B "C1'" 1 
ATOM   757  N  N9    . A   B 1 14 ? -7.717  -2.017  5.849   1.00 29.88 ? 37  A   B N9    1 
ATOM   758  C  C8    . A   B 1 14 ? -6.821  -3.053  5.905   1.00 28.50 ? 37  A   B C8    1 
ATOM   759  N  N7    . A   B 1 14 ? -6.150  -3.230  4.794   1.00 27.20 ? 37  A   B N7    1 
ATOM   760  C  C5    . A   B 1 14 ? -6.639  -2.242  3.951   1.00 26.46 ? 37  A   B C5    1 
ATOM   761  C  C6    . A   B 1 14 ? -6.341  -1.895  2.630   1.00 24.52 ? 37  A   B C6    1 
ATOM   762  N  N6    . A   B 1 14 ? -5.428  -2.524  1.887   1.00 23.07 ? 37  A   B N6    1 
ATOM   763  N  N1    . A   B 1 14 ? -7.020  -0.860  2.084   1.00 25.93 ? 37  A   B N1    1 
ATOM   764  C  C2    . A   B 1 14 ? -7.929  -0.227  2.828   1.00 22.66 ? 37  A   B C2    1 
ATOM   765  N  N3    . A   B 1 14 ? -8.293  -0.456  4.079   1.00 26.50 ? 37  A   B N3    1 
ATOM   766  C  C4    . A   B 1 14 ? -7.604  -1.488  4.590   1.00 27.44 ? 37  A   B C4    1 
ATOM   767  P  P     . C   B 1 15 ? -11.764 -5.190  7.129   1.00 39.30 ? 38  C   B P     1 
ATOM   768  O  OP1   . C   B 1 15 ? -12.981 -5.586  7.880   1.00 39.42 ? 38  C   B OP1   1 
ATOM   769  O  OP2   . C   B 1 15 ? -10.695 -6.193  6.869   1.00 37.38 ? 38  C   B OP2   1 
ATOM   770  O  "O5'" . C   B 1 15 ? -12.193 -4.558  5.733   1.00 34.51 ? 38  C   B "O5'" 1 
ATOM   771  C  "C5'" . C   B 1 15 ? -13.112 -3.483  5.677   1.00 33.87 ? 38  C   B "C5'" 1 
ATOM   772  C  "C4'" . C   B 1 15 ? -13.066 -2.839  4.316   1.00 34.23 ? 38  C   B "C4'" 1 
ATOM   773  O  "O4'" . C   B 1 15 ? -11.751 -2.263  4.076   1.00 32.98 ? 38  C   B "O4'" 1 
ATOM   774  C  "C3'" . C   B 1 15 ? -13.249 -3.758  3.123   1.00 33.28 ? 38  C   B "C3'" 1 
ATOM   775  O  "O3'" . C   B 1 15 ? -14.609 -4.153  2.946   1.00 35.10 ? 38  C   B "O3'" 1 
ATOM   776  C  "C2'" . C   B 1 15 ? -12.713 -2.875  2.001   1.00 33.32 ? 38  C   B "C2'" 1 
ATOM   777  O  "O2'" . C   B 1 15 ? -13.607 -1.859  1.592   1.00 33.59 ? 38  C   B "O2'" 1 
ATOM   778  C  "C1'" . C   B 1 15 ? -11.489 -2.253  2.680   1.00 32.63 ? 38  C   B "C1'" 1 
ATOM   779  N  N1    . C   B 1 15 ? -10.279 -3.048  2.422   1.00 31.10 ? 38  C   B N1    1 
ATOM   780  C  C2    . C   B 1 15 ? -9.638  -2.892  1.195   1.00 30.14 ? 38  C   B C2    1 
ATOM   781  O  O2    . C   B 1 15 ? -10.059 -2.025  0.415   1.00 32.16 ? 38  C   B O2    1 
ATOM   782  N  N3    . C   B 1 15 ? -8.579  -3.677  0.892   1.00 28.54 ? 38  C   B N3    1 
ATOM   783  C  C4    . C   B 1 15 ? -8.143  -4.578  1.777   1.00 29.27 ? 38  C   B C4    1 
ATOM   784  N  N4    . C   B 1 15 ? -7.112  -5.358  1.423   1.00 26.44 ? 38  C   B N4    1 
ATOM   785  C  C5    . C   B 1 15 ? -8.748  -4.726  3.063   1.00 30.24 ? 38  C   B C5    1 
ATOM   786  C  C6    . C   B 1 15 ? -9.806  -3.945  3.340   1.00 29.76 ? 38  C   B C6    1 
ATOM   787  P  P     . G   B 1 16 ? -14.951 -5.555  2.210   1.00 36.49 ? 39  G   B P     1 
ATOM   788  O  OP1   . G   B 1 16 ? -16.398 -5.826  2.392   1.00 37.29 ? 39  G   B OP1   1 
ATOM   789  O  OP2   . G   B 1 16 ? -13.959 -6.578  2.618   1.00 37.00 ? 39  G   B OP2   1 
ATOM   790  O  "O5'" . G   B 1 16 ? -14.719 -5.236  0.671   1.00 34.80 ? 39  G   B "O5'" 1 
ATOM   791  C  "C5'" . G   B 1 16 ? -15.401 -4.161  0.047   1.00 32.55 ? 39  G   B "C5'" 1 
ATOM   792  C  "C4'" . G   B 1 16 ? -14.874 -3.968  -1.345  1.00 33.88 ? 39  G   B "C4'" 1 
ATOM   793  O  "O4'" . G   B 1 16 ? -13.514 -3.459  -1.292  1.00 32.84 ? 39  G   B "O4'" 1 
ATOM   794  C  "C3'" . G   B 1 16 ? -14.722 -5.242  -2.161  1.00 34.72 ? 39  G   B "C3'" 1 
ATOM   795  O  "O3'" . G   B 1 16 ? -15.958 -5.676  -2.703  1.00 35.75 ? 39  G   B "O3'" 1 
ATOM   796  C  "C2'" . G   B 1 16 ? -13.767 -4.785  -3.247  1.00 33.68 ? 39  G   B "C2'" 1 
ATOM   797  O  "O2'" . G   B 1 16 ? -14.419 -4.010  -4.227  1.00 38.07 ? 39  G   B "O2'" 1 
ATOM   798  C  "C1'" . G   B 1 16 ? -12.796 -3.922  -2.435  1.00 33.10 ? 39  G   B "C1'" 1 
ATOM   799  N  N9    . G   B 1 16 ? -11.649 -4.699  -1.976  1.00 27.91 ? 39  G   B N9    1 
ATOM   800  C  C8    . G   B 1 16 ? -11.452 -5.240  -0.731  1.00 25.14 ? 39  G   B C8    1 
ATOM   801  N  N7    . G   B 1 16 ? -10.338 -5.908  -0.634  1.00 25.37 ? 39  G   B N7    1 
ATOM   802  C  C5    . G   B 1 16 ? -9.763  -5.799  -1.892  1.00 25.15 ? 39  G   B C5    1 
ATOM   803  C  C6    . G   B 1 16 ? -8.549  -6.329  -2.401  1.00 24.29 ? 39  G   B C6    1 
ATOM   804  O  O6    . G   B 1 16 ? -7.707  -7.022  -1.820  1.00 25.02 ? 39  G   B O6    1 
ATOM   805  N  N1    . G   B 1 16 ? -8.355  -5.974  -3.732  1.00 22.21 ? 39  G   B N1    1 
ATOM   806  C  C2    . G   B 1 16 ? -9.209  -5.208  -4.475  1.00 24.63 ? 39  G   B C2    1 
ATOM   807  N  N2    . G   B 1 16 ? -8.836  -4.961  -5.746  1.00 25.73 ? 39  G   B N2    1 
ATOM   808  N  N3    . G   B 1 16 ? -10.344 -4.711  -4.015  1.00 25.11 ? 39  G   B N3    1 
ATOM   809  C  C4    . G   B 1 16 ? -10.557 -5.046  -2.728  1.00 25.68 ? 39  G   B C4    1 
ATOM   810  P  P     . A   B 1 17 ? -16.283 -7.247  -2.763  1.00 38.00 ? 40  A   B P     1 
ATOM   811  O  OP1   . A   B 1 17 ? -17.761 -7.378  -2.797  1.00 40.31 ? 40  A   B OP1   1 
ATOM   812  O  OP2   . A   B 1 17 ? -15.504 -7.955  -1.718  1.00 38.46 ? 40  A   B OP2   1 
ATOM   813  O  "O5'" . A   B 1 17 ? -15.705 -7.711  -4.171  1.00 38.01 ? 40  A   B "O5'" 1 
ATOM   814  C  "C5'" . A   B 1 17 ? -16.438 -7.471  -5.357  1.00 35.01 ? 40  A   B "C5'" 1 
ATOM   815  C  "C4'" . A   B 1 17 ? -17.194 -8.713  -5.754  1.00 33.78 ? 40  A   B "C4'" 1 
ATOM   816  O  "O4'" . A   B 1 17 ? -18.170 -8.346  -6.744  1.00 34.08 ? 40  A   B "O4'" 1 
ATOM   817  C  "C3'" . A   B 1 17 ? -16.384 -9.832  -6.390  1.00 33.19 ? 40  A   B "C3'" 1 
ATOM   818  O  "O3'" . A   B 1 17 ? -15.862 -10.705 -5.391  1.00 31.66 ? 40  A   B "O3'" 1 
ATOM   819  C  "C2'" . A   B 1 17 ? -17.420 -10.555 -7.251  1.00 34.64 ? 40  A   B "C2'" 1 
ATOM   820  O  "O2'" . A   B 1 17 ? -18.111 -11.566 -6.542  1.00 33.01 ? 40  A   B "O2'" 1 
ATOM   821  C  "C1'" . A   B 1 17 ? -18.395 -9.432  -7.611  1.00 34.31 ? 40  A   B "C1'" 1 
ATOM   822  N  N9    . A   B 1 17 ? -18.328 -8.918  -8.975  1.00 34.59 ? 40  A   B N9    1 
ATOM   823  C  C8    . A   B 1 17 ? -17.470 -7.978  -9.490  1.00 35.84 ? 40  A   B C8    1 
ATOM   824  N  N7    . A   B 1 17 ? -17.720 -7.666  -10.739 1.00 36.57 ? 40  A   B N7    1 
ATOM   825  C  C5    . A   B 1 17 ? -18.803 -8.469  -11.070 1.00 36.05 ? 40  A   B C5    1 
ATOM   826  C  C6    . A   B 1 17 ? -19.555 -8.607  -12.249 1.00 36.49 ? 40  A   B C6    1 
ATOM   827  N  N6    . A   B 1 17 ? -19.320 -7.913  -13.360 1.00 35.70 ? 40  A   B N6    1 
ATOM   828  N  N1    . A   B 1 17 ? -20.571 -9.494  -12.243 1.00 37.07 ? 40  A   B N1    1 
ATOM   829  C  C2    . A   B 1 17 ? -20.805 -10.191 -11.130 1.00 37.46 ? 40  A   B C2    1 
ATOM   830  N  N3    . A   B 1 17 ? -20.170 -10.151 -9.961  1.00 34.98 ? 40  A   B N3    1 
ATOM   831  C  C4    . A   B 1 17 ? -19.173 -9.256  -9.998  1.00 34.90 ? 40  A   B C4    1 
ATOM   832  P  P     . A   B 1 18 ? -14.408 -11.364 -5.591  1.00 31.06 ? 41  A   B P     1 
ATOM   833  O  OP1   . A   B 1 18 ? -14.017 -11.988 -4.308  1.00 32.01 ? 41  A   B OP1   1 
ATOM   834  O  OP2   . A   B 1 18 ? -13.514 -10.369 -6.230  1.00 28.37 ? 41  A   B OP2   1 
ATOM   835  O  "O5'" . A   B 1 18 ? -14.651 -12.512 -6.663  1.00 30.07 ? 41  A   B "O5'" 1 
ATOM   836  C  "C5'" . A   B 1 18 ? -15.457 -13.646 -6.365  1.00 27.54 ? 41  A   B "C5'" 1 
ATOM   837  C  "C4'" . A   B 1 18 ? -15.731 -14.403 -7.639  1.00 25.98 ? 41  A   B "C4'" 1 
ATOM   838  O  "O4'" . A   B 1 18 ? -16.482 -13.518 -8.509  1.00 26.70 ? 41  A   B "O4'" 1 
ATOM   839  C  "C3'" . A   B 1 18 ? -14.466 -14.762 -8.411  1.00 24.90 ? 41  A   B "C3'" 1 
ATOM   840  O  "O3'" . A   B 1 18 ? -14.069 -16.091 -8.073  1.00 25.35 ? 41  A   B "O3'" 1 
ATOM   841  C  "C2'" . A   B 1 18 ? -14.922 -14.703 -9.866  1.00 25.53 ? 41  A   B "C2'" 1 
ATOM   842  O  "O2'" . A   B 1 18 ? -15.485 -15.922 -10.303 1.00 22.69 ? 41  A   B "O2'" 1 
ATOM   843  C  "C1'" . A   B 1 18 ? -15.996 -13.614 -9.830  1.00 25.30 ? 41  A   B "C1'" 1 
ATOM   844  N  N9    . A   B 1 18 ? -15.540 -12.290 -10.255 1.00 25.80 ? 41  A   B N9    1 
ATOM   845  C  C8    . A   B 1 18 ? -14.531 -11.514 -9.731  1.00 25.73 ? 41  A   B C8    1 
ATOM   846  N  N7    . A   B 1 18 ? -14.348 -10.381 -10.372 1.00 25.75 ? 41  A   B N7    1 
ATOM   847  C  C5    . A   B 1 18 ? -15.301 -10.410 -11.381 1.00 25.15 ? 41  A   B C5    1 
ATOM   848  C  C6    . A   B 1 18 ? -15.620 -9.507  -12.419 1.00 25.73 ? 41  A   B C6    1 
ATOM   849  N  N6    . A   B 1 18 ? -14.983 -8.352  -12.631 1.00 24.38 ? 41  A   B N6    1 
ATOM   850  N  N1    . A   B 1 18 ? -16.633 -9.841  -13.250 1.00 25.51 ? 41  A   B N1    1 
ATOM   851  C  C2    . A   B 1 18 ? -17.274 -10.997 -13.047 1.00 25.68 ? 41  A   B C2    1 
ATOM   852  N  N3    . A   B 1 18 ? -17.065 -11.929 -12.115 1.00 26.09 ? 41  A   B N3    1 
ATOM   853  C  C4    . A   B 1 18 ? -16.052 -11.572 -11.309 1.00 25.74 ? 41  A   B C4    1 
ATOM   854  P  P     . G   B 1 19 ? -12.706 -16.347 -7.254  1.00 27.94 ? 42  G   B P     1 
ATOM   855  O  OP1   . G   B 1 19 ? -12.627 -17.798 -6.966  1.00 24.54 ? 42  G   B OP1   1 
ATOM   856  O  OP2   . G   B 1 19 ? -12.615 -15.372 -6.132  1.00 27.03 ? 42  G   B OP2   1 
ATOM   857  O  "O5'" . G   B 1 19 ? -11.540 -15.987 -8.281  1.00 27.93 ? 42  G   B "O5'" 1 
ATOM   858  C  "C5'" . G   B 1 19 ? -11.516 -16.529 -9.598  1.00 27.50 ? 42  G   B "C5'" 1 
ATOM   859  C  "C4'" . G   B 1 19 ? -10.117 -16.451 -10.167 1.00 26.69 ? 42  G   B "C4'" 1 
ATOM   860  O  "O4'" . G   B 1 19 ? -9.637  -15.077 -10.110 1.00 29.22 ? 42  G   B "O4'" 1 
ATOM   861  C  "C3'" . G   B 1 19 ? -9.065  -17.266 -9.436  1.00 29.37 ? 42  G   B "C3'" 1 
ATOM   862  O  "O3'" . G   B 1 19 ? -9.022  -18.564 -10.005 1.00 29.80 ? 42  G   B "O3'" 1 
ATOM   863  C  "C2'" . G   B 1 19 ? -7.791  -16.489 -9.745  1.00 29.01 ? 42  G   B "C2'" 1 
ATOM   864  O  "O2'" . G   B 1 19 ? -7.271  -16.766 -11.028 1.00 30.45 ? 42  G   B "O2'" 1 
ATOM   865  C  "C1'" . G   B 1 19 ? -8.294  -15.048 -9.651  1.00 28.15 ? 42  G   B "C1'" 1 
ATOM   866  N  N9    . G   B 1 19 ? -8.291  -14.584 -8.267  1.00 28.84 ? 42  G   B N9    1 
ATOM   867  C  C8    . G   B 1 19 ? -9.377  -14.191 -7.517  1.00 28.44 ? 42  G   B C8    1 
ATOM   868  N  N7    . G   B 1 19 ? -9.070  -13.921 -6.274  1.00 28.28 ? 42  G   B N7    1 
ATOM   869  C  C5    . G   B 1 19 ? -7.698  -14.134 -6.203  1.00 26.84 ? 42  G   B C5    1 
ATOM   870  C  C6    . G   B 1 19 ? -6.806  -14.036 -5.099  1.00 26.46 ? 42  G   B C6    1 
ATOM   871  O  O6    . G   B 1 19 ? -7.066  -13.764 -3.923  1.00 23.05 ? 42  G   B O6    1 
ATOM   872  N  N1    . G   B 1 19 ? -5.495  -14.321 -5.475  1.00 26.26 ? 42  G   B N1    1 
ATOM   873  C  C2    . G   B 1 19 ? -5.096  -14.672 -6.746  1.00 26.26 ? 42  G   B C2    1 
ATOM   874  N  N2    . G   B 1 19 ? -3.783  -14.898 -6.918  1.00 23.41 ? 42  G   B N2    1 
ATOM   875  N  N3    . G   B 1 19 ? -5.920  -14.791 -7.771  1.00 25.12 ? 42  G   B N3    1 
ATOM   876  C  C4    . G   B 1 19 ? -7.197  -14.510 -7.432  1.00 26.87 ? 42  G   B C4    1 
ATOM   877  P  P     . U   B 1 20 ? -8.558  -19.815 -9.117  1.00 34.00 ? 43  U   B P     1 
ATOM   878  O  OP1   . U   B 1 20 ? -8.583  -20.988 -10.031 1.00 33.68 ? 43  U   B OP1   1 
ATOM   879  O  OP2   . U   B 1 20 ? -9.330  -19.858 -7.850  1.00 33.08 ? 43  U   B OP2   1 
ATOM   880  O  "O5'" . U   B 1 20 ? -7.053  -19.475 -8.740  1.00 33.83 ? 43  U   B "O5'" 1 
ATOM   881  C  "C5'" . U   B 1 20 ? -6.034  -19.444 -9.732  1.00 32.49 ? 43  U   B "C5'" 1 
ATOM   882  C  "C4'" . U   B 1 20 ? -4.686  -19.382 -9.065  1.00 33.28 ? 43  U   B "C4'" 1 
ATOM   883  O  "O4'" . U   B 1 20 ? -4.586  -18.138 -8.321  1.00 31.25 ? 43  U   B "O4'" 1 
ATOM   884  C  "C3'" . U   B 1 20 ? -4.457  -20.472 -8.026  1.00 33.55 ? 43  U   B "C3'" 1 
ATOM   885  O  "O3'" . U   B 1 20 ? -3.912  -21.625 -8.646  1.00 35.03 ? 43  U   B "O3'" 1 
ATOM   886  C  "C2'" . U   B 1 20 ? -3.442  -19.826 -7.094  1.00 33.37 ? 43  U   B "C2'" 1 
ATOM   887  O  "O2'" . U   B 1 20 ? -2.132  -19.913 -7.608  1.00 35.71 ? 43  U   B "O2'" 1 
ATOM   888  C  "C1'" . U   B 1 20 ? -3.908  -18.368 -7.098  1.00 31.41 ? 43  U   B "C1'" 1 
ATOM   889  N  N1    . U   B 1 20 ? -4.811  -18.024 -5.991  1.00 28.50 ? 43  U   B N1    1 
ATOM   890  C  C2    . U   B 1 20 ? -4.242  -17.847 -4.749  1.00 28.93 ? 43  U   B C2    1 
ATOM   891  O  O2    . U   B 1 20 ? -3.054  -17.987 -4.546  1.00 31.15 ? 43  U   B O2    1 
ATOM   892  N  N3    . U   B 1 20 ? -5.119  -17.499 -3.751  1.00 26.98 ? 43  U   B N3    1 
ATOM   893  C  C4    . U   B 1 20 ? -6.476  -17.320 -3.866  1.00 24.84 ? 43  U   B C4    1 
ATOM   894  O  O4    . U   B 1 20 ? -7.130  -17.062 -2.863  1.00 26.08 ? 43  U   B O4    1 
ATOM   895  C  C5    . U   B 1 20 ? -6.997  -17.526 -5.184  1.00 23.65 ? 43  U   B C5    1 
ATOM   896  C  C6    . U   B 1 20 ? -6.165  -17.867 -6.178  1.00 26.70 ? 43  U   B C6    1 
ATOM   897  P  P     . C   B 1 21 ? -4.266  -23.090 -8.076  1.00 39.34 ? 44  C   B P     1 
ATOM   898  O  OP1   . C   B 1 21 ? -3.918  -24.040 -9.161  1.00 40.74 ? 44  C   B OP1   1 
ATOM   899  O  OP2   . C   B 1 21 ? -5.637  -23.103 -7.504  1.00 38.38 ? 44  C   B OP2   1 
ATOM   900  O  "O5'" . C   B 1 21 ? -3.244  -23.296 -6.874  1.00 38.36 ? 44  C   B "O5'" 1 
ATOM   901  C  "C5'" . C   B 1 21 ? -1.842  -23.196 -7.086  1.00 37.73 ? 44  C   B "C5'" 1 
ATOM   902  C  "C4'" . C   B 1 21 ? -1.134  -22.997 -5.771  1.00 38.97 ? 44  C   B "C4'" 1 
ATOM   903  O  "O4'" . C   B 1 21 ? -1.455  -21.694 -5.219  1.00 38.43 ? 44  C   B "O4'" 1 
ATOM   904  C  "C3'" . C   B 1 21 ? -1.517  -23.967 -4.667  1.00 40.11 ? 44  C   B "C3'" 1 
ATOM   905  O  "O3'" . C   B 1 21 ? -0.810  -25.191 -4.811  1.00 43.37 ? 44  C   B "O3'" 1 
ATOM   906  C  "C2'" . C   B 1 21 ? -1.084  -23.204 -3.424  1.00 39.18 ? 44  C   B "C2'" 1 
ATOM   907  O  "O2'" . C   B 1 21 ? 0.308   -23.273 -3.202  1.00 38.66 ? 44  C   B "O2'" 1 
ATOM   908  C  "C1'" . C   B 1 21 ? -1.478  -21.774 -3.802  1.00 37.83 ? 44  C   B "C1'" 1 
ATOM   909  N  N1    . C   B 1 21 ? -2.825  -21.406 -3.340  1.00 35.61 ? 44  C   B N1    1 
ATOM   910  C  C2    . C   B 1 21 ? -2.978  -20.971 -2.028  1.00 36.01 ? 44  C   B C2    1 
ATOM   911  O  O2    . C   B 1 21 ? -1.981  -20.937 -1.292  1.00 36.50 ? 44  C   B O2    1 
ATOM   912  N  N3    . C   B 1 21 ? -4.202  -20.601 -1.591  1.00 34.49 ? 44  C   B N3    1 
ATOM   913  C  C4    . C   B 1 21 ? -5.250  -20.659 -2.417  1.00 34.52 ? 44  C   B C4    1 
ATOM   914  N  N4    . C   B 1 21 ? -6.438  -20.263 -1.948  1.00 30.19 ? 44  C   B N4    1 
ATOM   915  C  C5    . C   B 1 21 ? -5.126  -21.118 -3.760  1.00 33.85 ? 44  C   B C5    1 
ATOM   916  C  C6    . C   B 1 21 ? -3.904  -21.479 -4.176  1.00 34.19 ? 44  C   B C6    1 
ATOM   917  P  P     . G   B 1 22 ? -1.462  -26.553 -4.268  1.00 45.69 ? 45  G   B P     1 
ATOM   918  O  OP1   . G   B 1 22 ? -0.590  -27.661 -4.740  1.00 47.49 ? 45  G   B OP1   1 
ATOM   919  O  OP2   . G   B 1 22 ? -2.908  -26.565 -4.604  1.00 42.94 ? 45  G   B OP2   1 
ATOM   920  O  "O5'" . G   B 1 22 ? -1.306  -26.437 -2.690  1.00 44.00 ? 45  G   B "O5'" 1 
ATOM   921  C  "C5'" . G   B 1 22 ? -0.014  -26.323 -2.099  1.00 44.93 ? 45  G   B "C5'" 1 
ATOM   922  C  "C4'" . G   B 1 22 ? -0.133  -25.993 -0.630  1.00 44.61 ? 45  G   B "C4'" 1 
ATOM   923  O  "O4'" . G   B 1 22 ? -0.644  -24.642 -0.442  1.00 43.28 ? 45  G   B "O4'" 1 
ATOM   924  C  "C3'" . G   B 1 22 ? -1.096  -26.844 0.179   1.00 44.88 ? 45  G   B "C3'" 1 
ATOM   925  O  "O3'" . G   B 1 22 ? -0.540  -28.110 0.515   1.00 48.84 ? 45  G   B "O3'" 1 
ATOM   926  C  "C2'" . G   B 1 22 ? -1.285  -25.972 1.408   1.00 44.29 ? 45  G   B "C2'" 1 
ATOM   927  O  "O2'" . G   B 1 22 ? -0.164  -26.012 2.262   1.00 44.31 ? 45  G   B "O2'" 1 
ATOM   928  C  "C1'" . G   B 1 22 ? -1.388  -24.587 0.766   1.00 41.74 ? 45  G   B "C1'" 1 
ATOM   929  N  N9    . G   B 1 22 ? -2.768  -24.235 0.450   1.00 39.36 ? 45  G   B N9    1 
ATOM   930  C  C8    . G   B 1 22 ? -3.375  -24.265 -0.783  1.00 38.15 ? 45  G   B C8    1 
ATOM   931  N  N7    . G   B 1 22 ? -4.627  -23.899 -0.747  1.00 37.76 ? 45  G   B N7    1 
ATOM   932  C  C5    . G   B 1 22 ? -4.861  -23.609 0.592   1.00 37.51 ? 45  G   B C5    1 
ATOM   933  C  C6    . G   B 1 22 ? -6.041  -23.159 1.247   1.00 34.78 ? 45  G   B C6    1 
ATOM   934  O  O6    . G   B 1 22 ? -7.148  -22.918 0.761   1.00 31.20 ? 45  G   B O6    1 
ATOM   935  N  N1    . G   B 1 22 ? -5.836  -22.994 2.610   1.00 37.59 ? 45  G   B N1    1 
ATOM   936  C  C2    . G   B 1 22 ? -4.652  -23.219 3.264   1.00 38.02 ? 45  G   B C2    1 
ATOM   937  N  N2    . G   B 1 22 ? -4.657  -22.989 4.586   1.00 39.10 ? 45  G   B N2    1 
ATOM   938  N  N3    . G   B 1 22 ? -3.546  -23.636 2.669   1.00 38.04 ? 45  G   B N3    1 
ATOM   939  C  C4    . G   B 1 22 ? -3.723  -23.811 1.342   1.00 37.83 ? 45  G   B C4    1 
ATOM   940  P  P     . C   B 1 23 ? -1.514  -29.323 0.923   1.00 51.24 ? 46  C   B P     1 
ATOM   941  O  OP1   . C   B 1 23 ? -0.654  -30.464 1.327   1.00 52.74 ? 46  C   B OP1   1 
ATOM   942  O  OP2   . C   B 1 23 ? -2.530  -29.509 -0.145  1.00 51.41 ? 46  C   B OP2   1 
ATOM   943  O  "O5'" . C   B 1 23 ? -2.260  -28.800 2.229   1.00 50.19 ? 46  C   B "O5'" 1 
ATOM   944  C  "C5'" . C   B 1 23 ? -1.553  -28.644 3.451   1.00 51.09 ? 46  C   B "C5'" 1 
ATOM   945  C  "C4'" . C   B 1 23 ? -2.478  -28.123 4.519   1.00 51.20 ? 46  C   B "C4'" 1 
ATOM   946  O  "O4'" . C   B 1 23 ? -3.041  -26.856 4.086   1.00 50.32 ? 46  C   B "O4'" 1 
ATOM   947  C  "C3'" . C   B 1 23 ? -3.711  -28.960 4.807   1.00 51.98 ? 46  C   B "C3'" 1 
ATOM   948  O  "O3'" . C   B 1 23 ? -3.498  -30.195 5.503   1.00 52.63 ? 46  C   B "O3'" 1 
ATOM   949  C  "C2'" . C   B 1 23 ? -4.598  -27.942 5.503   1.00 51.85 ? 46  C   B "C2'" 1 
ATOM   950  O  "O2'" . C   B 1 23 ? -4.183  -27.680 6.830   1.00 54.27 ? 46  C   B "O2'" 1 
ATOM   951  C  "C1'" . C   B 1 23 ? -4.338  -26.704 4.641   1.00 49.82 ? 46  C   B "C1'" 1 
ATOM   952  N  N1    . C   B 1 23 ? -5.307  -26.557 3.544   1.00 46.94 ? 46  C   B N1    1 
ATOM   953  C  C2    . C   B 1 23 ? -6.574  -26.050 3.839   1.00 46.38 ? 46  C   B C2    1 
ATOM   954  O  O2    . C   B 1 23 ? -6.833  -25.741 5.013   1.00 47.37 ? 46  C   B O2    1 
ATOM   955  N  N3    . C   B 1 23 ? -7.481  -25.909 2.847   1.00 44.40 ? 46  C   B N3    1 
ATOM   956  C  C4    . C   B 1 23 ? -7.159  -26.247 1.600   1.00 43.71 ? 46  C   B C4    1 
ATOM   957  N  N4    . C   B 1 23 ? -8.080  -26.077 0.656   1.00 43.67 ? 46  C   B N4    1 
ATOM   958  C  C5    . C   B 1 23 ? -5.874  -26.770 1.268   1.00 44.01 ? 46  C   B C5    1 
ATOM   959  C  C6    . C   B 1 23 ? -4.986  -26.908 2.262   1.00 44.45 ? 46  C   B C6    1 
HETATM 960  C  C11   . GET C 2 .  ? 9.393   10.286  2.323   1.00 25.43 ? 50  GET B C11   1 
HETATM 961  O  O11   . GET C 2 .  ? 10.185  11.481  2.419   1.00 24.61 ? 50  GET B O11   1 
HETATM 962  C  C21   . GET C 2 .  ? 9.037   9.822   3.780   1.00 26.32 ? 50  GET B C21   1 
HETATM 963  N  N21   . GET C 2 .  ? 8.262   10.850  4.491   1.00 25.94 ? 50  GET B N21   1 
HETATM 964  C  C31   . GET C 2 .  ? 10.340  9.519   4.552   1.00 25.75 ? 50  GET B C31   1 
HETATM 965  O  O31   . GET C 2 .  ? 10.022  9.086   5.884   1.00 26.78 ? 50  GET B O31   1 
HETATM 966  C  C41   . GET C 2 .  ? 11.139  8.443   3.779   1.00 25.00 ? 50  GET B C41   1 
HETATM 967  O  O41   . GET C 2 .  ? 12.362  8.158   4.481   1.00 29.26 ? 50  GET B O41   1 
HETATM 968  C  C51   . GET C 2 .  ? 11.448  8.959   2.322   1.00 27.44 ? 50  GET B C51   1 
HETATM 969  O  O51   . GET C 2 .  ? 10.186  9.266   1.620   1.00 27.52 ? 50  GET B O51   1 
HETATM 970  C  C61   . GET C 2 .  ? 12.228  7.908   1.489   1.00 28.65 ? 50  GET B C61   1 
HETATM 971  O  O61   . GET C 2 .  ? 12.488  8.432   0.189   1.00 29.43 ? 50  GET B O61   1 
HETATM 972  C  C71   . GET C 2 .  ? 11.435  6.622   1.327   1.00 29.62 ? 50  GET B C71   1 
HETATM 973  C  C12   . GET C 2 .  ? 9.994   15.319  0.549   1.00 26.00 ? 50  GET B C12   1 
HETATM 974  N  N12   . GET C 2 .  ? 9.904   16.364  -0.464  1.00 26.26 ? 50  GET B N12   1 
HETATM 975  C  C22   . GET C 2 .  ? 11.195  14.393  0.161   1.00 26.37 ? 50  GET B C22   1 
HETATM 976  C  C32   . GET C 2 .  ? 11.307  13.284  1.261   1.00 26.26 ? 50  GET B C32   1 
HETATM 977  N  N32   . GET C 2 .  ? 12.424  12.371  0.945   1.00 25.06 ? 50  GET B N32   1 
HETATM 978  C  C42   . GET C 2 .  ? 9.997   12.461  1.354   1.00 26.35 ? 50  GET B C42   1 
HETATM 979  C  C52   . GET C 2 .  ? 8.815   13.410  1.676   1.00 26.87 ? 50  GET B C52   1 
HETATM 980  O  O52   . GET C 2 .  ? 7.622   12.636  1.738   1.00 26.32 ? 50  GET B O52   1 
HETATM 981  C  C62   . GET C 2 .  ? 8.646   14.487  0.578   1.00 26.32 ? 50  GET B C62   1 
HETATM 982  O  O62   . GET C 2 .  ? 7.531   15.320  0.972   1.00 28.10 ? 50  GET B O62   1 
HETATM 983  C  C13   . GET C 2 .  ? 6.633   15.739  -0.094  1.00 26.31 ? 50  GET B C13   1 
HETATM 984  C  C23   . GET C 2 .  ? 6.298   17.246  0.200   1.00 27.92 ? 50  GET B C23   1 
HETATM 985  O  O23   . GET C 2 .  ? 7.485   18.021  0.155   1.00 26.72 ? 50  GET B O23   1 
HETATM 986  C  C33   . GET C 2 .  ? 5.611   17.343  1.617   1.00 31.18 ? 50  GET B C33   1 
HETATM 987  N  N33   . GET C 2 .  ? 5.286   18.762  1.951   1.00 32.69 ? 50  GET B N33   1 
HETATM 988  C  C93   . GET C 2 .  ? 6.306   19.261  2.892   1.00 32.26 ? 50  GET B C93   1 
HETATM 989  C  C43   . GET C 2 .  ? 4.309   16.472  1.612   1.00 29.94 ? 50  GET B C43   1 
HETATM 990  O  O43   . GET C 2 .  ? 3.400   16.975  0.636   1.00 32.64 ? 50  GET B O43   1 
HETATM 991  C  C83   . GET C 2 .  ? 3.599   16.496  2.960   1.00 32.07 ? 50  GET B C83   1 
HETATM 992  C  C53   . GET C 2 .  ? 4.693   15.002  1.253   1.00 30.50 ? 50  GET B C53   1 
HETATM 993  O  O53   . GET C 2 .  ? 5.398   14.945  -0.050  1.00 26.58 ? 50  GET B O53   1 
HETATM 994  C  C11   . GET D 2 .  ? -9.818  -10.452 -2.666  1.00 26.78 ? 51  GET B C11   1 
HETATM 995  O  O11   . GET D 2 .  ? -10.666 -11.606 -2.686  1.00 25.14 ? 51  GET B O11   1 
HETATM 996  C  C21   . GET D 2 .  ? -10.614 -9.262  -2.035  1.00 28.26 ? 51  GET B C21   1 
HETATM 997  N  N21   . GET D 2 .  ? -11.053 -9.589  -0.664  1.00 29.21 ? 51  GET B N21   1 
HETATM 998  C  C31   . GET D 2 .  ? -11.836 -8.918  -2.928  1.00 27.22 ? 51  GET B C31   1 
HETATM 999  O  O31   . GET D 2 .  ? -12.563 -7.819  -2.350  1.00 27.05 ? 51  GET B O31   1 
HETATM 1000 C  C41   . GET D 2 .  ? -11.319 -8.587  -4.353  1.00 26.98 ? 51  GET B C41   1 
HETATM 1001 O  O41   . GET D 2 .  ? -12.428 -8.261  -5.201  1.00 27.10 ? 51  GET B O41   1 
HETATM 1002 C  C51   . GET D 2 .  ? -10.537 -9.834  -4.917  1.00 27.46 ? 51  GET B C51   1 
HETATM 1003 O  O51   . GET D 2 .  ? -9.404  -10.159 -4.035  1.00 26.81 ? 51  GET B O51   1 
HETATM 1004 C  C61   . GET D 2 .  ? -9.974  -9.588  -6.336  1.00 28.64 ? 51  GET B C61   1 
HETATM 1005 O  O61   . GET D 2 .  ? -9.305  -10.774 -6.762  1.00 30.07 ? 51  GET B O61   1 
HETATM 1006 C  C71   . GET D 2 .  ? -8.961  -8.448  -6.347  1.00 25.97 ? 51  GET B C71   1 
HETATM 1007 C  C12   . GET D 2 .  ? -10.026 -15.721 -1.837  1.00 26.25 ? 51  GET B C12   1 
HETATM 1008 N  N12   . GET D 2 .  ? -9.471  -17.075 -1.843  1.00 26.39 ? 51  GET B N12   1 
HETATM 1009 C  C22   . GET D 2 .  ? -10.361 -15.342 -3.322  1.00 25.62 ? 51  GET B C22   1 
HETATM 1010 C  C32   . GET D 2 .  ? -10.975 -13.905 -3.303  1.00 25.43 ? 51  GET B C32   1 
HETATM 1011 N  N32   . GET D 2 .  ? -11.308 -13.471 -4.675  1.00 20.37 ? 51  GET B N32   1 
HETATM 1012 C  C42   . GET D 2 .  ? -9.984  -12.889 -2.688  1.00 24.47 ? 51  GET B C42   1 
HETATM 1013 C  C52   . GET D 2 .  ? -9.612  -13.322 -1.252  1.00 26.21 ? 51  GET B C52   1 
HETATM 1014 O  O52   . GET D 2 .  ? -8.675  -12.379 -0.721  1.00 26.04 ? 51  GET B O52   1 
HETATM 1015 C  C62   . GET D 2 .  ? -8.951  -14.711 -1.247  1.00 25.16 ? 51  GET B C62   1 
HETATM 1016 O  O62   . GET D 2 .  ? -8.658  -15.018 0.118   1.00 25.36 ? 51  GET B O62   1 
HETATM 1017 C  C13   . GET D 2 .  ? -7.374  -15.625 0.392   1.00 25.75 ? 51  GET B C13   1 
HETATM 1018 C  C23   . GET D 2 .  ? -7.669  -16.695 1.509   1.00 27.61 ? 51  GET B C23   1 
HETATM 1019 O  O23   . GET D 2 .  ? -8.562  -17.682 1.013   1.00 28.14 ? 51  GET B O23   1 
HETATM 1020 C  C33   . GET D 2 .  ? -8.285  -15.957 2.767   1.00 28.59 ? 51  GET B C33   1 
HETATM 1021 N  N33   . GET D 2 .  ? -8.601  -16.929 3.850   1.00 28.65 ? 51  GET B N33   1 
HETATM 1022 C  C93   . GET D 2 .  ? -10.051 -17.227 3.797   1.00 31.17 ? 51  GET B C93   1 
HETATM 1023 C  C43   . GET D 2 .  ? -7.261  -14.891 3.272   1.00 28.52 ? 51  GET B C43   1 
HETATM 1024 O  O43   . GET D 2 .  ? -6.059  -15.552 3.659   1.00 29.23 ? 51  GET B O43   1 
HETATM 1025 C  C83   . GET D 2 .  ? -7.790  -14.126 4.481   1.00 31.54 ? 51  GET B C83   1 
HETATM 1026 C  C53   . GET D 2 .  ? -6.949  -13.892 2.109   1.00 28.29 ? 51  GET B C53   1 
HETATM 1027 O  O53   . GET D 2 .  ? -6.439  -14.605 0.913   1.00 27.12 ? 51  GET B O53   1 
HETATM 1028 O  O     . HOH E 3 .  ? 11.422  3.753   10.133  1.00 22.91 ? 101 HOH A O     1 
HETATM 1029 O  O     . HOH E 3 .  ? 13.611  6.578   10.244  1.00 23.52 ? 102 HOH A O     1 
HETATM 1030 O  O     . HOH E 3 .  ? 16.204  7.352   3.739   1.00 23.55 ? 107 HOH A O     1 
HETATM 1031 O  O     . HOH E 3 .  ? 11.759  2.262   3.196   1.00 23.00 ? 109 HOH A O     1 
HETATM 1032 O  O     . HOH E 3 .  ? -7.273  -3.990  -10.485 1.00 36.19 ? 112 HOH A O     1 
HETATM 1033 O  O     . HOH E 3 .  ? 13.094  5.944   5.853   1.00 18.25 ? 114 HOH A O     1 
HETATM 1034 O  O     . HOH E 3 .  ? -2.282  -4.460  -2.841  1.00 30.99 ? 117 HOH A O     1 
HETATM 1035 O  O     . HOH E 3 .  ? -0.175  2.920   0.832   1.00 30.65 ? 118 HOH A O     1 
HETATM 1036 O  O     . HOH E 3 .  ? -11.262 -20.143 0.722   1.00 30.13 ? 122 HOH A O     1 
HETATM 1037 O  O     . HOH E 3 .  ? -2.570  4.847   0.593   1.00 36.49 ? 123 HOH A O     1 
HETATM 1038 O  O     . HOH E 3 .  ? 19.851  9.267   12.397  1.00 36.94 ? 126 HOH A O     1 
HETATM 1039 O  O     . HOH E 3 .  ? 7.076   13.699  -10.759 1.00 33.91 ? 129 HOH A O     1 
HETATM 1040 O  O     . HOH E 3 .  ? 13.272  16.777  -5.813  1.00 40.34 ? 132 HOH A O     1 
HETATM 1041 O  O     . HOH E 3 .  ? 5.752   9.911   3.359   1.00 35.89 ? 135 HOH A O     1 
HETATM 1042 O  O     . HOH E 3 .  ? -3.899  3.181   -3.322  1.00 50.83 ? 136 HOH A O     1 
HETATM 1043 O  O     . HOH E 3 .  ? 7.148   3.058   10.172  1.00 30.67 ? 137 HOH A O     1 
HETATM 1044 O  O     . HOH E 3 .  ? -8.984  4.077   4.911   1.00 44.37 ? 139 HOH A O     1 
HETATM 1045 O  O     . HOH E 3 .  ? 5.549   14.447  -8.528  1.00 40.97 ? 140 HOH A O     1 
HETATM 1046 O  O     . HOH E 3 .  ? 20.373  12.157  -2.024  1.00 34.85 ? 143 HOH A O     1 
HETATM 1047 O  O     . HOH E 3 .  ? -2.175  1.955   -1.601  1.00 40.46 ? 144 HOH A O     1 
HETATM 1048 O  O     . HOH E 3 .  ? 4.808   9.583   5.820   1.00 27.23 ? 146 HOH A O     1 
HETATM 1049 O  O     . HOH E 3 .  ? -11.968 -0.513  -3.452  1.00 42.78 ? 150 HOH A O     1 
HETATM 1050 O  O     . HOH E 3 .  ? -16.212 -16.327 7.491   1.00 50.13 ? 151 HOH A O     1 
HETATM 1051 O  O     . HOH E 3 .  ? 8.718   24.141  -9.764  1.00 33.28 ? 153 HOH A O     1 
HETATM 1052 O  O     . HOH E 3 .  ? 0.489   5.316   2.354   1.00 34.42 ? 154 HOH A O     1 
HETATM 1053 O  O     . HOH E 3 .  ? 2.117   8.638   3.990   1.00 38.63 ? 155 HOH A O     1 
HETATM 1054 O  O     . HOH E 3 .  ? -0.418  -8.275  -3.274  1.00 34.81 ? 158 HOH A O     1 
HETATM 1055 O  O     . HOH E 3 .  ? -1.640  7.131   4.090   1.00 48.29 ? 159 HOH A O     1 
HETATM 1056 O  O     . HOH E 3 .  ? -3.511  5.956   -1.618  1.00 46.30 ? 163 HOH A O     1 
HETATM 1057 O  O     . HOH E 3 .  ? 9.881   21.238  -4.257  1.00 38.44 ? 164 HOH A O     1 
HETATM 1058 O  O     . HOH E 3 .  ? 7.977   24.794  -13.715 1.00 48.79 ? 165 HOH A O     1 
HETATM 1059 O  O     . HOH E 3 .  ? -6.231  -10.574 -0.567  1.00 36.88 ? 172 HOH A O     1 
HETATM 1060 O  O     . HOH E 3 .  ? 3.655   10.151  8.228   1.00 39.00 ? 173 HOH A O     1 
HETATM 1061 O  O     . HOH E 3 .  ? 12.560  13.942  4.700   1.00 47.12 ? 174 HOH A O     1 
HETATM 1062 O  O     . HOH E 3 .  ? 19.711  15.304  3.497   1.00 42.48 ? 175 HOH A O     1 
HETATM 1063 O  O     . HOH E 3 .  ? 0.298   9.326   6.713   1.00 41.31 ? 180 HOH A O     1 
HETATM 1064 O  O     . HOH E 3 .  ? -1.306  1.413   -6.618  1.00 48.79 ? 181 HOH A O     1 
HETATM 1065 O  O     . HOH E 3 .  ? -14.125 -15.719 3.858   1.00 44.51 ? 182 HOH A O     1 
HETATM 1066 O  O     . HOH E 3 .  ? -4.755  3.972   9.198   1.00 43.73 ? 183 HOH A O     1 
HETATM 1067 O  O     . HOH E 3 .  ? 23.146  15.875  8.144   1.00 48.40 ? 185 HOH A O     1 
HETATM 1068 O  O     . HOH E 3 .  ? 10.755  23.721  -7.593  1.00 29.87 ? 188 HOH A O     1 
HETATM 1069 O  O     . HOH E 3 .  ? 9.650   21.288  -7.671  1.00 42.54 ? 190 HOH A O     1 
HETATM 1070 O  O     . HOH E 3 .  ? -0.667  -0.327  -2.241  1.00 42.24 ? 191 HOH A O     1 
HETATM 1071 O  O     . HOH E 3 .  ? 13.064  0.416   1.335   1.00 47.04 ? 196 HOH A O     1 
HETATM 1072 O  O     . HOH E 3 .  ? -3.969  -5.878  -0.203  1.00 47.77 ? 197 HOH A O     1 
HETATM 1073 O  O     . HOH E 3 .  ? -3.652  -11.073 -9.683  1.00 46.36 ? 198 HOH A O     1 
HETATM 1074 O  O     . HOH E 3 .  ? 9.558   12.250  10.506  1.00 58.03 ? 199 HOH A O     1 
HETATM 1075 O  O     . HOH E 3 .  ? 22.375  12.710  -0.174  1.00 34.79 ? 200 HOH A O     1 
HETATM 1076 O  O     . HOH E 3 .  ? 15.404  5.211   2.444   1.00 36.62 ? 201 HOH A O     1 
HETATM 1077 O  O     . HOH E 3 .  ? -10.623 8.018   2.893   1.00 49.27 ? 207 HOH A O     1 
HETATM 1078 O  O     . HOH E 3 .  ? -2.408  -2.475  -0.903  1.00 42.83 ? 208 HOH A O     1 
HETATM 1079 O  O     . HOH E 3 .  ? -4.704  -8.229  0.981   1.00 44.80 ? 209 HOH A O     1 
HETATM 1080 O  O     . HOH E 3 .  ? 12.053  18.145  -3.891  1.00 32.66 ? 210 HOH A O     1 
HETATM 1081 O  O     . HOH E 3 .  ? 12.204  19.839  -7.720  1.00 41.61 ? 212 HOH A O     1 
HETATM 1082 O  O     . HOH E 3 .  ? 3.576   24.739  -14.727 1.00 48.77 ? 214 HOH A O     1 
HETATM 1083 O  O     . HOH E 3 .  ? -10.884 -24.140 -0.855  1.00 45.36 ? 219 HOH A O     1 
HETATM 1084 O  O     . HOH E 3 .  ? 16.126  7.002   6.593   0.50 70.26 ? 223 HOH A O     1 
HETATM 1085 O  O     . HOH E 3 .  ? -8.185  -18.720 11.657  1.00 47.35 ? 226 HOH A O     1 
HETATM 1086 O  O     . HOH E 3 .  ? -3.269  -10.070 -0.817  1.00 42.14 ? 230 HOH A O     1 
HETATM 1087 O  O     . HOH E 3 .  ? 1.496   -18.998 -2.640  1.00 47.70 ? 231 HOH A O     1 
HETATM 1088 O  O     . HOH E 3 .  ? 3.317   8.717   1.623   1.00 40.08 ? 232 HOH A O     1 
HETATM 1089 O  O     . HOH E 3 .  ? 8.786   9.362   -8.829  1.00 48.84 ? 239 HOH A O     1 
HETATM 1090 O  O     . HOH E 3 .  ? -12.958 -18.781 2.918   1.00 47.46 ? 240 HOH A O     1 
HETATM 1091 O  O     . HOH E 3 .  ? -9.994  -1.063  -5.844  1.00 49.56 ? 242 HOH A O     1 
HETATM 1092 O  O     . HOH E 3 .  ? -7.534  -11.884 -11.173 1.00 29.98 ? 245 HOH A O     1 
HETATM 1093 O  O     . HOH E 3 .  ? -2.006  -6.847  -1.713  1.00 52.88 ? 246 HOH A O     1 
HETATM 1094 O  O     . HOH E 3 .  ? -20.913 -26.491 4.078   1.00 52.27 ? 248 HOH A O     1 
HETATM 1095 O  O     . HOH E 3 .  ? -1.213  -1.405  -5.111  1.00 46.28 ? 249 HOH A O     1 
HETATM 1096 O  O     . HOH E 3 .  ? -1.763  12.552  8.430   1.00 52.10 ? 250 HOH A O     1 
HETATM 1097 O  O     . HOH E 3 .  ? -0.885  -4.901  -4.866  1.00 47.40 ? 251 HOH A O     1 
HETATM 1098 O  O     . HOH E 3 .  ? -11.028 1.243   1.164   1.00 48.65 ? 253 HOH A O     1 
HETATM 1099 O  O     . HOH E 3 .  ? -2.590  1.798   10.659  1.00 46.64 ? 255 HOH A O     1 
HETATM 1100 O  O     . HOH E 3 .  ? 11.879  8.633   -7.172  1.00 56.43 ? 256 HOH A O     1 
HETATM 1101 O  O     . HOH E 3 .  ? -2.841  -13.353 2.344   1.00 40.00 ? 258 HOH A O     1 
HETATM 1102 O  O     . HOH E 3 .  ? -4.913  12.290  5.253   1.00 50.94 ? 259 HOH A O     1 
HETATM 1103 O  O     . HOH E 3 .  ? -6.614  10.654  -0.973  1.00 69.08 ? 261 HOH A O     1 
HETATM 1104 O  O     . HOH E 3 .  ? -2.987  -4.086  -12.056 1.00 41.83 ? 262 HOH A O     1 
HETATM 1105 O  O     . HOH E 3 .  ? -4.745  -9.258  -11.159 1.00 52.88 ? 263 HOH A O     1 
HETATM 1106 O  O     . HOH E 3 .  ? -17.518 -26.468 8.935   1.00 43.82 ? 268 HOH A O     1 
HETATM 1107 O  O     . HOH E 3 .  ? 11.115  14.477  12.247  1.00 38.46 ? 269 HOH A O     1 
HETATM 1108 O  O     . HOH E 3 .  ? -11.631 3.439   -0.663  1.00 46.40 ? 270 HOH A O     1 
HETATM 1109 O  O     . HOH E 3 .  ? 2.160   -16.679 7.974   1.00 56.05 ? 277 HOH A O     1 
HETATM 1110 O  O     . HOH E 3 .  ? 2.528   -19.491 -0.291  1.00 57.37 ? 280 HOH A O     1 
HETATM 1111 O  O     . HOH E 3 .  ? -7.919  -6.231  -9.127  1.00 49.73 ? 282 HOH A O     1 
HETATM 1112 O  O     . HOH E 3 .  ? 0.366   -7.168  -12.247 1.00 53.77 ? 283 HOH A O     1 
HETATM 1113 O  O     . HOH E 3 .  ? -0.551  4.558   -1.764  1.00 44.21 ? 286 HOH A O     1 
HETATM 1114 O  O     . HOH E 3 .  ? -0.774  -10.615 -0.144  1.00 52.40 ? 287 HOH A O     1 
HETATM 1115 O  O     . HOH E 3 .  ? -10.289 -25.785 -2.806  1.00 53.49 ? 288 HOH A O     1 
HETATM 1116 O  O     . HOH E 3 .  ? -16.961 -23.218 -3.713  1.00 50.11 ? 289 HOH A O     1 
HETATM 1117 O  O     . HOH F 3 .  ? 0.232   15.052  -9.533  1.00 27.22 ? 103 HOH B O     1 
HETATM 1118 O  O     . HOH F 3 .  ? 3.803   -3.955  2.491   1.00 25.75 ? 104 HOH B O     1 
HETATM 1119 O  O     . HOH F 3 .  ? 14.861  9.522   0.386   1.00 29.44 ? 105 HOH B O     1 
HETATM 1120 O  O     . HOH F 3 .  ? 9.794   0.414   4.956   1.00 24.30 ? 106 HOH B O     1 
HETATM 1121 O  O     . HOH F 3 .  ? 7.138   -5.929  9.052   1.00 32.61 ? 108 HOH B O     1 
HETATM 1122 O  O     . HOH F 3 .  ? -10.126 -7.693  1.577   1.00 27.36 ? 110 HOH B O     1 
HETATM 1123 O  O     . HOH F 3 .  ? 4.121   2.902   -0.850  1.00 33.55 ? 111 HOH B O     1 
HETATM 1124 O  O     . HOH F 3 .  ? 1.683   13.807  -1.204  1.00 30.49 ? 113 HOH B O     1 
HETATM 1125 O  O     . HOH F 3 .  ? -9.779  -11.568 1.697   1.00 31.09 ? 115 HOH B O     1 
HETATM 1126 O  O     . HOH F 3 .  ? 2.031   1.616   0.907   1.00 25.56 ? 116 HOH B O     1 
HETATM 1127 O  O     . HOH F 3 .  ? 11.909  2.968   -0.171  1.00 33.19 ? 119 HOH B O     1 
HETATM 1128 O  O     . HOH F 3 .  ? 17.313  23.638  1.588   1.00 43.71 ? 120 HOH B O     1 
HETATM 1129 O  O     . HOH F 3 .  ? -11.640 -11.924 -7.619  1.00 26.58 ? 121 HOH B O     1 
HETATM 1130 O  O     . HOH F 3 .  ? 3.050   5.430   1.171   1.00 36.77 ? 124 HOH B O     1 
HETATM 1131 O  O     . HOH F 3 .  ? -7.812  -26.632 -1.993  1.00 26.61 ? 125 HOH B O     1 
HETATM 1132 O  O     . HOH F 3 .  ? 12.295  17.969  0.644   1.00 43.55 ? 127 HOH B O     1 
HETATM 1133 O  O     . HOH F 3 .  ? 17.326  15.034  5.759   1.00 31.23 ? 128 HOH B O     1 
HETATM 1134 O  O     . HOH F 3 .  ? -12.934 -11.734 -0.212  1.00 34.24 ? 130 HOH B O     1 
HETATM 1135 O  O     . HOH F 3 .  ? 4.156   -1.112  -1.756  1.00 42.09 ? 131 HOH B O     1 
HETATM 1136 O  O     . HOH F 3 .  ? -14.705 -11.195 -1.977  1.00 28.46 ? 133 HOH B O     1 
HETATM 1137 O  O     . HOH F 3 .  ? -4.951  -5.476  4.976   1.00 37.22 ? 134 HOH B O     1 
HETATM 1138 O  O     . HOH F 3 .  ? 6.542   10.972  -8.971  1.00 34.33 ? 138 HOH B O     1 
HETATM 1139 O  O     . HOH F 3 .  ? 11.231  -5.839  2.368   1.00 46.94 ? 141 HOH B O     1 
HETATM 1140 O  O     . HOH F 3 .  ? 11.756  -3.329  2.547   1.00 31.09 ? 142 HOH B O     1 
HETATM 1141 O  O     . HOH F 3 .  ? -0.507  -0.456  10.574  1.00 40.47 ? 145 HOH B O     1 
HETATM 1142 O  O     . HOH F 3 .  ? 10.041  13.134  5.216   1.00 35.04 ? 147 HOH B O     1 
HETATM 1143 O  O     . HOH F 3 .  ? 3.841   9.034   -1.454  1.00 33.87 ? 148 HOH B O     1 
HETATM 1144 O  O     . HOH F 3 .  ? -12.538 -6.155  -6.830  1.00 38.74 ? 149 HOH B O     1 
HETATM 1145 O  O     . HOH F 3 .  ? -20.236 -6.404  -5.656  1.00 59.25 ? 152 HOH B O     1 
HETATM 1146 O  O     . HOH F 3 .  ? 10.974  7.061   -5.513  1.00 39.87 ? 156 HOH B O     1 
HETATM 1147 O  O     . HOH F 3 .  ? -8.169  -8.716  0.051   1.00 35.85 ? 157 HOH B O     1 
HETATM 1148 O  O     . HOH F 3 .  ? -2.243  -6.608  4.697   1.00 50.69 ? 160 HOH B O     1 
HETATM 1149 O  O     . HOH F 3 .  ? -0.977  -4.175  3.973   1.00 40.84 ? 161 HOH B O     1 
HETATM 1150 O  O     . HOH F 3 .  ? 0.614   -21.568 -1.369  1.00 49.90 ? 162 HOH B O     1 
HETATM 1151 O  O     . HOH F 3 .  ? -10.996 -13.603 2.505   1.00 34.75 ? 166 HOH B O     1 
HETATM 1152 O  O     . HOH F 3 .  ? 2.509   5.446   -1.308  1.00 32.50 ? 167 HOH B O     1 
HETATM 1153 O  O     . HOH F 3 .  ? 1.862   -0.841  -0.601  1.00 29.66 ? 168 HOH B O     1 
HETATM 1154 O  O     . HOH F 3 .  ? -8.890  -20.700 -3.701  1.00 43.47 ? 169 HOH B O     1 
HETATM 1155 O  O     . HOH F 3 .  ? 12.956  5.912   -4.391  1.00 52.25 ? 170 HOH B O     1 
HETATM 1156 O  O     . HOH F 3 .  ? 1.437   -2.601  1.353   1.00 35.77 ? 171 HOH B O     1 
HETATM 1157 O  O     . HOH F 3 .  ? -13.100 -14.806 -1.032  1.00 58.39 ? 176 HOH B O     1 
HETATM 1158 O  O     . HOH F 3 .  ? 3.334   5.663   -3.686  1.00 34.16 ? 177 HOH B O     1 
HETATM 1159 O  O     . HOH F 3 .  ? 7.504   11.021  7.187   1.00 43.26 ? 178 HOH B O     1 
HETATM 1160 O  O     . HOH F 3 .  ? 11.700  -0.206  -4.301  1.00 42.65 ? 179 HOH B O     1 
HETATM 1161 O  O     . HOH F 3 .  ? -6.286  -24.984 7.488   1.00 35.78 ? 184 HOH B O     1 
HETATM 1162 O  O     . HOH F 3 .  ? -13.688 -8.598  0.773   1.00 40.33 ? 186 HOH B O     1 
HETATM 1163 O  O     . HOH F 3 .  ? 5.497   -2.489  10.345  1.00 32.84 ? 187 HOH B O     1 
HETATM 1164 O  O     . HOH F 3 .  ? -7.657  -21.516 -6.095  1.00 32.76 ? 189 HOH B O     1 
HETATM 1165 O  O     . HOH F 3 .  ? 4.909   27.456  2.792   1.00 40.77 ? 192 HOH B O     1 
HETATM 1166 O  O     . HOH F 3 .  ? 4.042   26.628  5.855   1.00 68.52 ? 193 HOH B O     1 
HETATM 1167 O  O     . HOH F 3 .  ? -0.691  -18.262 -3.741  1.00 45.37 ? 194 HOH B O     1 
HETATM 1168 O  O     . HOH F 3 .  ? 6.234   13.341  3.854   1.00 37.11 ? 195 HOH B O     1 
HETATM 1169 O  O     . HOH F 3 .  ? 2.727   11.431  0.425   1.00 33.68 ? 202 HOH B O     1 
HETATM 1170 O  O     . HOH F 3 .  ? -16.743 -2.250  2.823   1.00 46.69 ? 203 HOH B O     1 
HETATM 1171 O  O     . HOH F 3 .  ? -3.705  -4.986  2.495   1.00 42.04 ? 204 HOH B O     1 
HETATM 1172 O  O     . HOH F 3 .  ? -13.757 -16.193 -3.736  1.00 38.98 ? 205 HOH B O     1 
HETATM 1173 O  O     . HOH F 3 .  ? -8.400  -22.925 -1.484  1.00 33.04 ? 206 HOH B O     1 
HETATM 1174 O  O     . HOH F 3 .  ? -4.582  -27.652 -1.812  1.00 46.22 ? 211 HOH B O     1 
HETATM 1175 O  O     . HOH F 3 .  ? 10.821  21.787  0.090   1.00 36.65 ? 213 HOH B O     1 
HETATM 1176 O  O     . HOH F 3 .  ? -11.811 -17.580 0.475   1.00 42.72 ? 215 HOH B O     1 
HETATM 1177 O  O     . HOH F 3 .  ? 6.158   -7.802  2.239   1.00 43.97 ? 216 HOH B O     1 
HETATM 1178 O  O     . HOH F 3 .  ? 1.196   24.297  -2.097  1.00 48.65 ? 217 HOH B O     1 
HETATM 1179 O  O     . HOH F 3 .  ? 2.097   4.177   -6.568  1.00 36.91 ? 218 HOH B O     1 
HETATM 1180 O  O     . HOH F 3 .  ? -14.861 -14.073 -2.859  1.00 55.14 ? 220 HOH B O     1 
HETATM 1181 O  O     . HOH F 3 .  ? -12.175 -15.236 1.238   1.00 52.62 ? 221 HOH B O     1 
HETATM 1182 O  O     . HOH F 3 .  ? 5.344   10.868  0.849   1.00 57.87 ? 222 HOH B O     1 
HETATM 1183 O  O     . HOH F 3 .  ? 9.593   2.241   8.589   0.50 70.26 ? 224 HOH B O     1 
HETATM 1184 O  O     . HOH F 3 .  ? -1.485  5.399   -7.711  1.00 46.43 ? 225 HOH B O     1 
HETATM 1185 O  O     . HOH F 3 .  ? 3.200   27.799  0.024   1.00 49.74 ? 227 HOH B O     1 
HETATM 1186 O  O     . HOH F 3 .  ? -11.529 -7.407  3.702   1.00 50.66 ? 228 HOH B O     1 
HETATM 1187 O  O     . HOH F 3 .  ? -1.784  -2.891  1.517   1.00 50.13 ? 229 HOH B O     1 
HETATM 1188 O  O     . HOH F 3 .  ? 9.697   21.393  3.485   1.00 59.40 ? 233 HOH B O     1 
HETATM 1189 O  O     . HOH F 3 .  ? 5.119   -3.909  -1.409  1.00 39.34 ? 234 HOH B O     1 
HETATM 1190 O  O     . HOH F 3 .  ? -8.004  -10.223 3.202   1.00 44.33 ? 235 HOH B O     1 
HETATM 1191 O  O     . HOH F 3 .  ? -10.846 -6.774  -9.098  1.00 47.33 ? 236 HOH B O     1 
HETATM 1192 O  O     . HOH F 3 .  ? -10.460 -3.200  -7.955  1.00 42.54 ? 237 HOH B O     1 
HETATM 1193 O  O     . HOH F 3 .  ? 6.038   -8.401  8.896   1.00 41.92 ? 238 HOH B O     1 
HETATM 1194 O  O     . HOH F 3 .  ? 0.603   14.681  2.748   1.00 39.66 ? 241 HOH B O     1 
HETATM 1195 O  O     . HOH F 3 .  ? -0.139  -4.787  0.838   1.00 43.40 ? 243 HOH B O     1 
HETATM 1196 O  O     . HOH F 3 .  ? -19.986 -7.198  -15.965 1.00 47.56 ? 244 HOH B O     1 
HETATM 1197 O  O     . HOH F 3 .  ? 1.826   -5.190  -1.864  1.00 48.78 ? 247 HOH B O     1 
HETATM 1198 O  O     . HOH F 3 .  ? -12.866 -1.403  9.129   1.00 42.74 ? 252 HOH B O     1 
HETATM 1199 O  O     . HOH F 3 .  ? -7.783  2.545   8.068   1.00 49.66 ? 254 HOH B O     1 
HETATM 1200 O  O     . HOH F 3 .  ? -2.702  -8.364  11.895  1.00 41.74 ? 257 HOH B O     1 
HETATM 1201 O  O     . HOH F 3 .  ? 13.082  17.081  -1.635  1.00 31.27 ? 260 HOH B O     1 
HETATM 1202 O  O     . HOH F 3 .  ? -4.654  -14.240 -10.521 1.00 43.97 ? 264 HOH B O     1 
HETATM 1203 O  O     . HOH F 3 .  ? -12.477 -10.737 2.530   1.00 55.06 ? 265 HOH B O     1 
HETATM 1204 O  O     . HOH F 3 .  ? -18.038 -12.672 -4.120  1.00 57.84 ? 266 HOH B O     1 
HETATM 1205 O  O     . HOH F 3 .  ? -17.887 -15.318 -4.022  1.00 50.10 ? 267 HOH B O     1 
HETATM 1206 O  O     . HOH F 3 .  ? -12.996 -0.539  -0.673  1.00 44.86 ? 271 HOH B O     1 
HETATM 1207 O  O     . HOH F 3 .  ? -6.587  -27.722 -4.006  1.00 51.63 ? 272 HOH B O     1 
HETATM 1208 O  O     . HOH F 3 .  ? 9.498   -8.156  3.651   1.00 50.96 ? 273 HOH B O     1 
HETATM 1209 O  O     . HOH F 3 .  ? 18.230  13.428  12.705  1.00 44.98 ? 274 HOH B O     1 
HETATM 1210 O  O     . HOH F 3 .  ? 4.428   -0.210  -6.268  1.00 51.30 ? 275 HOH B O     1 
HETATM 1211 O  O     . HOH F 3 .  ? 2.834   -1.982  -5.188  1.00 62.10 ? 276 HOH B O     1 
HETATM 1212 O  O     . HOH F 3 .  ? -1.064  -23.152 3.670   1.00 65.04 ? 278 HOH B O     1 
HETATM 1213 O  O     . HOH F 3 .  ? -4.337  -23.348 7.816   1.00 53.90 ? 279 HOH B O     1 
HETATM 1214 O  O     . HOH F 3 .  ? -2.372  -15.120 -9.194  1.00 70.03 ? 281 HOH B O     1 
HETATM 1215 O  O     . HOH F 3 .  ? 11.531  22.021  5.518   1.00 33.63 ? 284 HOH B O     1 
HETATM 1216 O  O     . HOH F 3 .  ? 17.231  10.577  13.777  1.00 53.02 ? 285 HOH B O     1 
# 
loop_
_pdbx_poly_seq_scheme.asym_id 
_pdbx_poly_seq_scheme.entity_id 
_pdbx_poly_seq_scheme.seq_id 
_pdbx_poly_seq_scheme.mon_id 
_pdbx_poly_seq_scheme.ndb_seq_num 
_pdbx_poly_seq_scheme.pdb_seq_num 
_pdbx_poly_seq_scheme.auth_seq_num 
_pdbx_poly_seq_scheme.pdb_mon_id 
_pdbx_poly_seq_scheme.auth_mon_id 
_pdbx_poly_seq_scheme.pdb_strand_id 
_pdbx_poly_seq_scheme.pdb_ins_code 
_pdbx_poly_seq_scheme.hetero 
A 1 1  U   1  1  ?  ?   ?   A . n 
A 1 2  U   2  2  2  U   U   A . n 
A 1 3  G   3  3  3  G   G   A . n 
A 1 4  C   4  4  4  C   C   A . n 
A 1 5  G   5  5  5  G   G   A . n 
A 1 6  U   6  6  6  U   U   A . n 
A 1 7  C   7  7  7  C   C   A . n 
A 1 8  G   8  8  8  G   G   A . n 
A 1 9  C   9  9  9  C   C   A . n 
A 1 10 G   10 10 10 G   G   A . n 
A 1 11 5BU 11 11 11 5BU 5BU A . n 
A 1 12 C   12 12 12 C   C   A . n 
A 1 13 G   13 13 13 G   G   A . n 
A 1 14 A   14 14 14 A   A   A . n 
A 1 15 C   15 15 15 C   C   A . n 
A 1 16 G   16 16 16 G   G   A . n 
A 1 17 A   17 17 17 A   A   A . n 
A 1 18 A   18 18 18 A   A   A . n 
A 1 19 G   19 19 19 G   G   A . n 
A 1 20 U   20 20 20 U   U   A . n 
A 1 21 C   21 21 21 C   C   A . n 
A 1 22 G   22 22 22 G   G   A . n 
A 1 23 C   23 23 23 C   C   A . n 
B 1 1  U   1  24 24 U   U   B . n 
B 1 2  U   2  25 25 U   U   B . n 
B 1 3  G   3  26 26 G   G   B . n 
B 1 4  C   4  27 27 C   C   B . n 
B 1 5  G   5  28 28 G   G   B . n 
B 1 6  U   6  29 29 U   U   B . n 
B 1 7  C   7  30 30 C   C   B . n 
B 1 8  G   8  31 31 G   G   B . n 
B 1 9  C   9  32 32 C   C   B . n 
B 1 10 G   10 33 33 G   G   B . n 
B 1 11 5BU 11 34 34 5BU 5BU B . n 
B 1 12 C   12 35 35 C   C   B . n 
B 1 13 G   13 36 36 G   G   B . n 
B 1 14 A   14 37 37 A   A   B . n 
B 1 15 C   15 38 38 C   C   B . n 
B 1 16 G   16 39 39 G   G   B . n 
B 1 17 A   17 40 40 A   A   B . n 
B 1 18 A   18 41 41 A   A   B . n 
B 1 19 G   19 42 42 G   G   B . n 
B 1 20 U   20 43 43 U   U   B . n 
B 1 21 C   21 44 44 C   C   B . n 
B 1 22 G   22 45 45 G   G   B . n 
B 1 23 C   23 46 46 C   C   B . n 
# 
loop_
_pdbx_nonpoly_scheme.asym_id 
_pdbx_nonpoly_scheme.entity_id 
_pdbx_nonpoly_scheme.mon_id 
_pdbx_nonpoly_scheme.ndb_seq_num 
_pdbx_nonpoly_scheme.pdb_seq_num 
_pdbx_nonpoly_scheme.auth_seq_num 
_pdbx_nonpoly_scheme.pdb_mon_id 
_pdbx_nonpoly_scheme.auth_mon_id 
_pdbx_nonpoly_scheme.pdb_strand_id 
_pdbx_nonpoly_scheme.pdb_ins_code 
C 2 GET 1   50  50  GET GET B . 
D 2 GET 1   51  51  GET GET B . 
E 3 HOH 1   101 101 HOH HOH A . 
E 3 HOH 2   102 102 HOH HOH A . 
E 3 HOH 3   107 107 HOH HOH A . 
E 3 HOH 4   109 109 HOH HOH A . 
E 3 HOH 5   112 112 HOH HOH A . 
E 3 HOH 6   114 114 HOH HOH A . 
E 3 HOH 7   117 117 HOH HOH A . 
E 3 HOH 8   118 118 HOH HOH A . 
E 3 HOH 9   122 122 HOH HOH A . 
E 3 HOH 10  123 123 HOH HOH A . 
E 3 HOH 11  126 126 HOH HOH A . 
E 3 HOH 12  129 129 HOH HOH A . 
E 3 HOH 13  132 132 HOH HOH A . 
E 3 HOH 14  135 135 HOH HOH A . 
E 3 HOH 15  136 136 HOH HOH A . 
E 3 HOH 16  137 137 HOH HOH A . 
E 3 HOH 17  139 139 HOH HOH A . 
E 3 HOH 18  140 140 HOH HOH A . 
E 3 HOH 19  143 143 HOH HOH A . 
E 3 HOH 20  144 144 HOH HOH A . 
E 3 HOH 21  146 146 HOH HOH A . 
E 3 HOH 22  150 150 HOH HOH A . 
E 3 HOH 23  151 151 HOH HOH A . 
E 3 HOH 24  153 153 HOH HOH A . 
E 3 HOH 25  154 154 HOH HOH A . 
E 3 HOH 26  155 155 HOH HOH A . 
E 3 HOH 27  158 158 HOH HOH A . 
E 3 HOH 28  159 159 HOH HOH A . 
E 3 HOH 29  163 163 HOH HOH A . 
E 3 HOH 30  164 164 HOH HOH A . 
E 3 HOH 31  165 165 HOH HOH A . 
E 3 HOH 32  172 172 HOH HOH A . 
E 3 HOH 33  173 173 HOH HOH A . 
E 3 HOH 34  174 174 HOH HOH A . 
E 3 HOH 35  175 175 HOH HOH A . 
E 3 HOH 36  180 180 HOH HOH A . 
E 3 HOH 37  181 181 HOH HOH A . 
E 3 HOH 38  182 182 HOH HOH A . 
E 3 HOH 39  183 183 HOH HOH A . 
E 3 HOH 40  185 185 HOH HOH A . 
E 3 HOH 41  188 188 HOH HOH A . 
E 3 HOH 42  190 190 HOH HOH A . 
E 3 HOH 43  191 191 HOH HOH A . 
E 3 HOH 44  196 196 HOH HOH A . 
E 3 HOH 45  197 197 HOH HOH A . 
E 3 HOH 46  198 198 HOH HOH A . 
E 3 HOH 47  199 199 HOH HOH A . 
E 3 HOH 48  200 200 HOH HOH A . 
E 3 HOH 49  201 201 HOH HOH A . 
E 3 HOH 50  207 207 HOH HOH A . 
E 3 HOH 51  208 208 HOH HOH A . 
E 3 HOH 52  209 209 HOH HOH A . 
E 3 HOH 53  210 210 HOH HOH A . 
E 3 HOH 54  212 212 HOH HOH A . 
E 3 HOH 55  214 214 HOH HOH A . 
E 3 HOH 56  219 219 HOH HOH A . 
E 3 HOH 57  223 223 HOH HOH A . 
E 3 HOH 58  226 226 HOH HOH A . 
E 3 HOH 59  230 230 HOH HOH A . 
E 3 HOH 60  231 231 HOH HOH A . 
E 3 HOH 61  232 232 HOH HOH A . 
E 3 HOH 62  239 239 HOH HOH A . 
E 3 HOH 63  240 240 HOH HOH A . 
E 3 HOH 64  242 242 HOH HOH A . 
E 3 HOH 65  245 245 HOH HOH A . 
E 3 HOH 66  246 246 HOH HOH A . 
E 3 HOH 67  248 248 HOH HOH A . 
E 3 HOH 68  249 249 HOH HOH A . 
E 3 HOH 69  250 250 HOH HOH A . 
E 3 HOH 70  251 251 HOH HOH A . 
E 3 HOH 71  253 253 HOH HOH A . 
E 3 HOH 72  255 255 HOH HOH A . 
E 3 HOH 73  256 256 HOH HOH A . 
E 3 HOH 74  258 258 HOH HOH A . 
E 3 HOH 75  259 259 HOH HOH A . 
E 3 HOH 76  261 261 HOH HOH A . 
E 3 HOH 77  262 262 HOH HOH A . 
E 3 HOH 78  263 263 HOH HOH A . 
E 3 HOH 79  268 268 HOH HOH A . 
E 3 HOH 80  269 269 HOH HOH A . 
E 3 HOH 81  270 270 HOH HOH A . 
E 3 HOH 82  277 277 HOH HOH A . 
E 3 HOH 83  280 280 HOH HOH A . 
E 3 HOH 84  282 282 HOH HOH A . 
E 3 HOH 85  283 283 HOH HOH A . 
E 3 HOH 86  286 286 HOH HOH A . 
E 3 HOH 87  287 287 HOH HOH A . 
E 3 HOH 88  288 288 HOH HOH A . 
E 3 HOH 89  289 289 HOH HOH A . 
F 3 HOH 1   103 103 HOH HOH B . 
F 3 HOH 2   104 104 HOH HOH B . 
F 3 HOH 3   105 105 HOH HOH B . 
F 3 HOH 4   106 106 HOH HOH B . 
F 3 HOH 5   108 108 HOH HOH B . 
F 3 HOH 6   110 110 HOH HOH B . 
F 3 HOH 7   111 111 HOH HOH B . 
F 3 HOH 8   113 113 HOH HOH B . 
F 3 HOH 9   115 115 HOH HOH B . 
F 3 HOH 10  116 116 HOH HOH B . 
F 3 HOH 11  119 119 HOH HOH B . 
F 3 HOH 12  120 120 HOH HOH B . 
F 3 HOH 13  121 121 HOH HOH B . 
F 3 HOH 14  124 124 HOH HOH B . 
F 3 HOH 15  125 125 HOH HOH B . 
F 3 HOH 16  127 127 HOH HOH B . 
F 3 HOH 17  128 128 HOH HOH B . 
F 3 HOH 18  130 130 HOH HOH B . 
F 3 HOH 19  131 131 HOH HOH B . 
F 3 HOH 20  133 133 HOH HOH B . 
F 3 HOH 21  134 134 HOH HOH B . 
F 3 HOH 22  138 138 HOH HOH B . 
F 3 HOH 23  141 141 HOH HOH B . 
F 3 HOH 24  142 142 HOH HOH B . 
F 3 HOH 25  145 145 HOH HOH B . 
F 3 HOH 26  147 147 HOH HOH B . 
F 3 HOH 27  148 148 HOH HOH B . 
F 3 HOH 28  149 149 HOH HOH B . 
F 3 HOH 29  152 152 HOH HOH B . 
F 3 HOH 30  156 156 HOH HOH B . 
F 3 HOH 31  157 157 HOH HOH B . 
F 3 HOH 32  160 160 HOH HOH B . 
F 3 HOH 33  161 161 HOH HOH B . 
F 3 HOH 34  162 162 HOH HOH B . 
F 3 HOH 35  166 166 HOH HOH B . 
F 3 HOH 36  167 167 HOH HOH B . 
F 3 HOH 37  168 168 HOH HOH B . 
F 3 HOH 38  169 169 HOH HOH B . 
F 3 HOH 39  170 170 HOH HOH B . 
F 3 HOH 40  171 171 HOH HOH B . 
F 3 HOH 41  176 176 HOH HOH B . 
F 3 HOH 42  177 177 HOH HOH B . 
F 3 HOH 43  178 178 HOH HOH B . 
F 3 HOH 44  179 179 HOH HOH B . 
F 3 HOH 45  184 184 HOH HOH B . 
F 3 HOH 46  186 186 HOH HOH B . 
F 3 HOH 47  187 187 HOH HOH B . 
F 3 HOH 48  189 189 HOH HOH B . 
F 3 HOH 49  192 192 HOH HOH B . 
F 3 HOH 50  193 193 HOH HOH B . 
F 3 HOH 51  194 194 HOH HOH B . 
F 3 HOH 52  195 195 HOH HOH B . 
F 3 HOH 53  202 202 HOH HOH B . 
F 3 HOH 54  203 203 HOH HOH B . 
F 3 HOH 55  204 204 HOH HOH B . 
F 3 HOH 56  205 205 HOH HOH B . 
F 3 HOH 57  206 206 HOH HOH B . 
F 3 HOH 58  211 211 HOH HOH B . 
F 3 HOH 59  213 213 HOH HOH B . 
F 3 HOH 60  215 215 HOH HOH B . 
F 3 HOH 61  216 216 HOH HOH B . 
F 3 HOH 62  217 217 HOH HOH B . 
F 3 HOH 63  218 218 HOH HOH B . 
F 3 HOH 64  220 220 HOH HOH B . 
F 3 HOH 65  221 221 HOH HOH B . 
F 3 HOH 66  222 222 HOH HOH B . 
F 3 HOH 67  224 224 HOH HOH B . 
F 3 HOH 68  225 225 HOH HOH B . 
F 3 HOH 69  227 227 HOH HOH B . 
F 3 HOH 70  228 228 HOH HOH B . 
F 3 HOH 71  229 229 HOH HOH B . 
F 3 HOH 72  233 233 HOH HOH B . 
F 3 HOH 73  234 234 HOH HOH B . 
F 3 HOH 74  235 235 HOH HOH B . 
F 3 HOH 75  236 236 HOH HOH B . 
F 3 HOH 76  237 237 HOH HOH B . 
F 3 HOH 77  238 238 HOH HOH B . 
F 3 HOH 78  241 241 HOH HOH B . 
F 3 HOH 79  243 243 HOH HOH B . 
F 3 HOH 80  244 244 HOH HOH B . 
F 3 HOH 81  247 247 HOH HOH B . 
F 3 HOH 82  252 252 HOH HOH B . 
F 3 HOH 83  254 254 HOH HOH B . 
F 3 HOH 84  257 257 HOH HOH B . 
F 3 HOH 85  260 260 HOH HOH B . 
F 3 HOH 86  264 264 HOH HOH B . 
F 3 HOH 87  265 265 HOH HOH B . 
F 3 HOH 88  266 266 HOH HOH B . 
F 3 HOH 89  267 267 HOH HOH B . 
F 3 HOH 90  271 271 HOH HOH B . 
F 3 HOH 91  272 272 HOH HOH B . 
F 3 HOH 92  273 273 HOH HOH B . 
F 3 HOH 93  274 274 HOH HOH B . 
F 3 HOH 94  275 275 HOH HOH B . 
F 3 HOH 95  276 276 HOH HOH B . 
F 3 HOH 96  278 278 HOH HOH B . 
F 3 HOH 97  279 279 HOH HOH B . 
F 3 HOH 98  281 281 HOH HOH B . 
F 3 HOH 99  284 284 HOH HOH B . 
F 3 HOH 100 285 285 HOH HOH B . 
# 
loop_
_pdbx_struct_mod_residue.id 
_pdbx_struct_mod_residue.label_asym_id 
_pdbx_struct_mod_residue.label_comp_id 
_pdbx_struct_mod_residue.label_seq_id 
_pdbx_struct_mod_residue.auth_asym_id 
_pdbx_struct_mod_residue.auth_comp_id 
_pdbx_struct_mod_residue.auth_seq_id 
_pdbx_struct_mod_residue.PDB_ins_code 
_pdbx_struct_mod_residue.parent_comp_id 
_pdbx_struct_mod_residue.details 
1 A 5BU 11 A 5BU 11 ? U "5-BROMO-URIDINE-5'-MONOPHOSPHATE" 
2 B 5BU 11 B 5BU 34 ? U "5-BROMO-URIDINE-5'-MONOPHOSPHATE" 
# 
_struct_site_keywords.site_id   1 
_struct_site_keywords.text      'MAJOR GROOVE BINDER' 
# 
_pdbx_struct_assembly.id                   1 
_pdbx_struct_assembly.details              author_and_software_defined_assembly 
_pdbx_struct_assembly.method_details       PISA 
_pdbx_struct_assembly.oligomeric_details   dimeric 
_pdbx_struct_assembly.oligomeric_count     2 
# 
_pdbx_struct_assembly_gen.assembly_id       1 
_pdbx_struct_assembly_gen.oper_expression   1 
_pdbx_struct_assembly_gen.asym_id_list      A,B,C,D,E,F 
# 
loop_
_pdbx_struct_assembly_prop.biol_id 
_pdbx_struct_assembly_prop.type 
_pdbx_struct_assembly_prop.value 
_pdbx_struct_assembly_prop.details 
1 'ABSA (A^2)' 5460 ? 
1 MORE         -46  ? 
1 'SSA (A^2)'  7970 ? 
# 
_pdbx_struct_oper_list.id                   1 
_pdbx_struct_oper_list.type                 'identity operation' 
_pdbx_struct_oper_list.name                 1_555 
_pdbx_struct_oper_list.symmetry_operation   x,y,z 
_pdbx_struct_oper_list.matrix[1][1]         1.0000000000 
_pdbx_struct_oper_list.matrix[1][2]         0.0000000000 
_pdbx_struct_oper_list.matrix[1][3]         0.0000000000 
_pdbx_struct_oper_list.vector[1]            0.0000000000 
_pdbx_struct_oper_list.matrix[2][1]         0.0000000000 
_pdbx_struct_oper_list.matrix[2][2]         1.0000000000 
_pdbx_struct_oper_list.matrix[2][3]         0.0000000000 
_pdbx_struct_oper_list.vector[2]            0.0000000000 
_pdbx_struct_oper_list.matrix[3][1]         0.0000000000 
_pdbx_struct_oper_list.matrix[3][2]         0.0000000000 
_pdbx_struct_oper_list.matrix[3][3]         1.0000000000 
_pdbx_struct_oper_list.vector[3]            0.0000000000 
# 
loop_
_pdbx_struct_special_symmetry.id 
_pdbx_struct_special_symmetry.PDB_model_num 
_pdbx_struct_special_symmetry.auth_asym_id 
_pdbx_struct_special_symmetry.auth_comp_id 
_pdbx_struct_special_symmetry.auth_seq_id 
_pdbx_struct_special_symmetry.PDB_ins_code 
_pdbx_struct_special_symmetry.label_asym_id 
_pdbx_struct_special_symmetry.label_comp_id 
_pdbx_struct_special_symmetry.label_seq_id 
1 1 A HOH 223 ? E HOH . 
2 1 B HOH 224 ? F HOH . 
# 
loop_
_pdbx_audit_revision_history.ordinal 
_pdbx_audit_revision_history.data_content_type 
_pdbx_audit_revision_history.major_revision 
_pdbx_audit_revision_history.minor_revision 
_pdbx_audit_revision_history.revision_date 
1 'Structure model' 1 0 2011-12-07 
2 'Structure model' 1 1 2014-03-12 
3 'Structure model' 1 2 2023-11-01 
# 
_pdbx_audit_revision_details.ordinal             1 
_pdbx_audit_revision_details.revision_ordinal    1 
_pdbx_audit_revision_details.data_content_type   'Structure model' 
_pdbx_audit_revision_details.provider            repository 
_pdbx_audit_revision_details.type                'Initial release' 
_pdbx_audit_revision_details.description         ? 
_pdbx_audit_revision_details.details             ? 
# 
loop_
_pdbx_audit_revision_group.ordinal 
_pdbx_audit_revision_group.revision_ordinal 
_pdbx_audit_revision_group.data_content_type 
_pdbx_audit_revision_group.group 
1 2 'Structure model' 'Database references'    
2 3 'Structure model' 'Data collection'        
3 3 'Structure model' 'Database references'    
4 3 'Structure model' 'Derived calculations'   
5 3 'Structure model' 'Refinement description' 
# 
loop_
_pdbx_audit_revision_category.ordinal 
_pdbx_audit_revision_category.revision_ordinal 
_pdbx_audit_revision_category.data_content_type 
_pdbx_audit_revision_category.category 
1 3 'Structure model' chem_comp_atom                
2 3 'Structure model' chem_comp_bond                
3 3 'Structure model' database_2                    
4 3 'Structure model' pdbx_initial_refinement_model 
5 3 'Structure model' struct_conn                   
6 3 'Structure model' struct_site                   
# 
loop_
_pdbx_audit_revision_item.ordinal 
_pdbx_audit_revision_item.revision_ordinal 
_pdbx_audit_revision_item.data_content_type 
_pdbx_audit_revision_item.item 
1 3 'Structure model' '_database_2.pdbx_DOI'                
2 3 'Structure model' '_database_2.pdbx_database_accession' 
3 3 'Structure model' '_struct_conn.pdbx_leaving_atom_flag' 
4 3 'Structure model' '_struct_site.pdbx_auth_asym_id'      
5 3 'Structure model' '_struct_site.pdbx_auth_comp_id'      
6 3 'Structure model' '_struct_site.pdbx_auth_seq_id'       
# 
loop_
_software.name 
_software.classification 
_software.version 
_software.citation_id 
_software.pdbx_ordinal 
PHENIX 'model building' . ? 1 
CNS    refinement       . ? 2 
d*TREK 'data reduction' . ? 3 
SCALA  'data scaling'   . ? 4 
PHENIX phasing          . ? 5 
# 
_pdbx_unobs_or_zero_occ_residues.id               1 
_pdbx_unobs_or_zero_occ_residues.PDB_model_num    1 
_pdbx_unobs_or_zero_occ_residues.polymer_flag     Y 
_pdbx_unobs_or_zero_occ_residues.occupancy_flag   1 
_pdbx_unobs_or_zero_occ_residues.auth_asym_id     A 
_pdbx_unobs_or_zero_occ_residues.auth_comp_id     U 
_pdbx_unobs_or_zero_occ_residues.auth_seq_id      1 
_pdbx_unobs_or_zero_occ_residues.PDB_ins_code     ? 
_pdbx_unobs_or_zero_occ_residues.label_asym_id    A 
_pdbx_unobs_or_zero_occ_residues.label_comp_id    U 
_pdbx_unobs_or_zero_occ_residues.label_seq_id     1 
# 
loop_
_chem_comp_atom.comp_id 
_chem_comp_atom.atom_id 
_chem_comp_atom.type_symbol 
_chem_comp_atom.pdbx_aromatic_flag 
_chem_comp_atom.pdbx_stereo_config 
_chem_comp_atom.pdbx_ordinal 
5BU P      P  N N 1   
5BU OP1    O  N N 2   
5BU OP2    O  N N 3   
5BU OP3    O  N N 4   
5BU "O5'"  O  N N 5   
5BU "C5'"  C  N N 6   
5BU "C4'"  C  N R 7   
5BU "O4'"  O  N N 8   
5BU "C3'"  C  N S 9   
5BU "O3'"  O  N N 10  
5BU "C2'"  C  N R 11  
5BU "O2'"  O  N N 12  
5BU "C1'"  C  N R 13  
5BU N1     N  N N 14  
5BU C2     C  N N 15  
5BU O2     O  N N 16  
5BU N3     N  N N 17  
5BU C4     C  N N 18  
5BU O4     O  N N 19  
5BU C5     C  N N 20  
5BU C6     C  N N 21  
5BU BR     BR N N 22  
5BU HOP2   H  N N 23  
5BU HOP3   H  N N 24  
5BU "H5'"  H  N N 25  
5BU "H5''" H  N N 26  
5BU "H4'"  H  N N 27  
5BU "H3'"  H  N N 28  
5BU "HO3'" H  N N 29  
5BU "H2'"  H  N N 30  
5BU "HO2'" H  N N 31  
5BU "H1'"  H  N N 32  
5BU H3     H  N N 33  
5BU H6     H  N N 34  
A   OP3    O  N N 35  
A   P      P  N N 36  
A   OP1    O  N N 37  
A   OP2    O  N N 38  
A   "O5'"  O  N N 39  
A   "C5'"  C  N N 40  
A   "C4'"  C  N R 41  
A   "O4'"  O  N N 42  
A   "C3'"  C  N S 43  
A   "O3'"  O  N N 44  
A   "C2'"  C  N R 45  
A   "O2'"  O  N N 46  
A   "C1'"  C  N R 47  
A   N9     N  Y N 48  
A   C8     C  Y N 49  
A   N7     N  Y N 50  
A   C5     C  Y N 51  
A   C6     C  Y N 52  
A   N6     N  N N 53  
A   N1     N  Y N 54  
A   C2     C  Y N 55  
A   N3     N  Y N 56  
A   C4     C  Y N 57  
A   HOP3   H  N N 58  
A   HOP2   H  N N 59  
A   "H5'"  H  N N 60  
A   "H5''" H  N N 61  
A   "H4'"  H  N N 62  
A   "H3'"  H  N N 63  
A   "HO3'" H  N N 64  
A   "H2'"  H  N N 65  
A   "HO2'" H  N N 66  
A   "H1'"  H  N N 67  
A   H8     H  N N 68  
A   H61    H  N N 69  
A   H62    H  N N 70  
A   H2     H  N N 71  
C   OP3    O  N N 72  
C   P      P  N N 73  
C   OP1    O  N N 74  
C   OP2    O  N N 75  
C   "O5'"  O  N N 76  
C   "C5'"  C  N N 77  
C   "C4'"  C  N R 78  
C   "O4'"  O  N N 79  
C   "C3'"  C  N S 80  
C   "O3'"  O  N N 81  
C   "C2'"  C  N R 82  
C   "O2'"  O  N N 83  
C   "C1'"  C  N R 84  
C   N1     N  N N 85  
C   C2     C  N N 86  
C   O2     O  N N 87  
C   N3     N  N N 88  
C   C4     C  N N 89  
C   N4     N  N N 90  
C   C5     C  N N 91  
C   C6     C  N N 92  
C   HOP3   H  N N 93  
C   HOP2   H  N N 94  
C   "H5'"  H  N N 95  
C   "H5''" H  N N 96  
C   "H4'"  H  N N 97  
C   "H3'"  H  N N 98  
C   "HO3'" H  N N 99  
C   "H2'"  H  N N 100 
C   "HO2'" H  N N 101 
C   "H1'"  H  N N 102 
C   H41    H  N N 103 
C   H42    H  N N 104 
C   H5     H  N N 105 
C   H6     H  N N 106 
G   OP3    O  N N 107 
G   P      P  N N 108 
G   OP1    O  N N 109 
G   OP2    O  N N 110 
G   "O5'"  O  N N 111 
G   "C5'"  C  N N 112 
G   "C4'"  C  N R 113 
G   "O4'"  O  N N 114 
G   "C3'"  C  N S 115 
G   "O3'"  O  N N 116 
G   "C2'"  C  N R 117 
G   "O2'"  O  N N 118 
G   "C1'"  C  N R 119 
G   N9     N  Y N 120 
G   C8     C  Y N 121 
G   N7     N  Y N 122 
G   C5     C  Y N 123 
G   C6     C  N N 124 
G   O6     O  N N 125 
G   N1     N  N N 126 
G   C2     C  N N 127 
G   N2     N  N N 128 
G   N3     N  N N 129 
G   C4     C  Y N 130 
G   HOP3   H  N N 131 
G   HOP2   H  N N 132 
G   "H5'"  H  N N 133 
G   "H5''" H  N N 134 
G   "H4'"  H  N N 135 
G   "H3'"  H  N N 136 
G   "HO3'" H  N N 137 
G   "H2'"  H  N N 138 
G   "HO2'" H  N N 139 
G   "H1'"  H  N N 140 
G   H8     H  N N 141 
G   H1     H  N N 142 
G   H21    H  N N 143 
G   H22    H  N N 144 
GET C11    C  N S 145 
GET O11    O  N N 146 
GET C21    C  N R 147 
GET N21    N  N N 148 
GET C31    C  N R 149 
GET O31    O  N N 150 
GET C41    C  N S 151 
GET O41    O  N N 152 
GET C51    C  N R 153 
GET O51    O  N N 154 
GET C61    C  N R 155 
GET O61    O  N N 156 
GET C71    C  N N 157 
GET C12    C  N R 158 
GET N12    N  N N 159 
GET C22    C  N N 160 
GET C32    C  N S 161 
GET N32    N  N N 162 
GET C42    C  N R 163 
GET C52    C  N S 164 
GET O52    O  N N 165 
GET C62    C  N S 166 
GET O62    O  N N 167 
GET C13    C  N R 168 
GET C23    C  N R 169 
GET O23    O  N N 170 
GET C33    C  N R 171 
GET N33    N  N N 172 
GET C93    C  N N 173 
GET C43    C  N R 174 
GET O43    O  N N 175 
GET C83    C  N N 176 
GET C53    C  N N 177 
GET O53    O  N N 178 
GET H111   H  N N 179 
GET H21    H  N N 180 
GET H211   H  N N 181 
GET H212   H  N N 182 
GET H311   H  N N 183 
GET H31    H  N N 184 
GET H411   H  N N 185 
GET H41    H  N N 186 
GET H511   H  N N 187 
GET H611   H  N N 188 
GET H61    H  N N 189 
GET H711   H  N N 190 
GET H712   H  N N 191 
GET H713   H  N N 192 
GET H12    H  N N 193 
GET H121   H  N N 194 
GET H122   H  N N 195 
GET H221   H  N N 196 
GET H222   H  N N 197 
GET H32    H  N N 198 
GET H321   H  N N 199 
GET H322   H  N N 200 
GET H421   H  N N 201 
GET H521   H  N N 202 
GET H52    H  N N 203 
GET H621   H  N N 204 
GET H131   H  N N 205 
GET H231   H  N N 206 
GET H23    H  N N 207 
GET H331   H  N N 208 
GET H33    H  N N 209 
GET H931   H  N N 210 
GET H932   H  N N 211 
GET H933   H  N N 212 
GET H43    H  N N 213 
GET H831   H  N N 214 
GET H832   H  N N 215 
GET H833   H  N N 216 
GET H531   H  N N 217 
GET H532   H  N N 218 
HOH O      O  N N 219 
HOH H1     H  N N 220 
HOH H2     H  N N 221 
U   OP3    O  N N 222 
U   P      P  N N 223 
U   OP1    O  N N 224 
U   OP2    O  N N 225 
U   "O5'"  O  N N 226 
U   "C5'"  C  N N 227 
U   "C4'"  C  N R 228 
U   "O4'"  O  N N 229 
U   "C3'"  C  N S 230 
U   "O3'"  O  N N 231 
U   "C2'"  C  N R 232 
U   "O2'"  O  N N 233 
U   "C1'"  C  N R 234 
U   N1     N  N N 235 
U   C2     C  N N 236 
U   O2     O  N N 237 
U   N3     N  N N 238 
U   C4     C  N N 239 
U   O4     O  N N 240 
U   C5     C  N N 241 
U   C6     C  N N 242 
U   HOP3   H  N N 243 
U   HOP2   H  N N 244 
U   "H5'"  H  N N 245 
U   "H5''" H  N N 246 
U   "H4'"  H  N N 247 
U   "H3'"  H  N N 248 
U   "HO3'" H  N N 249 
U   "H2'"  H  N N 250 
U   "HO2'" H  N N 251 
U   "H1'"  H  N N 252 
U   H3     H  N N 253 
U   H5     H  N N 254 
U   H6     H  N N 255 
# 
loop_
_chem_comp_bond.comp_id 
_chem_comp_bond.atom_id_1 
_chem_comp_bond.atom_id_2 
_chem_comp_bond.value_order 
_chem_comp_bond.pdbx_aromatic_flag 
_chem_comp_bond.pdbx_stereo_config 
_chem_comp_bond.pdbx_ordinal 
5BU P     OP1    doub N N 1   
5BU P     OP2    sing N N 2   
5BU P     OP3    sing N N 3   
5BU P     "O5'"  sing N N 4   
5BU OP2   HOP2   sing N N 5   
5BU OP3   HOP3   sing N N 6   
5BU "O5'" "C5'"  sing N N 7   
5BU "C5'" "C4'"  sing N N 8   
5BU "C5'" "H5'"  sing N N 9   
5BU "C5'" "H5''" sing N N 10  
5BU "C4'" "O4'"  sing N N 11  
5BU "C4'" "C3'"  sing N N 12  
5BU "C4'" "H4'"  sing N N 13  
5BU "O4'" "C1'"  sing N N 14  
5BU "C3'" "O3'"  sing N N 15  
5BU "C3'" "C2'"  sing N N 16  
5BU "C3'" "H3'"  sing N N 17  
5BU "O3'" "HO3'" sing N N 18  
5BU "C2'" "O2'"  sing N N 19  
5BU "C2'" "C1'"  sing N N 20  
5BU "C2'" "H2'"  sing N N 21  
5BU "O2'" "HO2'" sing N N 22  
5BU "C1'" N1     sing N N 23  
5BU "C1'" "H1'"  sing N N 24  
5BU N1    C2     sing N N 25  
5BU N1    C6     sing N N 26  
5BU C2    O2     doub N N 27  
5BU C2    N3     sing N N 28  
5BU N3    C4     sing N N 29  
5BU N3    H3     sing N N 30  
5BU C4    O4     doub N N 31  
5BU C4    C5     sing N N 32  
5BU C5    C6     doub N N 33  
5BU C5    BR     sing N N 34  
5BU C6    H6     sing N N 35  
A   OP3   P      sing N N 36  
A   OP3   HOP3   sing N N 37  
A   P     OP1    doub N N 38  
A   P     OP2    sing N N 39  
A   P     "O5'"  sing N N 40  
A   OP2   HOP2   sing N N 41  
A   "O5'" "C5'"  sing N N 42  
A   "C5'" "C4'"  sing N N 43  
A   "C5'" "H5'"  sing N N 44  
A   "C5'" "H5''" sing N N 45  
A   "C4'" "O4'"  sing N N 46  
A   "C4'" "C3'"  sing N N 47  
A   "C4'" "H4'"  sing N N 48  
A   "O4'" "C1'"  sing N N 49  
A   "C3'" "O3'"  sing N N 50  
A   "C3'" "C2'"  sing N N 51  
A   "C3'" "H3'"  sing N N 52  
A   "O3'" "HO3'" sing N N 53  
A   "C2'" "O2'"  sing N N 54  
A   "C2'" "C1'"  sing N N 55  
A   "C2'" "H2'"  sing N N 56  
A   "O2'" "HO2'" sing N N 57  
A   "C1'" N9     sing N N 58  
A   "C1'" "H1'"  sing N N 59  
A   N9    C8     sing Y N 60  
A   N9    C4     sing Y N 61  
A   C8    N7     doub Y N 62  
A   C8    H8     sing N N 63  
A   N7    C5     sing Y N 64  
A   C5    C6     sing Y N 65  
A   C5    C4     doub Y N 66  
A   C6    N6     sing N N 67  
A   C6    N1     doub Y N 68  
A   N6    H61    sing N N 69  
A   N6    H62    sing N N 70  
A   N1    C2     sing Y N 71  
A   C2    N3     doub Y N 72  
A   C2    H2     sing N N 73  
A   N3    C4     sing Y N 74  
C   OP3   P      sing N N 75  
C   OP3   HOP3   sing N N 76  
C   P     OP1    doub N N 77  
C   P     OP2    sing N N 78  
C   P     "O5'"  sing N N 79  
C   OP2   HOP2   sing N N 80  
C   "O5'" "C5'"  sing N N 81  
C   "C5'" "C4'"  sing N N 82  
C   "C5'" "H5'"  sing N N 83  
C   "C5'" "H5''" sing N N 84  
C   "C4'" "O4'"  sing N N 85  
C   "C4'" "C3'"  sing N N 86  
C   "C4'" "H4'"  sing N N 87  
C   "O4'" "C1'"  sing N N 88  
C   "C3'" "O3'"  sing N N 89  
C   "C3'" "C2'"  sing N N 90  
C   "C3'" "H3'"  sing N N 91  
C   "O3'" "HO3'" sing N N 92  
C   "C2'" "O2'"  sing N N 93  
C   "C2'" "C1'"  sing N N 94  
C   "C2'" "H2'"  sing N N 95  
C   "O2'" "HO2'" sing N N 96  
C   "C1'" N1     sing N N 97  
C   "C1'" "H1'"  sing N N 98  
C   N1    C2     sing N N 99  
C   N1    C6     sing N N 100 
C   C2    O2     doub N N 101 
C   C2    N3     sing N N 102 
C   N3    C4     doub N N 103 
C   C4    N4     sing N N 104 
C   C4    C5     sing N N 105 
C   N4    H41    sing N N 106 
C   N4    H42    sing N N 107 
C   C5    C6     doub N N 108 
C   C5    H5     sing N N 109 
C   C6    H6     sing N N 110 
G   OP3   P      sing N N 111 
G   OP3   HOP3   sing N N 112 
G   P     OP1    doub N N 113 
G   P     OP2    sing N N 114 
G   P     "O5'"  sing N N 115 
G   OP2   HOP2   sing N N 116 
G   "O5'" "C5'"  sing N N 117 
G   "C5'" "C4'"  sing N N 118 
G   "C5'" "H5'"  sing N N 119 
G   "C5'" "H5''" sing N N 120 
G   "C4'" "O4'"  sing N N 121 
G   "C4'" "C3'"  sing N N 122 
G   "C4'" "H4'"  sing N N 123 
G   "O4'" "C1'"  sing N N 124 
G   "C3'" "O3'"  sing N N 125 
G   "C3'" "C2'"  sing N N 126 
G   "C3'" "H3'"  sing N N 127 
G   "O3'" "HO3'" sing N N 128 
G   "C2'" "O2'"  sing N N 129 
G   "C2'" "C1'"  sing N N 130 
G   "C2'" "H2'"  sing N N 131 
G   "O2'" "HO2'" sing N N 132 
G   "C1'" N9     sing N N 133 
G   "C1'" "H1'"  sing N N 134 
G   N9    C8     sing Y N 135 
G   N9    C4     sing Y N 136 
G   C8    N7     doub Y N 137 
G   C8    H8     sing N N 138 
G   N7    C5     sing Y N 139 
G   C5    C6     sing N N 140 
G   C5    C4     doub Y N 141 
G   C6    O6     doub N N 142 
G   C6    N1     sing N N 143 
G   N1    C2     sing N N 144 
G   N1    H1     sing N N 145 
G   C2    N2     sing N N 146 
G   C2    N3     doub N N 147 
G   N2    H21    sing N N 148 
G   N2    H22    sing N N 149 
G   N3    C4     sing N N 150 
GET C11   O11    sing N N 151 
GET C11   C21    sing N N 152 
GET C11   O51    sing N N 153 
GET C11   H111   sing N N 154 
GET O11   C42    sing N N 155 
GET C21   N21    sing N N 156 
GET C21   C31    sing N N 157 
GET C21   H21    sing N N 158 
GET N21   H211   sing N N 159 
GET N21   H212   sing N N 160 
GET C31   O31    sing N N 161 
GET C31   C41    sing N N 162 
GET C31   H311   sing N N 163 
GET O31   H31    sing N N 164 
GET C41   O41    sing N N 165 
GET C41   C51    sing N N 166 
GET C41   H411   sing N N 167 
GET O41   H41    sing N N 168 
GET C51   O51    sing N N 169 
GET C51   C61    sing N N 170 
GET C51   H511   sing N N 171 
GET C61   O61    sing N N 172 
GET C61   C71    sing N N 173 
GET C61   H611   sing N N 174 
GET O61   H61    sing N N 175 
GET C71   H711   sing N N 176 
GET C71   H712   sing N N 177 
GET C71   H713   sing N N 178 
GET C12   N12    sing N N 179 
GET C12   C22    sing N N 180 
GET C12   C62    sing N N 181 
GET C12   H12    sing N N 182 
GET N12   H121   sing N N 183 
GET N12   H122   sing N N 184 
GET C22   C32    sing N N 185 
GET C22   H221   sing N N 186 
GET C22   H222   sing N N 187 
GET C32   N32    sing N N 188 
GET C32   C42    sing N N 189 
GET C32   H32    sing N N 190 
GET N32   H321   sing N N 191 
GET N32   H322   sing N N 192 
GET C42   C52    sing N N 193 
GET C42   H421   sing N N 194 
GET C52   O52    sing N N 195 
GET C52   C62    sing N N 196 
GET C52   H521   sing N N 197 
GET O52   H52    sing N N 198 
GET C62   O62    sing N N 199 
GET C62   H621   sing N N 200 
GET O62   C13    sing N N 201 
GET C13   C23    sing N N 202 
GET C13   O53    sing N N 203 
GET C13   H131   sing N N 204 
GET C23   O23    sing N N 205 
GET C23   C33    sing N N 206 
GET C23   H231   sing N N 207 
GET O23   H23    sing N N 208 
GET C33   N33    sing N N 209 
GET C33   C43    sing N N 210 
GET C33   H331   sing N N 211 
GET N33   C93    sing N N 212 
GET N33   H33    sing N N 213 
GET C93   H931   sing N N 214 
GET C93   H932   sing N N 215 
GET C93   H933   sing N N 216 
GET C43   O43    sing N N 217 
GET C43   C83    sing N N 218 
GET C43   C53    sing N N 219 
GET O43   H43    sing N N 220 
GET C83   H831   sing N N 221 
GET C83   H832   sing N N 222 
GET C83   H833   sing N N 223 
GET C53   O53    sing N N 224 
GET C53   H531   sing N N 225 
GET C53   H532   sing N N 226 
HOH O     H1     sing N N 227 
HOH O     H2     sing N N 228 
U   OP3   P      sing N N 229 
U   OP3   HOP3   sing N N 230 
U   P     OP1    doub N N 231 
U   P     OP2    sing N N 232 
U   P     "O5'"  sing N N 233 
U   OP2   HOP2   sing N N 234 
U   "O5'" "C5'"  sing N N 235 
U   "C5'" "C4'"  sing N N 236 
U   "C5'" "H5'"  sing N N 237 
U   "C5'" "H5''" sing N N 238 
U   "C4'" "O4'"  sing N N 239 
U   "C4'" "C3'"  sing N N 240 
U   "C4'" "H4'"  sing N N 241 
U   "O4'" "C1'"  sing N N 242 
U   "C3'" "O3'"  sing N N 243 
U   "C3'" "C2'"  sing N N 244 
U   "C3'" "H3'"  sing N N 245 
U   "O3'" "HO3'" sing N N 246 
U   "C2'" "O2'"  sing N N 247 
U   "C2'" "C1'"  sing N N 248 
U   "C2'" "H2'"  sing N N 249 
U   "O2'" "HO2'" sing N N 250 
U   "C1'" N1     sing N N 251 
U   "C1'" "H1'"  sing N N 252 
U   N1    C2     sing N N 253 
U   N1    C6     sing N N 254 
U   C2    O2     doub N N 255 
U   C2    N3     sing N N 256 
U   N3    C4     sing N N 257 
U   N3    H3     sing N N 258 
U   C4    O4     doub N N 259 
U   C4    C5     sing N N 260 
U   C5    C6     doub N N 261 
U   C5    H5     sing N N 262 
U   C6    H6     sing N N 263 
# 
loop_
_ndb_struct_conf_na.entry_id 
_ndb_struct_conf_na.feature 
3TD1 'a-form double helix'  
3TD1 'mismatched base pair' 
3TD1 'internal loop'        
# 
loop_
_ndb_struct_na_base_pair.model_number 
_ndb_struct_na_base_pair.i_label_asym_id 
_ndb_struct_na_base_pair.i_label_comp_id 
_ndb_struct_na_base_pair.i_label_seq_id 
_ndb_struct_na_base_pair.i_symmetry 
_ndb_struct_na_base_pair.j_label_asym_id 
_ndb_struct_na_base_pair.j_label_comp_id 
_ndb_struct_na_base_pair.j_label_seq_id 
_ndb_struct_na_base_pair.j_symmetry 
_ndb_struct_na_base_pair.shear 
_ndb_struct_na_base_pair.stretch 
_ndb_struct_na_base_pair.stagger 
_ndb_struct_na_base_pair.buckle 
_ndb_struct_na_base_pair.propeller 
_ndb_struct_na_base_pair.opening 
_ndb_struct_na_base_pair.pair_number 
_ndb_struct_na_base_pair.pair_name 
_ndb_struct_na_base_pair.i_auth_asym_id 
_ndb_struct_na_base_pair.i_auth_seq_id 
_ndb_struct_na_base_pair.i_PDB_ins_code 
_ndb_struct_na_base_pair.j_auth_asym_id 
_ndb_struct_na_base_pair.j_auth_seq_id 
_ndb_struct_na_base_pair.j_PDB_ins_code 
_ndb_struct_na_base_pair.hbond_type_28 
_ndb_struct_na_base_pair.hbond_type_12 
1 A G   3  1_555 B C   23 1_555 -0.438 -0.088 0.201  2.418   -4.749  1.685   1  A_G3:C46_B    A 3  ? B 46 ? 19 1 
1 A C   4  1_555 B G   22 1_555 0.340  -0.238 0.230  2.449   -7.022  -0.489  2  A_C4:G45_B    A 4  ? B 45 ? 19 1 
1 A G   5  1_555 B C   21 1_555 -0.168 -0.281 -0.353 -3.990  -5.385  0.490   3  A_G5:C44_B    A 5  ? B 44 ? 19 1 
1 A U   6  1_555 B U   20 1_555 -2.029 -1.427 -0.490 2.547   -5.397  -11.424 4  A_U6:U43_B    A 6  ? B 43 ? ?  ? 
1 A C   7  1_555 B G   19 1_555 0.118  -0.098 0.063  -7.096  2.512   -2.317  5  A_C7:G42_B    A 7  ? B 42 ? 19 1 
1 A C   9  1_555 B G   16 1_555 0.300  -0.172 -0.071 4.236   -10.006 2.481   6  A_C9:G39_B    A 9  ? B 39 ? 19 1 
1 A G   10 1_555 B C   15 1_555 -0.510 -0.248 0.141  -1.337  -11.198 3.683   7  A_G10:C38_B   A 10 ? B 38 ? 19 1 
1 A 5BU 11 1_555 B A   14 1_555 -0.205 -0.260 0.221  -5.604  -16.806 -0.018  8  A_5BU11:A37_B A 11 ? B 37 ? 20 1 
1 A C   12 1_555 B G   13 1_555 0.136  -0.198 0.173  -3.499  -10.223 1.932   9  A_C12:G36_B   A 12 ? B 36 ? 19 1 
1 A G   13 1_555 B C   12 1_555 -0.181 -0.122 0.366  -1.623  -11.518 1.484   10 A_G13:C35_B   A 13 ? B 35 ? 19 1 
1 A A   14 1_555 B 5BU 11 1_555 0.197  -0.111 0.133  1.019   -13.735 -3.157  11 A_A14:5BU34_B A 14 ? B 34 ? 20 1 
1 A C   15 1_555 B G   10 1_555 0.350  -0.123 0.113  2.387   -9.568  1.754   12 A_C15:G33_B   A 15 ? B 33 ? 19 1 
1 A G   16 1_555 B C   9  1_555 -0.078 -0.160 -0.018 -3.672  -14.244 0.235   13 A_G16:C32_B   A 16 ? B 32 ? 19 1 
1 A G   19 1_555 B C   7  1_555 -0.317 -0.152 -0.247 -2.076  -4.395  1.477   14 A_G19:C30_B   A 19 ? B 30 ? 19 1 
1 A U   20 1_555 B U   6  1_555 2.034  -1.536 -0.351 -12.805 -10.258 -5.170  15 A_U20:U29_B   A 20 ? B 29 ? ?  ? 
1 A C   21 1_555 B G   5  1_555 0.315  -0.265 -0.454 5.296   -10.321 3.669   16 A_C21:G28_B   A 21 ? B 28 ? 19 1 
1 A G   22 1_555 B C   4  1_555 -0.244 -0.214 -0.154 -9.576  -8.447  -1.990  17 A_G22:C27_B   A 22 ? B 27 ? 19 1 
1 A C   23 1_555 B G   3  1_555 0.709  -0.325 0.122  0.359   0.800   -1.703  18 A_C23:G26_B   A 23 ? B 26 ? 19 1 
# 
loop_
_ndb_struct_na_base_pair_step.model_number 
_ndb_struct_na_base_pair_step.i_label_asym_id_1 
_ndb_struct_na_base_pair_step.i_label_comp_id_1 
_ndb_struct_na_base_pair_step.i_label_seq_id_1 
_ndb_struct_na_base_pair_step.i_symmetry_1 
_ndb_struct_na_base_pair_step.j_label_asym_id_1 
_ndb_struct_na_base_pair_step.j_label_comp_id_1 
_ndb_struct_na_base_pair_step.j_label_seq_id_1 
_ndb_struct_na_base_pair_step.j_symmetry_1 
_ndb_struct_na_base_pair_step.i_label_asym_id_2 
_ndb_struct_na_base_pair_step.i_label_comp_id_2 
_ndb_struct_na_base_pair_step.i_label_seq_id_2 
_ndb_struct_na_base_pair_step.i_symmetry_2 
_ndb_struct_na_base_pair_step.j_label_asym_id_2 
_ndb_struct_na_base_pair_step.j_label_comp_id_2 
_ndb_struct_na_base_pair_step.j_label_seq_id_2 
_ndb_struct_na_base_pair_step.j_symmetry_2 
_ndb_struct_na_base_pair_step.shift 
_ndb_struct_na_base_pair_step.slide 
_ndb_struct_na_base_pair_step.rise 
_ndb_struct_na_base_pair_step.tilt 
_ndb_struct_na_base_pair_step.roll 
_ndb_struct_na_base_pair_step.twist 
_ndb_struct_na_base_pair_step.x_displacement 
_ndb_struct_na_base_pair_step.y_displacement 
_ndb_struct_na_base_pair_step.helical_rise 
_ndb_struct_na_base_pair_step.inclination 
_ndb_struct_na_base_pair_step.tip 
_ndb_struct_na_base_pair_step.helical_twist 
_ndb_struct_na_base_pair_step.step_number 
_ndb_struct_na_base_pair_step.step_name 
_ndb_struct_na_base_pair_step.i_auth_asym_id_1 
_ndb_struct_na_base_pair_step.i_auth_seq_id_1 
_ndb_struct_na_base_pair_step.i_PDB_ins_code_1 
_ndb_struct_na_base_pair_step.j_auth_asym_id_1 
_ndb_struct_na_base_pair_step.j_auth_seq_id_1 
_ndb_struct_na_base_pair_step.j_PDB_ins_code_1 
_ndb_struct_na_base_pair_step.i_auth_asym_id_2 
_ndb_struct_na_base_pair_step.i_auth_seq_id_2 
_ndb_struct_na_base_pair_step.i_PDB_ins_code_2 
_ndb_struct_na_base_pair_step.j_auth_asym_id_2 
_ndb_struct_na_base_pair_step.j_auth_seq_id_2 
_ndb_struct_na_base_pair_step.j_PDB_ins_code_2 
1 A G   3  1_555 B C   23 1_555 A C   4  1_555 B G   22 1_555 -0.625 -1.767 3.280 -1.752 0.617  35.787 -2.961 0.763  3.276 1.004  
2.849  35.834 1  AA_G3C4:G45C46_BB     A 3  ? B 46 ? A 4  ? B 45 ? 
1 A C   4  1_555 B G   22 1_555 A G   5  1_555 B C   21 1_555 -0.019 -1.586 3.327 2.552  9.401  29.718 -4.631 0.494  2.701 17.739 
-4.816 31.240 2  AA_C4G5:C44G45_BB     A 4  ? B 45 ? A 5  ? B 44 ? 
1 A G   5  1_555 B C   21 1_555 A U   6  1_555 B U   20 1_555 -0.516 -1.921 3.076 -1.022 1.542  26.568 -4.546 0.872  2.979 3.350  
2.220  26.631 3  AA_G5U6:U43C44_BB     A 5  ? B 44 ? A 6  ? B 43 ? 
1 A U   6  1_555 B U   20 1_555 A C   7  1_555 B G   19 1_555 1.105  -2.510 3.662 -2.976 1.794  40.977 -3.787 -1.926 3.468 2.557  
4.242  41.117 4  AA_U6C7:G42U43_BB     A 6  ? B 43 ? A 7  ? B 42 ? 
1 A C   9  1_555 B G   16 1_555 A G   10 1_555 B C   15 1_555 0.075  -2.002 3.188 -2.319 11.799 27.159 -6.029 -0.564 2.138 23.706 
4.660  29.656 5  AA_C9G10:C38G39_BB    A 9  ? B 39 ? A 10 ? B 38 ? 
1 A G   10 1_555 B C   15 1_555 A 5BU 11 1_555 B A   14 1_555 -0.900 -1.628 3.318 -1.972 2.333  34.117 -3.134 1.216  3.248 3.967  
3.352  34.249 6  AA_G105BU11:A37C38_BB A 10 ? B 38 ? A 11 ? B 37 ? 
1 A 5BU 11 1_555 B A   14 1_555 A C   12 1_555 B G   13 1_555 0.252  -1.265 3.143 1.056  3.267  33.839 -2.655 -0.271 3.017 5.595  
-1.808 34.007 7  AA_5BU11C12:G36A37_BB A 11 ? B 37 ? A 12 ? B 36 ? 
1 A C   12 1_555 B G   13 1_555 A G   13 1_555 B C   12 1_555 0.337  -1.747 3.031 -0.593 10.132 28.393 -5.094 -0.749 2.279 19.871 
1.162  30.118 8  AA_C12G13:C35G36_BB   A 12 ? B 36 ? A 13 ? B 35 ? 
1 A G   13 1_555 B C   12 1_555 A A   14 1_555 B 5BU 11 1_555 -0.843 -1.439 3.206 1.290  5.638  33.270 -3.336 1.648  2.897 9.756  
-2.231 33.755 9  AA_G13A14:5BU34C35_BB A 13 ? B 35 ? A 14 ? B 34 ? 
1 A A   14 1_555 B 5BU 11 1_555 A C   15 1_555 B G   10 1_555 0.717  -1.355 3.181 1.179  5.378  33.381 -3.149 -1.053 2.956 9.283  
-2.035 33.819 10 AA_A14C15:G335BU34_BB A 14 ? B 34 ? A 15 ? B 33 ? 
1 A C   15 1_555 B G   10 1_555 A G   16 1_555 B C   9  1_555 0.415  -1.777 3.316 4.388  11.826 28.207 -5.457 0.006  2.428 22.874 
-8.488 30.847 11 AA_C15G16:C32G33_BB   A 15 ? B 33 ? A 16 ? B 32 ? 
1 A G   19 1_555 B C   7  1_555 A U   20 1_555 B U   6  1_555 -1.016 -2.359 3.725 1.467  4.637  41.635 -3.828 1.588  3.419 6.497  
-2.055 41.906 12 AA_G19U20:U29C30_BB   A 19 ? B 30 ? A 20 ? B 29 ? 
1 A U   20 1_555 B U   6  1_555 A C   21 1_555 B G   5  1_555 0.469  -1.626 2.651 2.371  0.014  24.755 -3.780 -0.507 2.682 0.034  
-5.514 24.866 13 AA_U20C21:G28U29_BB   A 20 ? B 29 ? A 21 ? B 28 ? 
1 A C   21 1_555 B G   5  1_555 A G   22 1_555 B C   4  1_555 -0.821 -1.567 3.698 -0.462 9.231  30.813 -4.592 1.396  3.122 16.901 
0.846  32.137 14 AA_C21G22:C27G28_BB   A 21 ? B 28 ? A 22 ? B 27 ? 
1 A G   22 1_555 B C   4  1_555 A C   23 1_555 B G   3  1_555 0.759  -1.129 3.148 -0.741 2.454  35.387 -2.193 -1.348 3.049 4.030  
1.218  35.477 15 AA_G22C23:G26C27_BB   A 22 ? B 27 ? A 23 ? B 26 ? 
# 
loop_
_pdbx_entity_nonpoly.entity_id 
_pdbx_entity_nonpoly.name 
_pdbx_entity_nonpoly.comp_id 
2 GENETICIN GET 
3 water     HOH 
# 
_pdbx_initial_refinement_model.id               1 
_pdbx_initial_refinement_model.entity_id_list   ? 
_pdbx_initial_refinement_model.type             'experimental model' 
_pdbx_initial_refinement_model.source_name      PDB 
_pdbx_initial_refinement_model.accession_code   1MWL 
_pdbx_initial_refinement_model.details          'PDB entry 1MWL' 
# 
